data_9IO3
#
_entry.id   9IO3
#
_entity_poly.entity_id   1
_entity_poly.type   'polypeptide(L)'
_entity_poly.pdbx_seq_one_letter_code
;FL(DLY)KL(DLE)KA(DLE)FS(DAL)PK(DAL)LK(DAR)LL(DAR)RR(DAR)R
;
_entity_poly.pdbx_strand_id   A
#
# COMPACT_ATOMS: atom_id res chain seq x y z
N PHE A 1 8.06 -7.80 10.23
CA PHE A 1 6.72 -7.65 9.69
C PHE A 1 6.71 -6.71 8.49
N LEU A 2 5.58 -6.65 7.80
CA LEU A 2 5.44 -5.78 6.62
C LEU A 2 4.31 -4.78 6.81
N DLY A 3 3.08 -5.27 6.72
CA DLY A 3 1.90 -4.41 6.88
C DLY A 3 0.62 -5.20 6.57
O DLY A 3 0.62 -6.42 6.57
CB DLY A 3 1.84 -3.86 8.30
CG DLY A 3 1.86 -4.93 9.38
CD DLY A 3 2.39 -4.39 10.69
CE DLY A 3 2.07 -5.32 11.85
NZ DLY A 3 0.67 -5.13 12.34
H DLY A 3 2.95 -6.23 6.54
HA DLY A 3 1.99 -3.60 6.19
HB2 DLY A 3 2.69 -3.20 8.45
HB3 DLY A 3 0.94 -3.29 8.41
HG2 DLY A 3 0.85 -5.30 9.53
HG3 DLY A 3 2.50 -5.74 9.05
HD2 DLY A 3 3.47 -4.28 10.62
HD3 DLY A 3 1.94 -3.43 10.89
HE2 DLY A 3 2.19 -6.34 11.52
HE3 DLY A 3 2.74 -5.12 12.66
HZ1 DLY A 3 0.38 -4.13 12.23
HZ2 DLY A 3 0.02 -5.72 11.79
N LYS A 4 -0.46 -4.47 6.32
CA LYS A 4 -1.74 -5.08 6.00
C LYS A 4 -1.88 -5.31 4.51
N LEU A 5 -1.71 -4.25 3.73
CA LEU A 5 -1.82 -4.33 2.27
C LEU A 5 -0.76 -3.46 1.60
N DLE A 6 -0.64 -2.23 2.06
CA DLE A 6 0.32 -1.29 1.50
CB DLE A 6 -0.22 -0.68 0.20
CG DLE A 6 -0.29 -1.61 -1.01
CD1 DLE A 6 0.02 -0.84 -2.28
CD2 DLE A 6 -1.66 -2.27 -1.09
C DLE A 6 1.65 -1.98 1.22
O DLE A 6 2.31 -1.71 0.22
H DLE A 6 -1.22 -1.93 2.79
HA DLE A 6 0.48 -0.50 2.21
HB2 DLE A 6 -1.22 -0.32 0.40
HB3 DLE A 6 0.41 0.16 -0.06
HG DLE A 6 0.45 -2.39 -0.89
HD11 DLE A 6 -0.17 0.20 -2.13
HD12 DLE A 6 1.06 -1.00 -2.54
HD13 DLE A 6 -0.61 -1.21 -3.09
HD21 DLE A 6 -1.55 -3.34 -1.06
HD22 DLE A 6 -2.27 -1.95 -0.26
HD23 DLE A 6 -2.14 -1.98 -2.01
N LYS A 7 2.04 -2.88 2.11
CA LYS A 7 3.29 -3.61 1.97
C LYS A 7 3.03 -5.03 1.50
N ALA A 8 1.96 -5.64 1.99
CA ALA A 8 1.60 -7.00 1.61
C ALA A 8 1.58 -7.15 0.09
N DLE A 9 0.75 -6.35 -0.57
CA DLE A 9 0.64 -6.40 -2.03
CB DLE A 9 0.47 -5.00 -2.60
CG DLE A 9 1.75 -4.28 -3.01
CD1 DLE A 9 2.48 -5.06 -4.10
CD2 DLE A 9 2.66 -4.08 -1.80
C DLE A 9 -0.55 -7.28 -2.45
O DLE A 9 -0.47 -8.01 -3.44
H DLE A 9 0.21 -5.70 -0.08
HA DLE A 9 1.54 -6.84 -2.42
HB2 DLE A 9 -0.16 -5.07 -3.47
HB3 DLE A 9 -0.03 -4.39 -1.85
HG DLE A 9 1.51 -3.30 -3.41
HD11 DLE A 9 2.90 -4.36 -4.81
HD12 DLE A 9 3.27 -5.65 -3.65
HD13 DLE A 9 1.78 -5.71 -4.60
HD21 DLE A 9 3.48 -4.77 -1.85
HD22 DLE A 9 3.04 -3.08 -1.79
HD23 DLE A 9 2.09 -4.25 -0.89
N PHE A 10 -1.63 -7.20 -1.70
CA PHE A 10 -2.83 -7.98 -1.99
C PHE A 10 -3.58 -7.41 -3.19
N SER A 11 -4.39 -8.25 -3.82
CA SER A 11 -5.17 -7.82 -4.99
C SER A 11 -5.98 -6.56 -4.66
N DAL A 12 -5.93 -5.59 -5.56
CA DAL A 12 -6.65 -4.34 -5.38
CB DAL A 12 -8.04 -4.43 -6.01
C DAL A 12 -5.88 -3.16 -5.98
O DAL A 12 -4.97 -3.33 -6.79
H DAL A 12 -5.38 -5.71 -6.37
HA DAL A 12 -6.77 -4.18 -4.32
HB1 DAL A 12 -8.71 -3.79 -5.47
HB2 DAL A 12 -7.98 -4.13 -7.04
HB3 DAL A 12 -8.38 -5.46 -5.95
N PRO A 13 -6.25 -1.95 -5.56
CA PRO A 13 -5.60 -0.72 -6.04
C PRO A 13 -4.18 -0.57 -5.51
N LYS A 14 -3.25 -1.31 -6.13
CA LYS A 14 -1.85 -1.26 -5.72
C LYS A 14 -1.26 0.13 -5.98
N DAL A 15 -1.50 0.66 -7.17
CA DAL A 15 -0.99 1.98 -7.54
CB DAL A 15 0.53 1.95 -7.62
C DAL A 15 -1.44 3.04 -6.55
O DAL A 15 -0.63 3.68 -5.88
H DAL A 15 -2.02 0.16 -7.82
HA DAL A 15 -1.38 2.23 -8.51
HB1 DAL A 15 0.94 1.47 -6.74
HB2 DAL A 15 0.84 1.41 -8.51
HB3 DAL A 15 0.91 2.97 -7.68
N LEU A 16 -2.75 3.21 -6.43
CA LEU A 16 -3.32 4.20 -5.51
C LEU A 16 -2.80 3.99 -4.09
N LYS A 17 -2.95 2.76 -3.59
CA LYS A 17 -2.49 2.43 -2.26
C LYS A 17 -1.03 2.83 -2.06
N DAR A 18 -0.20 2.48 -3.03
CA DAR A 18 1.22 2.82 -2.96
CB DAR A 18 1.85 2.20 -1.72
CG DAR A 18 3.37 2.15 -1.76
CD DAR A 18 3.97 2.19 -0.37
NE DAR A 18 5.38 2.59 -0.39
CZ DAR A 18 6.36 1.81 -0.85
NH1 DAR A 18 6.07 0.59 -1.31
NH2 DAR A 18 7.61 2.23 -0.84
C DAR A 18 1.42 4.32 -2.96
O DAR A 18 2.24 4.84 -2.20
H DAR A 18 -0.55 2.00 -3.80
HA DAR A 18 1.70 2.40 -3.84
HB2 DAR A 18 1.56 2.78 -0.86
HB3 DAR A 18 1.49 1.18 -1.61
HG2 DAR A 18 3.67 1.24 -2.25
HG3 DAR A 18 3.73 3.00 -2.33
HD2 DAR A 18 3.42 2.91 0.22
HD3 DAR A 18 3.88 1.21 0.08
HE DAR A 18 5.61 3.48 -0.05
HH11 DAR A 18 5.13 0.27 -1.32
HH12 DAR A 18 6.80 0.01 -1.65
HH21 DAR A 18 7.83 3.14 -0.49
HH22 DAR A 18 8.34 1.64 -1.18
N LEU A 19 0.68 5.02 -3.81
CA LEU A 19 0.79 6.48 -3.91
C LEU A 19 0.50 7.13 -2.55
N LEU A 20 -0.73 6.98 -2.08
CA LEU A 20 -1.12 7.56 -0.80
C LEU A 20 -0.25 7.02 0.33
N DAR A 21 0.16 5.76 0.21
CA DAR A 21 0.99 5.13 1.22
CB DAR A 21 0.24 5.02 2.55
CG DAR A 21 -1.14 4.40 2.42
CD DAR A 21 -1.65 3.89 3.75
NE DAR A 21 -1.83 4.96 4.73
CZ DAR A 21 -2.00 4.75 6.03
NH1 DAR A 21 -2.02 3.52 6.51
NH2 DAR A 21 -2.16 5.79 6.85
C DAR A 21 2.29 5.92 1.42
O DAR A 21 2.51 6.52 2.48
H DAR A 21 -0.11 5.24 -0.58
HA DAR A 21 1.24 4.14 0.88
HB2 DAR A 21 0.82 4.42 3.23
HB3 DAR A 21 0.13 6.01 2.98
HG2 DAR A 21 -1.82 5.15 2.04
HG3 DAR A 21 -1.09 3.58 1.72
HD2 DAR A 21 -2.59 3.40 3.60
HD3 DAR A 21 -0.93 3.18 4.15
HE DAR A 21 -1.81 5.89 4.40
HH11 DAR A 21 -1.91 2.74 5.89
HH12 DAR A 21 -2.16 3.37 7.49
HH21 DAR A 21 -2.14 6.72 6.49
HH22 DAR A 21 -2.29 5.63 7.83
N ARG A 22 3.15 5.90 0.41
CA ARG A 22 4.42 6.61 0.47
C ARG A 22 4.20 8.11 0.65
N ARG A 23 3.36 8.69 -0.21
CA ARG A 23 3.06 10.11 -0.14
C ARG A 23 2.64 10.52 1.27
N DAR A 24 1.47 10.03 1.70
CA DAR A 24 0.96 10.34 3.03
CB DAR A 24 0.54 11.81 3.09
CG DAR A 24 -0.79 12.03 3.79
CD DAR A 24 -1.22 13.49 3.74
NE DAR A 24 -2.04 13.76 2.56
CZ DAR A 24 -2.79 14.86 2.43
NH1 DAR A 24 -2.82 15.77 3.40
NH2 DAR A 24 -3.51 15.04 1.33
C DAR A 24 2.00 10.04 4.10
O DAR A 24 2.12 10.78 5.07
H DAR A 24 0.95 9.46 1.10
HA DAR A 24 0.09 9.73 3.19
HB2 DAR A 24 1.30 12.36 3.64
HB3 DAR A 24 0.46 12.20 2.09
HG2 DAR A 24 -1.54 11.42 3.32
HG3 DAR A 24 -0.70 11.74 4.84
HD2 DAR A 24 -1.79 13.72 4.62
HD3 DAR A 24 -0.34 14.11 3.71
HE DAR A 24 -2.04 13.11 1.83
HH11 DAR A 24 -2.27 15.63 4.23
HH12 DAR A 24 -3.38 16.59 3.30
HH21 DAR A 24 -3.48 14.37 0.60
HH22 DAR A 24 -4.07 15.87 1.24
N ARG A 25 2.75 8.96 3.90
CA ARG A 25 3.78 8.57 4.85
C ARG A 25 5.16 9.06 4.39
N PHE A 1 8.59 -4.91 6.91
CA PHE A 1 7.54 -3.99 6.51
C PHE A 1 6.27 -4.74 6.12
N LEU A 2 5.36 -4.88 7.09
CA LEU A 2 4.10 -5.58 6.85
C LEU A 2 2.92 -4.75 7.36
N DLY A 3 1.72 -5.27 7.15
CA DLY A 3 0.51 -4.58 7.58
C DLY A 3 -0.74 -5.35 7.13
O DLY A 3 -0.77 -6.58 7.14
CB DLY A 3 0.50 -4.43 9.10
CG DLY A 3 0.64 -5.75 9.85
CD DLY A 3 1.55 -5.61 11.05
CE DLY A 3 1.46 -6.83 11.96
NZ DLY A 3 0.17 -6.85 12.71
H DLY A 3 1.64 -6.13 6.68
HA DLY A 3 0.50 -3.60 7.12
HB2 DLY A 3 1.32 -3.79 9.39
HB3 DLY A 3 -0.43 -3.97 9.40
HG2 DLY A 3 -0.34 -6.06 10.18
HG3 DLY A 3 1.04 -6.50 9.17
HD2 DLY A 3 2.57 -5.52 10.70
HD3 DLY A 3 1.28 -4.74 11.61
HE2 DLY A 3 1.52 -7.73 11.36
HE3 DLY A 3 2.27 -6.80 12.66
HZ1 DLY A 3 -0.44 -6.06 12.41
HZ2 DLY A 3 -0.33 -7.75 12.53
N LYS A 4 -1.77 -4.61 6.73
CA LYS A 4 -3.02 -5.20 6.28
C LYS A 4 -3.00 -5.41 4.77
N LEU A 5 -2.68 -4.35 4.03
CA LEU A 5 -2.63 -4.41 2.58
C LEU A 5 -1.51 -3.54 2.03
N DLE A 6 -1.44 -2.31 2.52
CA DLE A 6 -0.41 -1.37 2.08
CB DLE A 6 -0.81 -0.73 0.74
CG DLE A 6 -0.74 -1.65 -0.48
CD1 DLE A 6 -0.28 -0.87 -1.70
CD2 DLE A 6 -2.09 -2.30 -0.73
C DLE A 6 0.94 -2.07 1.95
O DLE A 6 1.71 -1.78 1.03
H DLE A 6 -2.10 -2.02 3.19
HA DLE A 6 -0.34 -0.60 2.83
HB2 DLE A 6 -1.82 -0.38 0.84
HB3 DLE A 6 -0.15 0.10 0.56
HG DLE A 6 -0.02 -2.44 -0.30
HD11 DLE A 6 -0.31 0.19 -1.49
HD12 DLE A 6 0.72 -1.16 -1.96
HD13 DLE A 6 -0.95 -1.09 -2.53
HD21 DLE A 6 -1.97 -3.36 -0.89
HD22 DLE A 6 -2.73 -2.15 0.13
HD23 DLE A 6 -2.55 -1.85 -1.60
N LYS A 7 1.22 -2.98 2.86
CA LYS A 7 2.48 -3.72 2.85
C LYS A 7 2.27 -5.14 2.32
N ALA A 8 1.15 -5.75 2.70
CA ALA A 8 0.83 -7.10 2.26
C ALA A 8 0.93 -7.22 0.76
N DLE A 9 0.35 -6.26 0.05
CA DLE A 9 0.36 -6.26 -1.41
CB DLE A 9 0.32 -4.82 -1.95
CG DLE A 9 1.68 -4.18 -2.24
CD1 DLE A 9 2.42 -4.97 -3.30
CD2 DLE A 9 2.50 -4.07 -0.97
C DLE A 9 -0.81 -7.05 -1.97
O DLE A 9 -0.68 -7.75 -2.98
H DLE A 9 -0.10 -5.53 0.52
HA DLE A 9 1.28 -6.72 -1.73
HB2 DLE A 9 -0.25 -4.83 -2.86
HB3 DLE A 9 -0.19 -4.22 -1.21
HG DLE A 9 1.51 -3.18 -2.62
HD11 DLE A 9 3.13 -4.32 -3.80
HD12 DLE A 9 2.96 -5.78 -2.83
HD13 DLE A 9 1.72 -5.37 -4.01
HD21 DLE A 9 1.88 -4.29 -0.11
HD22 DLE A 9 3.32 -4.78 -1.00
HD23 DLE A 9 2.90 -3.07 -0.88
N PHE A 10 -1.96 -6.96 -1.30
CA PHE A 10 -3.16 -7.67 -1.73
C PHE A 10 -3.67 -7.13 -3.06
N SER A 11 -4.39 -7.97 -3.79
CA SER A 11 -4.93 -7.58 -5.08
C SER A 11 -5.72 -6.28 -4.97
N DAL A 12 -5.33 -5.28 -5.75
CA DAL A 12 -6.01 -3.99 -5.73
CB DAL A 12 -7.31 -4.06 -6.53
C DAL A 12 -5.11 -2.89 -6.27
O DAL A 12 -4.12 -3.15 -6.94
H DAL A 12 -4.57 -5.41 -6.35
HA DAL A 12 -6.27 -3.76 -4.70
HB1 DAL A 12 -7.35 -5.01 -7.06
HB2 DAL A 12 -8.15 -4.00 -5.86
HB3 DAL A 12 -7.34 -3.24 -7.23
N PRO A 13 -5.47 -1.63 -5.97
CA PRO A 13 -4.71 -0.46 -6.42
C PRO A 13 -3.36 -0.35 -5.72
N LYS A 14 -2.40 -1.15 -6.15
CA LYS A 14 -1.06 -1.15 -5.57
C LYS A 14 -0.37 0.20 -5.81
N DAL A 15 -0.48 0.69 -7.03
CA DAL A 15 0.14 1.97 -7.40
CB DAL A 15 1.65 1.88 -7.27
C DAL A 15 -0.40 3.10 -6.52
O DAL A 15 0.35 3.74 -5.79
H DAL A 15 -0.97 0.20 -7.72
HA DAL A 15 -0.09 2.18 -8.43
HB1 DAL A 15 2.02 1.07 -7.89
HB2 DAL A 15 2.10 2.81 -7.59
HB3 DAL A 15 1.92 1.69 -6.24
N LEU A 16 -1.70 3.33 -6.61
CA LEU A 16 -2.34 4.38 -5.83
C LEU A 16 -2.04 4.22 -4.34
N LYS A 17 -2.42 3.06 -3.79
CA LYS A 17 -2.19 2.78 -2.38
C LYS A 17 -0.73 3.02 -2.01
N DAR A 18 0.18 2.64 -2.89
CA DAR A 18 1.60 2.82 -2.66
CB DAR A 18 2.03 2.08 -1.39
CG DAR A 18 3.45 1.54 -1.44
CD DAR A 18 3.54 0.32 -2.34
NE DAR A 18 4.92 -0.17 -2.44
CZ DAR A 18 5.28 -1.16 -3.24
NH1 DAR A 18 4.38 -1.77 -4.01
NH2 DAR A 18 6.55 -1.55 -3.28
C DAR A 18 1.95 4.30 -2.54
O DAR A 18 2.64 4.71 -1.61
H DAR A 18 -0.12 2.23 -3.74
HA DAR A 18 2.14 2.40 -3.50
HB2 DAR A 18 1.95 2.76 -0.55
HB3 DAR A 18 1.35 1.25 -1.23
HG2 DAR A 18 4.10 2.31 -1.82
HG3 DAR A 18 3.76 1.26 -0.44
HD2 DAR A 18 2.93 -0.46 -1.93
HD3 DAR A 18 3.19 0.59 -3.33
HE DAR A 18 5.59 0.26 -1.89
HH11 DAR A 18 3.43 -1.49 -3.98
HH12 DAR A 18 4.66 -2.52 -4.61
HH21 DAR A 18 7.23 -1.10 -2.71
HH22 DAR A 18 6.83 -2.30 -3.88
N LEU A 19 1.47 5.09 -3.48
CA LEU A 19 1.73 6.53 -3.49
C LEU A 19 1.22 7.18 -2.21
N LEU A 20 -0.08 7.04 -1.96
CA LEU A 20 -0.70 7.62 -0.77
C LEU A 20 -0.04 7.06 0.50
N DAR A 21 0.36 5.79 0.45
CA DAR A 21 1.00 5.14 1.58
CB DAR A 21 0.05 5.12 2.79
CG DAR A 21 -1.36 4.69 2.44
CD DAR A 21 -2.13 4.25 3.67
NE DAR A 21 -2.36 5.36 4.60
CZ DAR A 21 -3.21 6.35 4.35
NH1 DAR A 21 -3.91 6.38 3.22
NH2 DAR A 21 -3.37 7.33 5.24
C DAR A 21 2.29 5.86 1.96
O DAR A 21 2.40 6.46 3.03
H DAR A 21 0.21 5.28 -0.37
HA DAR A 21 1.23 4.13 1.31
HB2 DAR A 21 0.44 4.44 3.53
HB3 DAR A 21 0.00 6.11 3.21
HG2 DAR A 21 -1.88 5.51 1.98
HG3 DAR A 21 -1.32 3.85 1.75
HD2 DAR A 21 -3.09 3.84 3.37
HD3 DAR A 21 -1.57 3.49 4.19
HE DAR A 21 -1.86 5.36 5.44
HH11 DAR A 21 -3.79 5.64 2.55
HH12 DAR A 21 -4.55 7.12 3.04
HH21 DAR A 21 -2.85 7.31 6.09
HH22 DAR A 21 -4.01 8.07 5.05
N ARG A 22 3.28 5.79 1.08
CA ARG A 22 4.57 6.43 1.32
C ARG A 22 4.40 7.93 1.53
N ARG A 23 3.74 8.59 0.59
CA ARG A 23 3.51 10.03 0.67
C ARG A 23 2.88 10.40 2.02
N DAR A 24 1.90 9.61 2.44
CA DAR A 24 1.22 9.87 3.71
CB DAR A 24 0.61 11.26 3.72
CG DAR A 24 -0.77 11.31 4.37
CD DAR A 24 -1.42 12.68 4.20
NE DAR A 24 -2.68 12.78 4.91
CZ DAR A 24 -2.79 13.01 6.21
NH1 DAR A 24 -1.70 13.18 6.95
NH2 DAR A 24 -3.98 13.08 6.78
C DAR A 24 2.19 9.72 4.88
O DAR A 24 2.18 10.53 5.80
H DAR A 24 1.61 8.86 1.89
HA DAR A 24 0.44 9.13 3.81
HB2 DAR A 24 1.26 11.93 4.25
HB3 DAR A 24 0.50 11.60 2.69
HG2 DAR A 24 -1.40 10.57 3.93
HG3 DAR A 24 -0.66 11.12 5.43
HD2 DAR A 24 -0.74 13.43 4.59
HD3 DAR A 24 -1.58 12.86 3.15
HE DAR A 24 -3.51 12.66 4.39
HH11 DAR A 24 -0.80 13.13 6.52
HH12 DAR A 24 -1.78 13.36 7.92
HH21 DAR A 24 -4.81 12.96 6.23
HH22 DAR A 24 -4.07 13.26 7.76
N ARG A 25 3.03 8.69 4.82
CA ARG A 25 4.00 8.44 5.87
C ARG A 25 5.34 9.11 5.56
N PHE A 1 8.56 -6.23 7.12
CA PHE A 1 7.62 -5.26 6.55
C PHE A 1 6.28 -5.91 6.25
N LEU A 2 5.32 -5.73 7.15
CA LEU A 2 4.00 -6.30 6.97
C LEU A 2 2.92 -5.28 7.32
N DLY A 3 1.66 -5.68 7.17
CA DLY A 3 0.53 -4.81 7.47
C DLY A 3 -0.78 -5.44 7.04
O DLY A 3 -0.93 -6.67 7.04
CB DLY A 3 0.50 -4.49 8.97
CG DLY A 3 0.29 -5.71 9.85
CD DLY A 3 1.60 -6.23 10.40
CE DLY A 3 1.97 -5.52 11.70
NZ DLY A 3 1.31 -6.14 12.87
H DLY A 3 1.48 -6.59 6.84
HA DLY A 3 0.67 -3.89 6.92
HB2 DLY A 3 1.43 -4.03 9.25
HB3 DLY A 3 -0.32 -3.79 9.16
HG2 DLY A 3 -0.37 -5.45 10.66
HG3 DLY A 3 -0.17 -6.50 9.25
HD2 DLY A 3 1.51 -7.29 10.60
HD3 DLY A 3 2.38 -6.06 9.68
HE2 DLY A 3 3.04 -5.57 11.83
HE3 DLY A 3 1.66 -4.49 11.62
HZ1 DLY A 3 1.15 -7.15 12.71
HZ2 DLY A 3 1.92 -6.04 13.72
N LYS A 4 -1.75 -4.60 6.66
CA LYS A 4 -3.05 -5.08 6.23
C LYS A 4 -3.08 -5.31 4.72
N LEU A 5 -2.63 -4.31 3.98
CA LEU A 5 -2.59 -4.40 2.52
C LEU A 5 -1.43 -3.60 1.95
N DLE A 6 -1.29 -2.36 2.40
CA DLE A 6 -0.22 -1.49 1.94
CB DLE A 6 -0.58 -0.87 0.58
CG DLE A 6 -0.56 -1.83 -0.61
CD1 DLE A 6 -0.07 -1.11 -1.86
CD2 DLE A 6 -1.96 -2.41 -0.84
C DLE A 6 1.10 -2.26 1.83
O DLE A 6 1.88 -2.04 0.90
H DLE A 6 -1.93 -2.02 3.06
HA DLE A 6 -0.09 -0.70 2.67
HB2 DLE A 6 -1.57 -0.45 0.67
HB3 DLE A 6 0.13 -0.08 0.39
HG DLE A 6 0.11 -2.65 -0.40
HD11 DLE A 6 0.97 -1.35 -2.01
HD12 DLE A 6 -0.65 -1.43 -2.71
HD13 DLE A 6 -0.18 -0.05 -1.73
HD21 DLE A 6 -1.90 -3.48 -0.81
HD22 DLE A 6 -2.62 -2.05 -0.07
HD23 DLE A 6 -2.32 -2.09 -1.80
N LYS A 7 1.33 -3.16 2.77
CA LYS A 7 2.54 -3.97 2.78
C LYS A 7 2.27 -5.39 2.29
N ALA A 8 1.09 -5.91 2.63
CA ALA A 8 0.70 -7.25 2.22
C ALA A 8 0.86 -7.43 0.72
N DLE A 9 0.18 -6.60 -0.05
CA DLE A 9 0.23 -6.67 -1.51
CB DLE A 9 0.18 -5.27 -2.11
CG DLE A 9 1.53 -4.62 -2.42
CD1 DLE A 9 2.30 -5.44 -3.45
CD2 DLE A 9 2.35 -4.44 -1.16
C DLE A 9 -0.90 -7.52 -2.06
O DLE A 9 -0.71 -8.26 -3.03
H DLE A 9 -0.39 -5.92 0.36
HA DLE A 9 1.18 -7.13 -1.77
HB2 DLE A 9 -0.39 -5.33 -3.03
HB3 DLE A 9 -0.34 -4.63 -1.41
HG DLE A 9 1.35 -3.63 -2.85
HD11 DLE A 9 2.57 -4.81 -4.28
HD12 DLE A 9 3.18 -5.85 -3.00
HD13 DLE A 9 1.67 -6.24 -3.81
HD21 DLE A 9 3.05 -5.27 -1.07
HD22 DLE A 9 2.90 -3.51 -1.21
HD23 DLE A 9 1.69 -4.44 -0.30
N PHE A 10 -2.07 -7.42 -1.44
CA PHE A 10 -3.24 -8.17 -1.88
C PHE A 10 -3.81 -7.60 -3.18
N SER A 11 -4.72 -8.35 -3.78
CA SER A 11 -5.35 -7.93 -5.03
C SER A 11 -6.14 -6.63 -4.84
N DAL A 12 -5.78 -5.61 -5.60
CA DAL A 12 -6.46 -4.32 -5.51
CB DAL A 12 -7.78 -4.37 -6.25
C DAL A 12 -5.58 -3.20 -6.07
O DAL A 12 -4.62 -3.45 -6.81
H DAL A 12 -5.05 -5.72 -6.25
HA DAL A 12 -6.65 -4.12 -4.46
HB1 DAL A 12 -7.67 -3.94 -7.23
HB2 DAL A 12 -8.11 -5.39 -6.34
HB3 DAL A 12 -8.52 -3.81 -5.69
N PRO A 13 -5.91 -1.96 -5.72
CA PRO A 13 -5.17 -0.78 -6.18
C PRO A 13 -3.79 -0.68 -5.54
N LYS A 14 -2.85 -1.47 -6.06
CA LYS A 14 -1.49 -1.49 -5.55
C LYS A 14 -0.81 -0.15 -5.81
N DAL A 15 -0.92 0.35 -7.03
CA DAL A 15 -0.32 1.62 -7.40
CB DAL A 15 1.20 1.53 -7.34
C DAL A 15 -0.80 2.75 -6.49
O DAL A 15 -0.01 3.39 -5.80
H DAL A 15 -1.43 -0.15 -7.70
HA DAL A 15 -0.60 1.85 -8.41
HB1 DAL A 15 1.63 2.52 -7.34
HB2 DAL A 15 1.50 1.00 -6.45
HB3 DAL A 15 1.56 0.98 -8.22
N LEU A 16 -2.11 2.98 -6.49
CA LEU A 16 -2.71 4.03 -5.66
C LEU A 16 -2.32 3.84 -4.20
N LYS A 17 -2.60 2.67 -3.65
CA LYS A 17 -2.29 2.35 -2.27
C LYS A 17 -0.84 2.66 -1.96
N DAR A 18 0.05 2.25 -2.86
CA DAR A 18 1.48 2.48 -2.69
CB DAR A 18 1.97 1.84 -1.39
CG DAR A 18 3.48 1.73 -1.30
CD DAR A 18 3.97 1.90 0.14
NE DAR A 18 5.26 1.25 0.35
CZ DAR A 18 6.08 1.56 1.36
NH1 DAR A 18 5.74 2.50 2.23
NH2 DAR A 18 7.23 0.94 1.49
C DAR A 18 1.80 3.98 -2.68
O DAR A 18 2.55 4.46 -1.83
H DAR A 18 -0.26 1.78 -3.66
HA DAR A 18 2.00 2.02 -3.52
HB2 DAR A 18 1.62 2.43 -0.56
HB3 DAR A 18 1.56 0.84 -1.32
HG2 DAR A 18 3.79 0.76 -1.66
HG3 DAR A 18 3.93 2.51 -1.91
HD2 DAR A 18 4.06 2.96 0.35
HD3 DAR A 18 3.24 1.47 0.80
HE DAR A 18 5.53 0.56 -0.27
HH11 DAR A 18 4.86 2.98 2.12
HH12 DAR A 18 6.35 2.74 2.98
HH21 DAR A 18 7.49 0.22 0.84
HH22 DAR A 18 7.84 1.17 2.25
N LEU A 19 1.22 4.70 -3.64
CA LEU A 19 1.44 6.14 -3.74
C LEU A 19 1.06 6.84 -2.44
N LEU A 20 -0.21 6.76 -2.08
CA LEU A 20 -0.71 7.39 -0.85
C LEU A 20 0.02 6.84 0.37
N DAR A 21 0.37 5.55 0.31
CA DAR A 21 1.07 4.90 1.41
CB DAR A 21 0.18 4.88 2.66
CG DAR A 21 -1.10 4.09 2.48
CD DAR A 21 -2.09 4.37 3.59
NE DAR A 21 -3.09 3.32 3.71
CZ DAR A 21 -2.82 2.09 4.16
NH1 DAR A 21 -1.59 1.78 4.52
NH2 DAR A 21 -3.79 1.19 4.25
C DAR A 21 2.38 5.63 1.72
O DAR A 21 2.52 6.27 2.77
H DAR A 21 0.15 5.03 -0.49
HA DAR A 21 1.29 3.90 1.11
HB2 DAR A 21 0.74 4.43 3.47
HB3 DAR A 21 -0.08 5.89 2.93
HG2 DAR A 21 -1.54 4.36 1.53
HG3 DAR A 21 -0.87 3.03 2.48
HD2 DAR A 21 -1.55 4.46 4.52
HD3 DAR A 21 -2.59 5.31 3.38
HE DAR A 21 -4.02 3.53 3.45
HH11 DAR A 21 -0.86 2.46 4.45
HH12 DAR A 21 -1.39 0.86 4.85
HH21 DAR A 21 -4.72 1.43 3.97
HH22 DAR A 21 -3.59 0.27 4.58
N ARG A 22 3.33 5.52 0.81
CA ARG A 22 4.64 6.17 0.98
C ARG A 22 4.48 7.67 1.12
N ARG A 23 3.75 8.29 0.18
CA ARG A 23 3.54 9.73 0.21
C ARG A 23 3.02 10.17 1.57
N DAR A 24 1.80 9.74 1.90
CA DAR A 24 1.19 10.10 3.19
CB DAR A 24 0.82 11.58 3.19
CG DAR A 24 -0.57 11.86 3.77
CD DAR A 24 -0.94 13.33 3.65
NE DAR A 24 -1.71 13.79 4.80
CZ DAR A 24 -2.21 15.00 4.91
NH1 DAR A 24 -2.04 15.89 3.93
NH2 DAR A 24 -2.90 15.35 5.99
C DAR A 24 2.14 9.81 4.34
O DAR A 24 2.21 10.55 5.31
H DAR A 24 1.31 9.17 1.29
HA DAR A 24 0.30 9.51 3.29
HB2 DAR A 24 1.54 12.12 3.78
HB3 DAR A 24 0.83 11.95 2.17
HG2 DAR A 24 -1.30 11.27 3.22
HG3 DAR A 24 -0.57 11.57 4.81
HD2 DAR A 24 -0.02 13.91 3.58
HD3 DAR A 24 -1.53 13.47 2.76
HE DAR A 24 -1.84 13.15 5.54
HH11 DAR A 24 -1.52 15.63 3.12
HH12 DAR A 24 -2.43 16.80 4.01
HH21 DAR A 24 -3.03 14.69 6.73
HH22 DAR A 24 -3.29 16.27 6.07
N ARG A 25 2.87 8.70 4.24
CA ARG A 25 3.81 8.30 5.27
C ARG A 25 5.25 8.61 4.86
N PHE A 1 8.83 -5.45 4.31
CA PHE A 1 8.01 -5.24 5.50
C PHE A 1 6.56 -5.67 5.23
N LEU A 2 5.81 -5.88 6.31
CA LEU A 2 4.42 -6.29 6.19
C LEU A 2 3.47 -5.22 6.76
N DLY A 3 2.17 -5.49 6.69
CA DLY A 3 1.18 -4.56 7.20
C DLY A 3 -0.23 -5.07 6.90
O DLY A 3 -0.48 -6.27 6.89
CB DLY A 3 1.35 -4.36 8.70
CG DLY A 3 1.17 -5.62 9.51
CD DLY A 3 2.46 -6.43 9.59
CE DLY A 3 2.77 -6.84 11.01
NZ DLY A 3 3.36 -5.72 11.80
H DLY A 3 1.88 -6.35 6.31
HA DLY A 3 1.32 -3.61 6.69
HB2 DLY A 3 2.35 -3.97 8.89
HB3 DLY A 3 0.63 -3.63 9.04
HG2 DLY A 3 0.87 -5.35 10.52
HG3 DLY A 3 0.40 -6.23 9.05
HD2 DLY A 3 2.35 -7.32 8.98
HD3 DLY A 3 3.27 -5.83 9.20
HE2 DLY A 3 1.86 -7.16 11.49
HE3 DLY A 3 3.48 -7.66 10.99
HZ1 DLY A 3 4.12 -6.08 12.42
HZ2 DLY A 3 3.79 -5.01 11.15
N LYS A 4 -1.15 -4.13 6.65
CA LYS A 4 -2.53 -4.48 6.36
C LYS A 4 -2.72 -4.74 4.87
N LEU A 5 -2.19 -3.85 4.04
CA LEU A 5 -2.29 -3.99 2.59
C LEU A 5 -1.13 -3.30 1.90
N DLE A 6 -0.88 -2.05 2.26
CA DLE A 6 0.20 -1.26 1.67
CB DLE A 6 -0.23 -0.71 0.31
CG DLE A 6 -0.36 -1.72 -0.82
CD1 DLE A 6 0.07 -1.11 -2.14
CD2 DLE A 6 -1.80 -2.23 -0.92
C DLE A 6 1.45 -2.12 1.51
O DLE A 6 2.17 -2.00 0.51
H DLE A 6 -1.45 -1.63 2.95
HA DLE A 6 0.42 -0.45 2.33
HB2 DLE A 6 -1.20 -0.23 0.45
HB3 DLE A 6 0.50 0.03 0.02
HG DLE A 6 0.27 -2.57 -0.62
HD11 DLE A 6 -0.54 -1.50 -2.94
HD12 DLE A 6 -0.04 -0.03 -2.09
HD13 DLE A 6 1.10 -1.36 -2.33
HD21 DLE A 6 -1.80 -3.31 -0.87
HD22 DLE A 6 -2.38 -1.84 -0.09
HD23 DLE A 6 -2.23 -1.90 -1.85
N LYS A 7 1.71 -2.99 2.48
CA LYS A 7 2.87 -3.86 2.44
C LYS A 7 2.48 -5.28 2.01
N ALA A 8 1.30 -5.72 2.45
CA ALA A 8 0.81 -7.04 2.10
C ALA A 8 0.86 -7.27 0.59
N DLE A 9 0.36 -6.32 -0.17
CA DLE A 9 0.35 -6.42 -1.63
CB DLE A 9 0.32 -5.02 -2.25
CG DLE A 9 1.68 -4.42 -2.61
CD1 DLE A 9 2.41 -5.30 -3.61
CD2 DLE A 9 2.52 -4.23 -1.35
C DLE A 9 -0.85 -7.23 -2.11
O DLE A 9 -0.73 -8.01 -3.06
H DLE A 9 -0.02 -5.52 0.26
HA DLE A 9 1.26 -6.92 -1.93
HB2 DLE A 9 -0.26 -5.08 -3.17
HB3 DLE A 9 -0.16 -4.36 -1.56
HG DLE A 9 1.53 -3.44 -3.06
HD11 DLE A 9 2.84 -6.15 -3.11
HD12 DLE A 9 1.72 -5.63 -4.37
HD13 DLE A 9 3.20 -4.73 -4.09
HD21 DLE A 9 3.00 -3.25 -1.38
HD22 DLE A 9 1.89 -4.29 -0.49
HD23 DLE A 9 3.28 -4.99 -1.32
N PHE A 10 -1.98 -7.05 -1.46
CA PHE A 10 -3.19 -7.76 -1.82
C PHE A 10 -3.74 -7.28 -3.16
N SER A 11 -4.72 -8.00 -3.69
CA SER A 11 -5.33 -7.63 -4.96
C SER A 11 -6.07 -6.30 -4.85
N DAL A 12 -5.81 -5.41 -5.80
CA DAL A 12 -6.45 -4.10 -5.81
CB DAL A 12 -7.75 -4.16 -6.61
C DAL A 12 -5.52 -3.04 -6.39
O DAL A 12 -4.53 -3.34 -7.05
H DAL A 12 -5.17 -5.64 -6.51
HA DAL A 12 -6.69 -3.84 -4.79
HB1 DAL A 12 -8.45 -3.45 -6.20
HB2 DAL A 12 -7.55 -3.90 -7.64
HB3 DAL A 12 -8.16 -5.15 -6.56
N PRO A 13 -5.84 -1.77 -6.12
CA PRO A 13 -5.04 -0.64 -6.59
C PRO A 13 -3.69 -0.54 -5.90
N LYS A 14 -2.75 -1.38 -6.32
CA LYS A 14 -1.42 -1.40 -5.74
C LYS A 14 -0.71 -0.06 -5.96
N DAL A 15 -0.73 0.43 -7.20
CA DAL A 15 -0.11 1.69 -7.54
CB DAL A 15 1.41 1.56 -7.47
C DAL A 15 -0.58 2.80 -6.62
O DAL A 15 0.20 3.38 -5.87
H DAL A 15 -1.20 -0.09 -7.90
HA DAL A 15 -0.37 1.93 -8.56
HB1 DAL A 15 1.86 2.54 -7.39
HB2 DAL A 15 1.68 0.97 -6.61
HB3 DAL A 15 1.77 1.07 -8.37
N LEU A 16 -1.87 3.11 -6.69
CA LEU A 16 -2.46 4.16 -5.86
C LEU A 16 -2.11 3.95 -4.39
N LYS A 17 -2.42 2.76 -3.88
CA LYS A 17 -2.13 2.43 -2.49
C LYS A 17 -0.67 2.73 -2.14
N DAR A 18 0.23 2.40 -3.06
CA DAR A 18 1.65 2.64 -2.86
CB DAR A 18 2.14 1.91 -1.60
CG DAR A 18 3.54 1.34 -1.73
CD DAR A 18 4.12 0.97 -0.36
NE DAR A 18 5.43 0.33 -0.48
CZ DAR A 18 6.28 0.21 0.53
NH1 DAR A 18 5.97 0.70 1.72
NH2 DAR A 18 7.45 -0.37 0.34
C DAR A 18 1.94 4.13 -2.73
O DAR A 18 2.66 4.56 -1.84
H DAR A 18 -0.08 1.99 -3.90
HA DAR A 18 2.18 2.25 -3.71
HB2 DAR A 18 2.12 2.60 -0.77
HB3 DAR A 18 1.46 1.09 -1.39
HG2 DAR A 18 3.51 0.47 -2.35
HG3 DAR A 18 4.18 2.09 -2.18
HD2 DAR A 18 4.21 1.87 0.23
HD3 DAR A 18 3.43 0.29 0.11
HE DAR A 18 5.68 -0.03 -1.36
HH11 DAR A 18 5.09 1.15 1.86
HH12 DAR A 18 6.62 0.62 2.48
HH21 DAR A 18 7.68 -0.74 -0.56
HH22 DAR A 18 8.09 -0.46 1.09
N LEU A 19 1.37 4.91 -3.64
CA LEU A 19 1.57 6.36 -3.63
C LEU A 19 1.10 6.97 -2.31
N LEU A 20 -0.18 6.79 -2.01
CA LEU A 20 -0.74 7.32 -0.76
C LEU A 20 -0.03 6.74 0.45
N DAR A 21 0.38 5.48 0.34
CA DAR A 21 1.08 4.82 1.44
CB DAR A 21 0.18 4.73 2.67
CG DAR A 21 -1.22 4.21 2.37
CD DAR A 21 -1.91 3.71 3.61
NE DAR A 21 -2.11 4.76 4.60
CZ DAR A 21 -2.96 4.67 5.63
NH1 DAR A 21 -3.69 3.58 5.79
NH2 DAR A 21 -3.08 5.68 6.48
C DAR A 21 2.37 5.55 1.79
O DAR A 21 2.47 6.15 2.86
H DAR A 21 0.21 4.99 -0.48
HA DAR A 21 1.33 3.82 1.11
HB2 DAR A 21 0.63 4.06 3.39
HB3 DAR A 21 0.08 5.71 3.11
HG2 DAR A 21 -1.81 5.01 1.94
HG3 DAR A 21 -1.15 3.40 1.66
HD2 DAR A 21 -2.87 3.30 3.34
HD3 DAR A 21 -1.31 2.92 4.06
HE DAR A 21 -1.58 5.58 4.50
HH11 DAR A 21 -3.59 2.81 5.15
HH12 DAR A 21 -4.32 3.51 6.56
HH21 DAR A 21 -2.53 6.51 6.36
HH22 DAR A 21 -3.72 5.61 7.25
N ARG A 22 3.33 5.51 0.88
CA ARG A 22 4.61 6.17 1.10
C ARG A 22 4.42 7.66 1.35
N ARG A 23 3.69 8.33 0.46
CA ARG A 23 3.43 9.75 0.58
C ARG A 23 2.88 10.08 1.96
N DAR A 24 1.74 9.49 2.30
CA DAR A 24 1.10 9.73 3.59
CB DAR A 24 0.60 11.16 3.68
CG DAR A 24 -0.81 11.28 4.26
CD DAR A 24 -1.30 12.72 4.26
NE DAR A 24 -2.52 12.89 5.04
CZ DAR A 24 -3.09 14.06 5.26
NH1 DAR A 24 -2.56 15.17 4.75
NH2 DAR A 24 -4.20 14.14 5.99
C DAR A 24 2.07 9.44 4.73
O DAR A 24 2.07 10.13 5.75
H DAR A 24 1.31 8.88 1.66
HA DAR A 24 0.27 9.04 3.67
HB2 DAR A 24 1.27 11.73 4.31
HB3 DAR A 24 0.59 11.60 2.69
HG2 DAR A 24 -1.49 10.68 3.66
HG3 DAR A 24 -0.80 10.91 5.27
HD2 DAR A 24 -0.52 13.34 4.66
HD3 DAR A 24 -1.50 13.02 3.23
HE DAR A 24 -2.92 12.08 5.42
HH11 DAR A 24 -1.73 15.12 4.20
HH12 DAR A 24 -3.00 16.05 4.92
HH21 DAR A 24 -4.60 13.30 6.37
HH22 DAR A 24 -4.63 15.02 6.15
N ARG A 25 2.91 8.43 4.55
CA ARG A 25 3.89 8.06 5.57
C ARG A 25 5.26 8.63 5.24
N PHE A 1 6.05 -8.98 9.44
CA PHE A 1 5.82 -7.67 10.04
C PHE A 1 5.84 -6.57 8.98
N LEU A 2 4.79 -6.52 8.17
CA LEU A 2 4.68 -5.52 7.12
C LEU A 2 3.44 -4.66 7.30
N DLY A 3 2.27 -5.27 7.15
CA DLY A 3 1.01 -4.57 7.30
C DLY A 3 -0.16 -5.44 6.87
O DLY A 3 -0.07 -6.67 6.87
CB DLY A 3 0.82 -4.13 8.76
CG DLY A 3 0.74 -5.29 9.74
CD DLY A 3 2.12 -5.73 10.19
CE DLY A 3 2.05 -6.47 11.52
NZ DLY A 3 1.25 -7.71 11.43
H DLY A 3 2.26 -6.23 6.92
HA DLY A 3 1.04 -3.69 6.67
HB2 DLY A 3 1.65 -3.50 9.05
HB3 DLY A 3 -0.10 -3.56 8.83
HG2 DLY A 3 0.16 -4.98 10.60
HG3 DLY A 3 0.25 -6.12 9.26
HD2 DLY A 3 2.54 -6.39 9.45
HD3 DLY A 3 2.75 -4.86 10.30
HE2 DLY A 3 3.07 -6.71 11.83
HE3 DLY A 3 1.61 -5.81 12.26
HZ1 DLY A 3 1.49 -8.36 12.22
HZ2 DLY A 3 0.24 -7.49 11.49
N LYS A 4 -1.27 -4.80 6.50
CA LYS A 4 -2.46 -5.51 6.06
C LYS A 4 -2.46 -5.69 4.54
N LEU A 5 -2.31 -4.59 3.82
CA LEU A 5 -2.30 -4.62 2.36
C LEU A 5 -1.30 -3.62 1.80
N DLE A 6 -1.34 -2.39 2.31
CA DLE A 6 -0.42 -1.35 1.87
CB DLE A 6 -0.91 -0.74 0.56
CG DLE A 6 -0.78 -1.62 -0.68
CD1 DLE A 6 -0.43 -0.78 -1.90
CD2 DLE A 6 -2.07 -2.41 -0.92
C DLE A 6 0.99 -1.89 1.70
O DLE A 6 1.70 -1.52 0.77
H DLE A 6 -2.01 -2.18 3.01
HA DLE A 6 -0.41 -0.57 2.63
HB2 DLE A 6 -1.96 -0.50 0.68
HB3 DLE A 6 -0.35 0.17 0.38
HG DLE A 6 0.02 -2.33 -0.53
HD11 DLE A 6 -0.48 0.26 -1.65
HD12 DLE A 6 0.57 -1.02 -2.23
HD13 DLE A 6 -1.13 -1.00 -2.70
HD21 DLE A 6 -1.82 -3.39 -1.30
HD22 DLE A 6 -2.61 -2.50 0.01
HD23 DLE A 6 -2.67 -1.89 -1.65
N LYS A 7 1.38 -2.79 2.59
CA LYS A 7 2.71 -3.39 2.54
C LYS A 7 2.64 -4.83 2.02
N ALA A 8 1.59 -5.54 2.42
CA ALA A 8 1.40 -6.92 1.99
C ALA A 8 1.50 -7.05 0.47
N DLE A 9 0.87 -6.12 -0.24
CA DLE A 9 0.89 -6.12 -1.69
CB DLE A 9 0.71 -4.70 -2.23
CG DLE A 9 2.00 -3.88 -2.40
CD1 DLE A 9 2.91 -4.54 -3.41
CD2 DLE A 9 2.70 -3.72 -1.06
C DLE A 9 -0.21 -7.02 -2.25
O DLE A 9 -0.03 -7.70 -3.26
H DLE A 9 0.38 -5.40 0.23
HA DLE A 9 1.84 -6.50 -2.01
HB2 DLE A 9 0.23 -4.76 -3.20
HB3 DLE A 9 0.07 -4.16 -1.55
HG DLE A 9 1.74 -2.90 -2.76
HD11 DLE A 9 2.32 -5.07 -4.14
HD12 DLE A 9 3.51 -3.78 -3.91
HD13 DLE A 9 3.57 -5.23 -2.91
HD21 DLE A 9 3.08 -2.72 -0.97
HD22 DLE A 9 2.01 -3.92 -0.26
HD23 DLE A 9 3.52 -4.42 -1.00
N PHE A 10 -1.36 -7.02 -1.58
CA PHE A 10 -2.49 -7.85 -2.01
C PHE A 10 -3.18 -7.24 -3.23
N SER A 11 -4.00 -8.04 -3.89
CA SER A 11 -4.72 -7.58 -5.08
C SER A 11 -5.55 -6.34 -4.76
N DAL A 12 -5.56 -5.39 -5.70
CA DAL A 12 -6.31 -4.16 -5.53
CB DAL A 12 -7.68 -4.27 -6.19
C DAL A 12 -5.55 -2.96 -6.09
O DAL A 12 -4.62 -3.11 -6.88
H DAL A 12 -5.05 -5.53 -6.53
HA DAL A 12 -6.47 -4.00 -4.46
HB1 DAL A 12 -8.44 -3.91 -5.51
HB2 DAL A 12 -7.69 -3.69 -7.09
HB3 DAL A 12 -7.87 -5.31 -6.43
N PRO A 13 -5.95 -1.76 -5.67
CA PRO A 13 -5.31 -0.51 -6.13
C PRO A 13 -3.91 -0.34 -5.56
N LYS A 14 -2.95 -1.06 -6.16
CA LYS A 14 -1.57 -0.99 -5.72
C LYS A 14 -0.96 0.38 -6.05
N DAL A 15 -1.23 0.86 -7.25
CA DAL A 15 -0.71 2.16 -7.68
CB DAL A 15 0.81 2.14 -7.72
C DAL A 15 -1.21 3.29 -6.78
O DAL A 15 -0.42 4.09 -6.28
H DAL A 15 -1.79 0.35 -7.86
HA DAL A 15 -1.06 2.34 -8.69
HB1 DAL A 15 1.18 3.07 -8.11
HB2 DAL A 15 1.18 1.98 -6.71
HB3 DAL A 15 1.15 1.33 -8.35
N LEU A 16 -2.52 3.33 -6.58
CA LEU A 16 -3.12 4.36 -5.73
C LEU A 16 -2.66 4.21 -4.28
N LYS A 17 -2.93 3.05 -3.70
CA LYS A 17 -2.54 2.78 -2.32
C LYS A 17 -1.06 3.07 -2.10
N DAR A 18 -0.24 2.66 -3.07
CA DAR A 18 1.20 2.89 -2.98
CB DAR A 18 1.77 2.23 -1.72
CG DAR A 18 3.23 1.81 -1.85
CD DAR A 18 3.36 0.45 -2.52
NE DAR A 18 4.74 -0.03 -2.51
CZ DAR A 18 5.67 0.37 -3.38
NH1 DAR A 18 5.36 1.25 -4.32
NH2 DAR A 18 6.89 -0.12 -3.30
C DAR A 18 1.52 4.38 -2.96
O DAR A 18 2.30 4.85 -2.14
H DAR A 18 -0.60 2.21 -3.85
HA DAR A 18 1.66 2.44 -3.85
HB2 DAR A 18 1.69 2.92 -0.90
HB3 DAR A 18 1.18 1.35 -1.50
HG2 DAR A 18 3.75 2.55 -2.45
HG3 DAR A 18 3.67 1.76 -0.88
HD2 DAR A 18 2.72 -0.25 -2.00
HD3 DAR A 18 3.02 0.54 -3.55
HE DAR A 18 4.98 -0.69 -1.83
HH11 DAR A 18 4.44 1.61 -4.38
HH12 DAR A 18 6.06 1.55 -4.97
HH21 DAR A 18 7.13 -0.78 -2.59
HH22 DAR A 18 7.59 0.18 -3.94
N LEU A 19 0.90 5.12 -3.88
CA LEU A 19 1.12 6.56 -3.99
C LEU A 19 0.78 7.25 -2.67
N LEU A 20 -0.47 7.14 -2.25
CA LEU A 20 -0.93 7.74 -1.01
C LEU A 20 -0.14 7.22 0.18
N DAR A 21 0.26 5.96 0.11
CA DAR A 21 1.03 5.33 1.18
CB DAR A 21 0.23 5.33 2.49
CG DAR A 21 -1.22 4.88 2.31
CD DAR A 21 -1.72 4.13 3.54
NE DAR A 21 -3.17 3.99 3.53
CZ DAR A 21 -4.01 4.99 3.73
NH1 DAR A 21 -3.54 6.22 3.96
NH2 DAR A 21 -5.32 4.79 3.72
C DAR A 21 2.35 6.06 1.40
O DAR A 21 2.56 6.70 2.41
H DAR A 21 0.02 5.43 -0.68
HA DAR A 21 1.23 4.31 0.89
HB2 DAR A 21 0.71 4.67 3.19
HB3 DAR A 21 0.22 6.33 2.89
HG2 DAR A 21 -1.84 5.75 2.16
HG3 DAR A 21 -1.29 4.24 1.45
HD2 DAR A 21 -1.27 3.15 3.54
HD3 DAR A 21 -1.42 4.67 4.42
HE DAR A 21 -3.54 3.09 3.37
HH11 DAR A 21 -2.55 6.38 3.97
HH12 DAR A 21 -4.17 6.97 4.11
HH21 DAR A 21 -5.68 3.87 3.55
HH22 DAR A 21 -5.95 5.54 3.87
N ARG A 22 3.24 5.95 0.41
CA ARG A 22 4.55 6.59 0.49
C ARG A 22 4.40 8.10 0.68
N ARG A 23 3.64 8.74 -0.21
CA ARG A 23 3.42 10.17 -0.13
C ARG A 23 2.94 10.58 1.25
N DAR A 24 2.06 9.77 1.83
CA DAR A 24 1.52 10.04 3.15
CB DAR A 24 0.83 11.41 3.18
CG DAR A 24 -0.37 11.47 4.10
CD DAR A 24 -0.85 12.90 4.30
NE DAR A 24 0.20 13.76 4.84
CZ DAR A 24 0.63 13.70 6.09
NH1 DAR A 24 0.10 12.82 6.94
NH2 DAR A 24 1.58 14.52 6.51
C DAR A 24 2.63 10.01 4.21
O DAR A 24 2.78 10.94 5.00
H DAR A 24 1.75 8.97 1.35
HA DAR A 24 0.80 9.29 3.39
HB2 DAR A 24 1.54 12.16 3.50
HB3 DAR A 24 0.51 11.65 2.18
HG2 DAR A 24 -1.17 10.88 3.67
HG3 DAR A 24 -0.10 11.06 5.07
HD2 DAR A 24 -1.17 13.29 3.34
HD3 DAR A 24 -1.69 12.89 4.99
HE DAR A 24 0.59 14.42 4.23
HH11 DAR A 24 -0.63 12.21 6.63
HH12 DAR A 24 0.43 12.78 7.88
HH21 DAR A 24 1.98 15.19 5.87
HH22 DAR A 24 1.91 14.47 7.45
N ARG A 25 3.40 8.93 4.20
CA ARG A 25 4.49 8.77 5.15
C ARG A 25 5.84 9.02 4.49
N PHE A 1 8.86 -4.97 5.02
CA PHE A 1 7.91 -4.77 6.10
C PHE A 1 6.56 -5.39 5.76
N LEU A 2 5.67 -5.45 6.76
CA LEU A 2 4.35 -6.02 6.56
C LEU A 2 3.26 -5.05 7.02
N DLY A 3 2.01 -5.48 6.93
CA DLY A 3 0.88 -4.65 7.33
C DLY A 3 -0.43 -5.28 6.91
O DLY A 3 -0.58 -6.51 6.93
CB DLY A 3 0.90 -4.43 8.85
CG DLY A 3 0.76 -5.71 9.65
CD DLY A 3 2.10 -6.40 9.85
CE DLY A 3 2.36 -6.73 11.30
NZ DLY A 3 3.36 -7.82 11.46
H DLY A 3 1.84 -6.38 6.58
HA DLY A 3 0.97 -3.69 6.84
HB2 DLY A 3 1.84 -3.96 9.12
HB3 DLY A 3 0.08 -3.78 9.11
HG2 DLY A 3 0.35 -5.47 10.62
HG3 DLY A 3 0.10 -6.38 9.13
HD2 DLY A 3 2.12 -7.31 9.27
HD3 DLY A 3 2.89 -5.74 9.50
HE2 DLY A 3 2.71 -5.84 11.80
HE3 DLY A 3 1.42 -7.04 11.75
HZ1 DLY A 3 3.41 -8.12 12.45
HZ2 DLY A 3 3.10 -8.63 10.87
N LYS A 4 -1.41 -4.45 6.55
CA LYS A 4 -2.71 -4.93 6.13
C LYS A 4 -2.76 -5.14 4.62
N LEU A 5 -2.39 -4.11 3.87
CA LEU A 5 -2.39 -4.17 2.41
C LEU A 5 -1.22 -3.38 1.83
N DLE A 6 -1.08 -2.14 2.28
CA DLE A 6 0.00 -1.27 1.81
CB DLE A 6 -0.38 -0.66 0.46
CG DLE A 6 -0.37 -1.61 -0.73
CD1 DLE A 6 0.12 -0.90 -1.99
CD2 DLE A 6 -1.76 -2.20 -0.96
C DLE A 6 1.30 -2.05 1.69
O DLE A 6 2.08 -1.83 0.76
H DLE A 6 -1.71 -1.79 2.94
HA DLE A 6 0.12 -0.48 2.53
HB2 DLE A 6 -1.37 -0.25 0.55
HB3 DLE A 6 0.33 0.13 0.25
HG DLE A 6 0.31 -2.43 -0.54
HD11 DLE A 6 -0.09 0.15 -1.90
HD12 DLE A 6 1.17 -1.05 -2.10
HD13 DLE A 6 -0.39 -1.30 -2.85
HD21 DLE A 6 -2.13 -1.90 -1.93
HD22 DLE A 6 -1.71 -3.28 -0.91
HD23 DLE A 6 -2.43 -1.83 -0.19
N LYS A 7 1.54 -2.95 2.63
CA LYS A 7 2.76 -3.76 2.64
C LYS A 7 2.46 -5.18 2.19
N ALA A 8 1.32 -5.71 2.61
CA ALA A 8 0.92 -7.06 2.24
C ALA A 8 1.00 -7.27 0.73
N DLE A 9 0.43 -6.33 -0.02
CA DLE A 9 0.44 -6.40 -1.48
CB DLE A 9 0.41 -5.01 -2.09
CG DLE A 9 1.76 -4.38 -2.41
CD1 DLE A 9 2.51 -5.22 -3.43
CD2 DLE A 9 2.58 -4.20 -1.15
C DLE A 9 -0.75 -7.22 -1.98
O DLE A 9 -0.63 -7.96 -2.97
H DLE A 9 0.00 -5.56 0.41
HA DLE A 9 1.35 -6.89 -1.78
HB2 DLE A 9 -0.17 -5.05 -3.00
HB3 DLE A 9 -0.10 -4.36 -1.39
HG DLE A 9 1.60 -3.40 -2.85
HD11 DLE A 9 3.28 -4.63 -3.90
HD12 DLE A 9 2.97 -6.06 -2.92
HD13 DLE A 9 1.82 -5.60 -4.16
HD21 DLE A 9 3.38 -4.92 -1.13
HD22 DLE A 9 3.00 -3.20 -1.13
HD23 DLE A 9 1.95 -4.34 -0.28
N PHE A 10 -1.88 -7.09 -1.31
CA PHE A 10 -3.08 -7.83 -1.68
C PHE A 10 -3.63 -7.32 -3.02
N SER A 11 -4.51 -8.11 -3.62
CA SER A 11 -5.11 -7.75 -4.90
C SER A 11 -5.90 -6.46 -4.78
N DAL A 12 -5.65 -5.52 -5.69
CA DAL A 12 -6.35 -4.24 -5.69
CB DAL A 12 -7.63 -4.34 -6.51
C DAL A 12 -5.45 -3.14 -6.25
O DAL A 12 -4.45 -3.39 -6.91
H DAL A 12 -4.97 -5.70 -6.38
HA DAL A 12 -6.61 -4.01 -4.67
HB1 DAL A 12 -8.44 -3.91 -5.94
HB2 DAL A 12 -7.52 -3.80 -7.43
HB3 DAL A 12 -7.85 -5.38 -6.71
N PRO A 13 -5.83 -1.88 -5.96
CA PRO A 13 -5.08 -0.71 -6.42
C PRO A 13 -3.73 -0.56 -5.71
N LYS A 14 -2.76 -1.37 -6.14
CA LYS A 14 -1.43 -1.33 -5.55
C LYS A 14 -0.76 0.02 -5.79
N DAL A 15 -0.82 0.49 -7.02
CA DAL A 15 -0.22 1.76 -7.38
CB DAL A 15 1.29 1.68 -7.31
C DAL A 15 -0.74 2.88 -6.49
O DAL A 15 0.03 3.54 -5.78
H DAL A 15 -1.28 -0.03 -7.71
HA DAL A 15 -0.50 1.99 -8.41
HB1 DAL A 15 1.73 2.50 -7.85
HB2 DAL A 15 1.60 1.73 -6.27
HB3 DAL A 15 1.62 0.74 -7.72
N LEU A 16 -2.05 3.12 -6.52
CA LEU A 16 -2.67 4.16 -5.71
C LEU A 16 -2.31 3.99 -4.24
N LYS A 17 -2.58 2.79 -3.71
CA LYS A 17 -2.28 2.49 -2.31
C LYS A 17 -0.84 2.85 -1.98
N DAR A 18 0.09 2.46 -2.85
CA DAR A 18 1.51 2.73 -2.65
CB DAR A 18 1.97 2.12 -1.33
CG DAR A 18 3.45 1.73 -1.33
CD DAR A 18 3.87 1.12 0.00
NE DAR A 18 4.25 2.16 0.97
CZ DAR A 18 5.44 2.76 0.97
NH1 DAR A 18 6.35 2.44 0.07
NH2 DAR A 18 5.71 3.68 1.88
C DAR A 18 1.77 4.24 -2.64
O DAR A 18 2.51 4.75 -1.80
H DAR A 18 -0.20 1.97 -3.65
HA DAR A 18 2.05 2.29 -3.46
HB2 DAR A 18 1.82 2.84 -0.53
HB3 DAR A 18 1.39 1.24 -1.12
HG2 DAR A 18 3.61 1.01 -2.12
HG3 DAR A 18 4.04 2.62 -1.53
HD2 DAR A 18 3.04 0.56 0.40
HD3 DAR A 18 4.71 0.47 -0.17
HE DAR A 18 3.59 2.41 1.65
HH11 DAR A 18 6.14 1.75 -0.62
HH12 DAR A 18 7.24 2.90 0.07
HH21 DAR A 18 5.02 3.92 2.57
HH22 DAR A 18 6.60 4.14 1.89
N LEU A 19 1.15 4.94 -3.59
CA LEU A 19 1.32 6.39 -3.70
C LEU A 19 0.90 7.08 -2.40
N LEU A 20 -0.37 6.96 -2.05
CA LEU A 20 -0.89 7.58 -0.84
C LEU A 20 -0.18 7.04 0.40
N DAR A 21 0.20 5.77 0.35
CA DAR A 21 0.90 5.13 1.46
CB DAR A 21 0.00 5.09 2.69
CG DAR A 21 -1.38 4.50 2.42
CD DAR A 21 -2.25 4.51 3.67
NE DAR A 21 -1.86 3.48 4.62
CZ DAR A 21 -2.58 3.15 5.68
NH1 DAR A 21 -3.73 3.76 5.92
NH2 DAR A 21 -2.16 2.20 6.51
C DAR A 21 2.19 5.88 1.78
O DAR A 21 2.30 6.51 2.84
H DAR A 21 0.01 5.24 -0.47
HA DAR A 21 1.14 4.12 1.16
HB2 DAR A 21 0.47 4.49 3.45
HB3 DAR A 21 -0.14 6.09 3.07
HG2 DAR A 21 -1.87 5.07 1.64
HG3 DAR A 21 -1.26 3.47 2.08
HD2 DAR A 21 -2.16 5.47 4.13
HD3 DAR A 21 -3.28 4.34 3.37
HE DAR A 21 -1.01 3.02 4.46
HH11 DAR A 21 -4.05 4.47 5.30
HH12 DAR A 21 -4.28 3.51 6.72
HH21 DAR A 21 -1.29 1.74 6.33
HH22 DAR A 21 -2.71 1.96 7.31
N ARG A 22 3.16 5.80 0.88
CA ARG A 22 4.44 6.48 1.07
C ARG A 22 4.25 7.98 1.22
N ARG A 23 3.53 8.58 0.28
CA ARG A 23 3.28 10.02 0.30
C ARG A 23 2.72 10.45 1.66
N DAR A 24 1.52 9.98 1.98
CA DAR A 24 0.88 10.31 3.24
CB DAR A 24 0.46 11.78 3.25
CG DAR A 24 -0.93 12.02 3.81
CD DAR A 24 -1.34 13.48 3.69
NE DAR A 24 -0.57 14.34 4.58
CZ DAR A 24 -0.80 15.65 4.72
NH1 DAR A 24 -1.78 16.22 4.03
NH2 DAR A 24 -0.06 16.36 5.55
C DAR A 24 1.82 10.03 4.42
O DAR A 24 1.84 10.78 5.39
H DAR A 24 1.05 9.39 1.35
HA DAR A 24 -0.01 9.69 3.34
HB2 DAR A 24 1.17 12.34 3.85
HB3 DAR A 24 0.48 12.16 2.24
HG2 DAR A 24 -1.64 11.40 3.28
HG3 DAR A 24 -0.94 11.74 4.86
HD2 DAR A 24 -1.19 13.80 2.67
HD3 DAR A 24 -2.39 13.56 3.94
HE DAR A 24 0.15 13.93 5.10
HH11 DAR A 24 -2.33 15.68 3.40
HH12 DAR A 24 -1.95 17.20 4.14
HH21 DAR A 24 0.67 15.93 6.07
HH22 DAR A 24 -0.23 17.34 5.65
N ARG A 25 2.57 8.95 4.31
CA ARG A 25 3.51 8.57 5.37
C ARG A 25 4.73 9.47 5.36
N PHE A 1 8.45 -5.50 6.67
CA PHE A 1 7.66 -4.48 6.00
C PHE A 1 6.22 -4.94 5.80
N LEU A 2 5.41 -4.81 6.84
CA LEU A 2 4.02 -5.21 6.80
C LEU A 2 3.11 -4.12 7.37
N DLY A 3 1.81 -4.38 7.37
CA DLY A 3 0.84 -3.43 7.89
C DLY A 3 -0.58 -3.94 7.70
O DLY A 3 -0.91 -5.07 8.07
CB DLY A 3 1.10 -3.16 9.38
CG DLY A 3 1.09 -4.42 10.23
CD DLY A 3 2.13 -4.35 11.33
CE DLY A 3 1.82 -3.24 12.32
NZ DLY A 3 2.73 -3.28 13.50
H DLY A 3 1.49 -5.23 7.01
HA DLY A 3 0.95 -2.50 7.34
HB2 DLY A 3 2.06 -2.68 9.48
HB3 DLY A 3 0.34 -2.50 9.75
HG2 DLY A 3 0.12 -4.54 10.67
HG3 DLY A 3 1.31 -5.27 9.60
HD2 DLY A 3 2.16 -5.29 11.86
HD3 DLY A 3 3.10 -4.16 10.90
HE2 DLY A 3 1.94 -2.29 11.82
HE3 DLY A 3 0.80 -3.35 12.66
HZ1 DLY A 3 2.74 -2.35 13.97
HZ2 DLY A 3 2.40 -4.00 14.18
N LYS A 4 -1.44 -3.09 7.11
CA LYS A 4 -2.83 -3.46 6.88
C LYS A 4 -3.01 -3.95 5.44
N LEU A 5 -2.64 -3.11 4.48
CA LEU A 5 -2.77 -3.46 3.07
C LEU A 5 -1.60 -2.90 2.26
N DLE A 6 -1.36 -1.61 2.40
CA DLE A 6 -0.27 -0.95 1.68
CB DLE A 6 -0.68 -0.64 0.25
CG DLE A 6 -0.80 -1.85 -0.69
CD1 DLE A 6 -0.35 -1.48 -2.10
CD2 DLE A 6 -2.23 -2.37 -0.71
C DLE A 6 0.99 -1.82 1.68
O DLE A 6 1.72 -1.88 0.70
H DLE A 6 -1.93 -1.08 2.99
HA DLE A 6 -0.05 -0.03 2.19
HB2 DLE A 6 -1.64 -0.15 0.28
HB3 DLE A 6 0.05 0.02 -0.18
HG DLE A 6 -0.17 -2.64 -0.33
HD11 DLE A 6 -0.28 -0.41 -2.17
HD12 DLE A 6 0.61 -1.92 -2.29
HD13 DLE A 6 -1.06 -1.86 -2.82
HD21 DLE A 6 -2.23 -3.44 -0.78
HD22 DLE A 6 -2.74 -2.07 0.20
HD23 DLE A 6 -2.76 -1.95 -1.56
N LYS A 7 1.23 -2.50 2.81
CA LYS A 7 2.39 -3.36 2.94
C LYS A 7 2.01 -4.83 2.76
N ALA A 8 0.82 -5.19 3.23
CA ALA A 8 0.33 -6.55 3.12
C ALA A 8 0.41 -7.04 1.68
N DLE A 9 0.03 -6.19 0.74
CA DLE A 9 0.06 -6.53 -0.68
CB DLE A 9 -0.09 -5.27 -1.53
CG DLE A 9 1.21 -4.69 -2.10
CD1 DLE A 9 1.93 -5.72 -2.96
CD2 DLE A 9 2.12 -4.22 -0.97
C DLE A 9 -1.04 -7.53 -1.02
O DLE A 9 -0.79 -8.56 -1.64
H DLE A 9 -0.27 -5.30 1.00
HA DLE A 9 1.02 -6.99 -0.89
HB2 DLE A 9 -0.73 -5.52 -2.36
HB3 DLE A 9 -0.55 -4.51 -0.93
HG DLE A 9 0.97 -3.84 -2.72
HD11 DLE A 9 2.62 -6.28 -2.35
HD12 DLE A 9 1.20 -6.40 -3.39
HD13 DLE A 9 2.46 -5.22 -3.75
HD21 DLE A 9 3.04 -4.80 -0.97
HD22 DLE A 9 2.37 -3.17 -1.13
HD23 DLE A 9 1.62 -4.33 -0.03
N PHE A 10 -2.26 -7.20 -0.60
CA PHE A 10 -3.41 -8.07 -0.85
C PHE A 10 -3.73 -8.11 -2.35
N SER A 11 -4.30 -7.03 -2.86
CA SER A 11 -4.67 -6.93 -4.26
C SER A 11 -5.23 -5.55 -4.59
N DAL A 12 -5.41 -5.27 -5.88
CA DAL A 12 -5.93 -4.00 -6.32
CB DAL A 12 -7.06 -4.21 -7.32
C DAL A 12 -4.83 -3.13 -6.93
O DAL A 12 -3.77 -3.61 -7.29
H DAL A 12 -5.17 -5.96 -6.54
HA DAL A 12 -6.35 -3.49 -5.46
HB1 DAL A 12 -7.38 -5.24 -7.29
HB2 DAL A 12 -7.89 -3.56 -7.09
HB3 DAL A 12 -6.70 -3.98 -8.32
N PRO A 13 -5.11 -1.82 -7.04
CA PRO A 13 -4.16 -0.86 -7.60
C PRO A 13 -2.95 -0.64 -6.69
N LYS A 14 -1.95 -1.50 -6.81
CA LYS A 14 -0.74 -1.39 -6.00
C LYS A 14 -0.11 -0.02 -6.14
N DAL A 15 -0.18 0.55 -7.34
CA DAL A 15 0.37 1.87 -7.60
CB DAL A 15 1.89 1.85 -7.39
C DAL A 15 -0.26 2.92 -6.70
O DAL A 15 0.40 3.58 -5.92
H DAL A 15 -0.62 0.07 -8.07
HA DAL A 15 0.19 2.11 -8.63
HB1 DAL A 15 2.10 1.97 -6.33
HB2 DAL A 15 2.28 0.91 -7.74
HB3 DAL A 15 2.33 2.67 -7.94
N LEU A 16 -1.58 3.08 -6.85
CA LEU A 16 -2.32 4.06 -6.05
C LEU A 16 -2.12 3.82 -4.56
N LYS A 17 -2.44 2.61 -4.11
CA LYS A 17 -2.28 2.25 -2.70
C LYS A 17 -0.88 2.57 -2.21
N DAR A 18 0.12 2.25 -3.04
CA DAR A 18 1.51 2.50 -2.69
CB DAR A 18 1.90 1.67 -1.45
CG DAR A 18 2.32 0.26 -1.79
CD DAR A 18 3.82 0.07 -1.68
NE DAR A 18 4.32 -0.96 -2.60
CZ DAR A 18 5.59 -1.34 -2.65
NH1 DAR A 18 6.49 -0.78 -1.86
NH2 DAR A 18 5.96 -2.29 -3.51
C DAR A 18 1.74 3.98 -2.42
O DAR A 18 2.19 4.37 -1.34
H DAR A 18 -0.09 1.84 -3.90
HA DAR A 18 2.12 2.20 -3.53
HB2 DAR A 18 2.73 2.17 -0.97
HB3 DAR A 18 1.06 1.64 -0.77
HG2 DAR A 18 1.83 -0.42 -1.09
HG3 DAR A 18 2.00 0.02 -2.79
HD2 DAR A 18 4.31 1.01 -1.92
HD3 DAR A 18 4.07 -0.21 -0.67
HE DAR A 18 3.67 -1.39 -3.19
HH11 DAR A 18 6.22 -0.06 -1.22
HH12 DAR A 18 7.45 -1.07 -1.91
HH21 DAR A 18 5.28 -2.71 -4.11
HH22 DAR A 18 6.92 -2.57 -3.56
N LEU A 19 1.44 4.81 -3.41
CA LEU A 19 1.62 6.26 -3.28
C LEU A 19 0.94 6.78 -2.01
N LEU A 20 -0.37 6.54 -1.90
CA LEU A 20 -1.13 6.98 -0.73
C LEU A 20 -0.52 6.43 0.55
N DAR A 21 0.01 5.21 0.48
CA DAR A 21 0.62 4.57 1.64
CB DAR A 21 -0.40 4.41 2.76
CG DAR A 21 -1.72 3.82 2.29
CD DAR A 21 -2.86 4.84 2.41
NE DAR A 21 -3.90 4.60 1.41
CZ DAR A 21 -5.12 5.13 1.49
NH1 DAR A 21 -5.45 5.90 2.51
NH2 DAR A 21 -6.02 4.86 0.55
C DAR A 21 1.81 5.38 2.14
O DAR A 21 1.78 5.94 3.23
H DAR A 21 -0.01 4.73 -0.37
HA DAR A 21 0.97 3.60 1.33
HB2 DAR A 21 0.01 3.76 3.52
HB3 DAR A 21 -0.60 5.38 3.20
HG2 DAR A 21 -1.63 3.52 1.27
HG3 DAR A 21 -1.96 2.97 2.91
HD2 DAR A 21 -3.29 4.77 3.39
HD3 DAR A 21 -2.45 5.83 2.26
HE DAR A 21 -3.68 4.03 0.65
HH11 DAR A 21 -4.77 6.11 3.22
HH12 DAR A 21 -6.36 6.29 2.57
HH21 DAR A 21 -5.78 4.28 -0.23
HH22 DAR A 21 -6.93 5.26 0.61
N ARG A 22 2.87 5.44 1.32
CA ARG A 22 4.07 6.19 1.68
C ARG A 22 3.75 7.65 1.94
N ARG A 23 3.07 8.29 1.00
CA ARG A 23 2.70 9.68 1.12
C ARG A 23 1.95 9.93 2.42
N DAR A 24 1.02 9.04 2.75
CA DAR A 24 0.22 9.15 3.97
CB DAR A 24 -0.55 10.48 3.97
CG DAR A 24 -1.94 10.36 4.55
CD DAR A 24 -2.61 11.72 4.66
NE DAR A 24 -1.78 12.68 5.36
CZ DAR A 24 -1.62 12.70 6.69
NH1 DAR A 24 -2.24 11.80 7.44
NH2 DAR A 24 -0.83 13.61 7.25
C DAR A 24 1.12 9.07 5.20
O DAR A 24 0.96 9.85 6.14
H DAR A 24 0.86 8.27 2.15
HA DAR A 24 -0.48 8.34 3.99
HB2 DAR A 24 0.01 11.19 4.56
HB3 DAR A 24 -0.62 10.84 2.96
HG2 DAR A 24 -2.53 9.73 3.90
HG3 DAR A 24 -1.88 9.92 5.54
HD2 DAR A 24 -2.82 12.10 3.67
HD3 DAR A 24 -3.54 11.61 5.20
HE DAR A 24 -1.30 13.36 4.83
HH11 DAR A 24 -2.83 11.11 7.01
HH12 DAR A 24 -2.11 11.80 8.43
HH21 DAR A 24 -0.37 14.28 6.69
HH22 DAR A 24 -0.72 13.62 8.25
N ARG A 25 2.04 8.12 5.19
CA ARG A 25 2.96 7.92 6.31
C ARG A 25 4.01 9.02 6.34
N PHE A 1 3.02 -10.63 12.72
CA PHE A 1 3.49 -9.24 12.74
C PHE A 1 3.69 -8.73 11.31
N LEU A 2 2.68 -8.92 10.47
CA LEU A 2 2.74 -8.48 9.08
C LEU A 2 1.68 -7.42 8.79
N DLY A 3 1.95 -6.57 7.81
CA DLY A 3 1.01 -5.51 7.44
C DLY A 3 -0.31 -6.10 6.97
O DLY A 3 -0.57 -7.29 7.15
CB DLY A 3 0.78 -4.57 8.62
CG DLY A 3 2.05 -3.98 9.19
CD DLY A 3 2.40 -4.60 10.53
CE DLY A 3 1.40 -4.20 11.61
NZ DLY A 3 1.86 -3.01 12.38
H DLY A 3 2.79 -6.65 7.33
HA DLY A 3 1.45 -4.95 6.63
HB2 DLY A 3 0.14 -3.76 8.29
HB3 DLY A 3 0.28 -5.12 9.40
HG2 DLY A 3 2.87 -4.16 8.50
HG3 DLY A 3 1.92 -2.92 9.32
HD2 DLY A 3 2.40 -5.68 10.44
HD3 DLY A 3 3.39 -4.27 10.84
HE2 DLY A 3 0.45 -3.97 11.14
HE3 DLY A 3 1.27 -5.03 12.29
HZ1 DLY A 3 1.85 -3.22 13.40
HZ2 DLY A 3 2.83 -2.75 12.10
N LYS A 4 -1.15 -5.26 6.37
CA LYS A 4 -2.44 -5.69 5.87
C LYS A 4 -2.49 -5.66 4.35
N LEU A 5 -2.09 -4.52 3.77
CA LEU A 5 -2.08 -4.37 2.32
C LEU A 5 -0.96 -3.42 1.89
N DLE A 6 -0.94 -2.23 2.50
CA DLE A 6 0.08 -1.23 2.17
CB DLE A 6 -0.30 -0.49 0.89
CG DLE A 6 -0.17 -1.29 -0.41
CD1 DLE A 6 0.31 -0.39 -1.54
CD2 DLE A 6 -1.50 -1.94 -0.77
C DLE A 6 1.45 -1.88 2.01
O DLE A 6 2.24 -1.50 1.15
H DLE A 6 -1.61 -2.02 3.17
HA DLE A 6 0.12 -0.53 2.99
HB2 DLE A 6 -1.33 -0.16 0.99
HB3 DLE A 6 0.35 0.38 0.81
HG DLE A 6 0.56 -2.07 -0.28
HD11 DLE A 6 0.06 0.64 -1.31
HD12 DLE A 6 1.37 -0.50 -1.66
HD13 DLE A 6 -0.19 -0.67 -2.45
HD21 DLE A 6 -2.03 -1.32 -1.47
HD22 DLE A 6 -1.32 -2.91 -1.20
HD23 DLE A 6 -2.10 -2.05 0.13
N LYS A 7 1.73 -2.88 2.85
CA LYS A 7 3.01 -3.58 2.80
C LYS A 7 2.86 -4.93 2.09
N ALA A 8 1.72 -5.57 2.29
CA ALA A 8 1.45 -6.86 1.67
C ALA A 8 1.69 -6.82 0.17
N DLE A 9 1.38 -5.67 -0.44
CA DLE A 9 1.56 -5.50 -1.88
CB DLE A 9 1.23 -4.05 -2.28
CG DLE A 9 2.43 -3.12 -2.44
CD1 DLE A 9 3.25 -3.53 -3.66
CD2 DLE A 9 3.29 -3.11 -1.19
C DLE A 9 0.68 -6.47 -2.67
O DLE A 9 1.14 -7.10 -3.62
H DLE A 9 1.00 -4.94 0.09
HA DLE A 9 2.60 -5.70 -2.10
HB2 DLE A 9 0.70 -4.09 -3.22
HB3 DLE A 9 0.59 -3.64 -1.51
HG DLE A 9 2.07 -2.11 -2.62
HD11 DLE A 9 3.29 -2.70 -4.35
HD12 DLE A 9 4.26 -3.77 -3.33
HD13 DLE A 9 2.81 -4.39 -4.12
HD21 DLE A 9 3.98 -3.93 -1.22
HD22 DLE A 9 3.83 -2.18 -1.13
HD23 DLE A 9 2.65 -3.22 -0.32
N PHE A 10 -0.57 -6.59 -2.26
CA PHE A 10 -1.51 -7.48 -2.93
C PHE A 10 -2.91 -7.32 -2.34
N SER A 11 -3.54 -6.19 -2.63
CA SER A 11 -4.89 -5.92 -2.13
C SER A 11 -5.38 -4.57 -2.64
N DAL A 12 -6.45 -4.59 -3.43
CA DAL A 12 -7.03 -3.38 -3.97
CB DAL A 12 -8.38 -3.67 -4.62
C DAL A 12 -6.09 -2.73 -4.99
O DAL A 12 -5.17 -3.36 -5.50
H DAL A 12 -6.87 -5.46 -3.64
HA DAL A 12 -7.20 -2.69 -3.16
HB1 DAL A 12 -8.45 -3.16 -5.57
HB2 DAL A 12 -8.48 -4.74 -4.77
HB3 DAL A 12 -9.17 -3.32 -3.97
N PRO A 13 -6.34 -1.45 -5.29
CA PRO A 13 -5.52 -0.69 -6.25
C PRO A 13 -4.12 -0.41 -5.71
N LYS A 14 -3.18 -1.32 -5.98
CA LYS A 14 -1.81 -1.17 -5.53
C LYS A 14 -1.25 0.20 -5.94
N DAL A 15 -1.60 0.64 -7.14
CA DAL A 15 -1.14 1.92 -7.64
CB DAL A 15 0.37 1.92 -7.79
C DAL A 15 -1.57 3.07 -6.73
O DAL A 15 -0.75 3.86 -6.27
H DAL A 15 -2.19 0.09 -7.70
HA DAL A 15 -1.57 2.08 -8.62
HB1 DAL A 15 0.81 1.37 -6.97
HB2 DAL A 15 0.65 1.44 -8.72
HB3 DAL A 15 0.74 2.93 -7.79
N LEU A 16 -2.88 3.14 -6.46
CA LEU A 16 -3.42 4.18 -5.59
C LEU A 16 -2.78 4.13 -4.21
N LYS A 17 -2.86 2.96 -3.57
CA LYS A 17 -2.30 2.78 -2.24
C LYS A 17 -0.84 3.23 -2.20
N DAR A 18 -0.10 2.91 -3.27
CA DAR A 18 1.31 3.29 -3.36
CB DAR A 18 2.10 2.69 -2.19
CG DAR A 18 3.60 2.75 -2.38
CD DAR A 18 4.33 2.37 -1.11
NE DAR A 18 4.48 3.50 -0.20
CZ DAR A 18 5.38 3.55 0.78
NH1 DAR A 18 6.21 2.54 0.98
NH2 DAR A 18 5.45 4.63 1.56
C DAR A 18 1.47 4.80 -3.37
O DAR A 18 2.24 5.37 -2.59
H DAR A 18 -0.51 2.43 -4.01
HA DAR A 18 1.70 2.89 -4.29
HB2 DAR A 18 1.84 3.23 -1.29
HB3 DAR A 18 1.81 1.66 -2.07
HG2 DAR A 18 3.88 2.07 -3.17
HG3 DAR A 18 3.88 3.75 -2.66
HD2 DAR A 18 3.78 1.59 -0.61
HD3 DAR A 18 5.32 2.00 -1.37
HE DAR A 18 3.87 4.26 -0.32
HH11 DAR A 18 6.16 1.74 0.38
HH12 DAR A 18 6.88 2.58 1.71
HH21 DAR A 18 4.82 5.39 1.43
HH22 DAR A 18 6.12 4.66 2.30
N LEU A 19 0.73 5.47 -4.27
CA LEU A 19 0.80 6.92 -4.38
C LEU A 19 0.51 7.59 -3.03
N LEU A 20 -0.66 7.30 -2.47
CA LEU A 20 -1.06 7.86 -1.18
C LEU A 20 -0.08 7.46 -0.10
N DAR A 21 0.45 6.24 -0.19
CA DAR A 21 1.40 5.73 0.78
CB DAR A 21 0.74 5.64 2.16
CG DAR A 21 -0.64 5.02 2.14
CD DAR A 21 -1.24 4.94 3.53
NE DAR A 21 -0.84 3.73 4.23
CZ DAR A 21 -1.13 3.49 5.50
NH1 DAR A 21 -1.80 4.38 6.22
NH2 DAR A 21 -0.73 2.35 6.07
C DAR A 21 2.63 6.63 0.85
O DAR A 21 2.87 7.30 1.86
H DAR A 21 0.20 5.68 -0.95
HA DAR A 21 1.70 4.74 0.47
HB2 DAR A 21 1.37 5.04 2.81
HB3 DAR A 21 0.67 6.64 2.57
HG2 DAR A 21 -1.29 5.63 1.51
HG3 DAR A 21 -0.58 4.03 1.73
HD2 DAR A 21 -0.92 5.80 4.10
HD3 DAR A 21 -2.33 4.97 3.44
HE DAR A 21 -0.35 3.05 3.72
HH11 DAR A 21 -2.10 5.24 5.80
HH12 DAR A 21 -2.01 4.19 7.18
HH21 DAR A 21 -0.23 1.68 5.54
HH22 DAR A 21 -0.95 2.17 7.03
N ARG A 22 3.43 6.62 -0.22
CA ARG A 22 4.64 7.43 -0.28
C ARG A 22 4.32 8.90 -0.07
N ARG A 23 3.37 9.41 -0.86
CA ARG A 23 2.97 10.81 -0.77
C ARG A 23 2.63 11.19 0.66
N DAR A 24 1.64 10.51 1.23
CA DAR A 24 1.23 10.78 2.61
CB DAR A 24 0.57 12.15 2.70
CG DAR A 24 -0.70 12.17 3.53
CD DAR A 24 -1.35 13.54 3.54
NE DAR A 24 -2.52 13.60 2.67
CZ DAR A 24 -3.41 14.58 2.70
NH1 DAR A 24 -3.27 15.58 3.55
NH2 DAR A 24 -4.45 14.56 1.87
C DAR A 24 2.41 10.69 3.57
O DAR A 24 2.50 11.48 4.51
H DAR A 24 1.19 9.81 0.71
HA DAR A 24 0.50 10.02 2.88
HB2 DAR A 24 1.28 12.84 3.14
HB3 DAR A 24 0.32 12.49 1.71
HG2 DAR A 24 -1.40 11.45 3.13
HG3 DAR A 24 -0.45 11.89 4.55
HD2 DAR A 24 -1.65 13.78 4.55
HD3 DAR A 24 -0.63 14.27 3.20
HE DAR A 24 -2.65 12.87 2.03
HH11 DAR A 24 -2.49 15.60 4.17
HH12 DAR A 24 -3.94 16.32 3.57
HH21 DAR A 24 -4.56 13.80 1.23
HH22 DAR A 24 -5.12 15.30 1.90
N ARG A 25 3.31 9.75 3.31
CA ARG A 25 4.49 9.57 4.15
C ARG A 25 5.63 10.45 3.67
N PHE A 1 5.69 -8.80 9.58
CA PHE A 1 5.80 -7.46 10.14
C PHE A 1 6.08 -6.43 9.04
N LEU A 2 5.03 -5.99 8.37
CA LEU A 2 5.17 -5.02 7.29
C LEU A 2 4.04 -4.00 7.33
N DLY A 3 2.81 -4.49 7.18
CA DLY A 3 1.63 -3.62 7.19
C DLY A 3 0.36 -4.44 6.94
O DLY A 3 0.38 -5.67 6.98
CB DLY A 3 1.52 -2.91 8.54
CG DLY A 3 1.54 -3.84 9.74
CD DLY A 3 0.16 -4.40 10.02
CE DLY A 3 -0.24 -4.20 11.48
NZ DLY A 3 -1.58 -4.76 11.77
H DLY A 3 2.69 -5.46 7.05
HA DLY A 3 1.74 -2.89 6.41
HB2 DLY A 3 2.35 -2.22 8.63
HB3 DLY A 3 0.60 -2.35 8.56
HG2 DLY A 3 2.22 -4.65 9.54
HG3 DLY A 3 1.88 -3.29 10.61
HD2 DLY A 3 -0.56 -3.91 9.39
HD3 DLY A 3 0.16 -5.47 9.81
HE2 DLY A 3 0.49 -4.68 12.11
HE3 DLY A 3 -0.25 -3.14 11.68
HZ1 DLY A 3 -1.50 -5.59 12.39
HZ2 DLY A 3 -2.18 -4.05 12.24
N LYS A 4 -0.73 -3.73 6.68
CA LYS A 4 -2.01 -4.38 6.40
C LYS A 4 -2.15 -4.73 4.93
N LEU A 5 -1.87 -3.74 4.07
CA LEU A 5 -1.96 -3.95 2.63
C LEU A 5 -0.90 -3.14 1.90
N DLE A 6 -0.78 -1.87 2.26
CA DLE A 6 0.20 -0.98 1.63
CB DLE A 6 -0.31 -0.47 0.30
CG DLE A 6 -0.37 -1.50 -0.84
CD1 DLE A 6 -0.04 -0.85 -2.17
CD2 DLE A 6 -1.75 -2.16 -0.90
C DLE A 6 1.53 -1.71 1.44
O DLE A 6 2.21 -1.52 0.43
H DLE A 6 -1.37 -1.51 2.95
HA DLE A 6 0.36 -0.15 2.30
HB2 DLE A 6 -1.31 -0.09 0.45
HB3 DLE A 6 0.32 0.33 -0.03
HG DLE A 6 0.36 -2.28 -0.65
HD11 DLE A 6 0.98 -1.09 -2.44
HD12 DLE A 6 -0.70 -1.22 -2.93
HD13 DLE A 6 -0.15 0.22 -2.08
HD21 DLE A 6 -1.64 -3.23 -0.99
HD22 DLE A 6 -2.29 -1.93 0.01
HD23 DLE A 6 -2.29 -1.77 -1.75
N LYS A 7 1.90 -2.54 2.41
CA LYS A 7 3.15 -3.29 2.34
C LYS A 7 2.90 -4.74 1.95
N ALA A 8 1.80 -5.30 2.45
CA ALA A 8 1.44 -6.68 2.15
C ALA A 8 1.42 -6.92 0.65
N DLE A 9 0.82 -5.99 -0.09
CA DLE A 9 0.73 -6.11 -1.54
CB DLE A 9 0.62 -4.72 -2.17
CG DLE A 9 1.96 -4.04 -2.52
CD1 DLE A 9 2.74 -4.87 -3.52
CD2 DLE A 9 2.78 -3.80 -1.26
C DLE A 9 -0.46 -6.96 -1.95
O DLE A 9 -0.34 -7.87 -2.76
H DLE A 9 0.43 -5.21 0.35
HA DLE A 9 1.64 -6.59 -1.89
HB2 DLE A 9 0.06 -4.81 -3.09
HB3 DLE A 9 0.10 -4.08 -1.49
HG DLE A 9 1.75 -3.08 -2.98
HD11 DLE A 9 3.22 -5.70 -3.02
HD12 DLE A 9 2.06 -5.26 -4.28
HD13 DLE A 9 3.48 -4.25 -4.00
HD21 DLE A 9 3.15 -2.79 -1.27
HD22 DLE A 9 2.16 -3.96 -0.39
HD23 DLE A 9 3.60 -4.50 -1.24
N PHE A 10 -1.62 -6.66 -1.38
CA PHE A 10 -2.84 -7.39 -1.68
C PHE A 10 -3.41 -6.97 -3.03
N SER A 11 -4.08 -7.91 -3.69
CA SER A 11 -4.67 -7.64 -5.01
C SER A 11 -5.55 -6.40 -4.96
N DAL A 12 -5.26 -5.44 -5.83
CA DAL A 12 -6.03 -4.20 -5.89
CB DAL A 12 -7.30 -4.40 -6.69
C DAL A 12 -5.19 -3.07 -6.49
O DAL A 12 -4.17 -3.30 -7.14
H DAL A 12 -4.51 -5.57 -6.46
HA DAL A 12 -6.30 -3.93 -4.89
HB1 DAL A 12 -7.11 -4.18 -7.74
HB2 DAL A 12 -7.63 -5.43 -6.60
HB3 DAL A 12 -8.07 -3.75 -6.33
N PRO A 13 -5.63 -1.83 -6.27
CA PRO A 13 -4.94 -0.63 -6.78
C PRO A 13 -3.61 -0.39 -6.08
N LYS A 14 -2.59 -1.15 -6.47
CA LYS A 14 -1.26 -1.02 -5.89
C LYS A 14 -0.72 0.39 -6.08
N DAL A 15 -0.96 0.95 -7.27
CA DAL A 15 -0.49 2.30 -7.58
CB DAL A 15 1.03 2.33 -7.60
C DAL A 15 -1.04 3.31 -6.58
O DAL A 15 -0.29 3.95 -5.85
H DAL A 15 -1.47 0.45 -7.93
HA DAL A 15 -0.85 2.55 -8.57
HB1 DAL A 15 1.40 2.15 -6.60
HB2 DAL A 15 1.40 1.58 -8.27
HB3 DAL A 15 1.36 3.31 -7.93
N LEU A 16 -2.36 3.47 -6.57
CA LEU A 16 -3.01 4.42 -5.66
C LEU A 16 -2.58 4.17 -4.22
N LYS A 17 -2.79 2.93 -3.76
CA LYS A 17 -2.42 2.56 -2.40
C LYS A 17 -0.98 2.95 -2.09
N DAR A 18 -0.08 2.65 -3.02
CA DAR A 18 1.33 2.97 -2.85
CB DAR A 18 1.88 2.29 -1.60
CG DAR A 18 3.35 1.91 -1.70
CD DAR A 18 3.58 0.87 -2.78
NE DAR A 18 4.79 0.08 -2.53
CZ DAR A 18 5.14 -0.97 -3.26
NH1 DAR A 18 4.39 -1.35 -4.29
NH2 DAR A 18 6.25 -1.63 -2.98
C DAR A 18 1.54 4.48 -2.77
O DAR A 18 2.29 4.96 -1.92
H DAR A 18 -0.37 2.20 -3.85
HA DAR A 18 1.86 2.60 -3.71
HB2 DAR A 18 1.76 2.97 -0.76
HB3 DAR A 18 1.31 1.40 -1.40
HG2 DAR A 18 3.92 2.79 -1.94
HG3 DAR A 18 3.68 1.52 -0.75
HD2 DAR A 18 2.73 0.21 -2.80
HD3 DAR A 18 3.67 1.37 -3.73
HE DAR A 18 5.35 0.34 -1.78
HH11 DAR A 18 3.55 -0.85 -4.51
HH12 DAR A 18 4.66 -2.14 -4.84
HH21 DAR A 18 6.82 -1.34 -2.21
HH22 DAR A 18 6.52 -2.42 -3.54
N LEU A 19 0.87 5.22 -3.65
CA LEU A 19 0.98 6.67 -3.67
C LEU A 19 0.59 7.26 -2.32
N LEU A 20 -0.66 7.07 -1.94
CA LEU A 20 -1.16 7.59 -0.66
C LEU A 20 -0.38 7.01 0.51
N DAR A 21 0.05 5.76 0.36
CA DAR A 21 0.81 5.08 1.40
CB DAR A 21 -0.04 4.91 2.66
CG DAR A 21 -1.39 4.27 2.41
CD DAR A 21 -2.18 4.11 3.69
NE DAR A 21 -1.90 2.84 4.36
CZ DAR A 21 -2.71 2.29 5.26
NH1 DAR A 21 -3.84 2.88 5.60
NH2 DAR A 21 -2.37 1.14 5.82
C DAR A 21 2.09 5.85 1.73
O DAR A 21 2.21 6.42 2.82
H DAR A 21 -0.16 5.28 -0.47
HA DAR A 21 1.08 4.11 1.03
HB2 DAR A 21 0.50 4.31 3.37
HB3 DAR A 21 -0.21 5.89 3.10
HG2 DAR A 21 -1.95 4.88 1.72
HG3 DAR A 21 -1.23 3.29 1.97
HD2 DAR A 21 -1.93 4.92 4.35
HD3 DAR A 21 -3.24 4.15 3.46
HE DAR A 21 -1.06 2.38 4.13
HH11 DAR A 21 -4.09 3.76 5.17
HH12 DAR A 21 -4.45 2.46 6.26
HH21 DAR A 21 -1.52 0.68 5.58
HH22 DAR A 21 -2.99 0.72 6.50
N ARG A 22 3.02 5.87 0.79
CA ARG A 22 4.29 6.57 0.98
C ARG A 22 4.05 8.06 1.23
N ARG A 23 3.27 8.69 0.36
CA ARG A 23 2.96 10.10 0.48
C ARG A 23 2.45 10.43 1.88
N DAR A 24 1.29 9.90 2.22
CA DAR A 24 0.68 10.13 3.53
CB DAR A 24 0.21 11.59 3.65
CG DAR A 24 -1.16 11.72 4.27
CD DAR A 24 -1.63 13.17 4.26
NE DAR A 24 -2.96 13.32 4.84
CZ DAR A 24 -3.60 14.48 4.92
NH1 DAR A 24 -3.05 15.59 4.45
NH2 DAR A 24 -4.82 14.53 5.47
C DAR A 24 1.68 9.81 4.64
O DAR A 24 1.72 10.51 5.65
H DAR A 24 0.81 9.33 1.57
HA DAR A 24 -0.17 9.48 3.62
HB2 DAR A 24 0.92 12.13 4.25
HB3 DAR A 24 0.18 12.02 2.66
HG2 DAR A 24 -1.87 11.12 3.73
HG3 DAR A 24 -1.12 11.39 5.31
HD2 DAR A 24 -0.93 13.78 4.82
HD3 DAR A 24 -1.66 13.52 3.23
HE DAR A 24 -3.40 12.52 5.20
HH11 DAR A 24 -2.13 15.55 4.04
HH12 DAR A 24 -3.54 16.45 4.50
HH21 DAR A 24 -5.24 13.70 5.83
HH22 DAR A 24 -5.30 15.41 5.52
N ARG A 25 2.46 8.77 4.44
CA ARG A 25 3.46 8.36 5.43
C ARG A 25 4.69 9.25 5.36
N PHE A 1 8.11 -4.07 7.85
CA PHE A 1 7.61 -3.64 6.54
C PHE A 1 6.32 -4.37 6.18
N LEU A 2 5.47 -4.58 7.18
CA LEU A 2 4.20 -5.27 6.96
C LEU A 2 3.03 -4.44 7.50
N DLY A 3 1.82 -4.96 7.33
CA DLY A 3 0.63 -4.27 7.78
C DLY A 3 -0.64 -5.04 7.40
O DLY A 3 -0.66 -6.28 7.44
CB DLY A 3 0.67 -4.09 9.31
CG DLY A 3 0.85 -5.39 10.07
CD DLY A 3 1.76 -5.21 11.28
CE DLY A 3 1.08 -4.39 12.36
NZ DLY A 3 0.27 -5.24 13.29
H DLY A 3 1.73 -5.83 6.88
HA DLY A 3 0.60 -3.30 7.32
HB2 DLY A 3 1.49 -3.44 9.55
HB3 DLY A 3 -0.25 -3.63 9.63
HG2 DLY A 3 -0.12 -5.73 10.41
HG3 DLY A 3 1.28 -6.13 9.42
HD2 DLY A 3 2.01 -6.18 11.67
HD3 DLY A 3 2.65 -4.70 10.96
HE2 DLY A 3 1.84 -3.88 12.93
HE3 DLY A 3 0.43 -3.66 11.90
HZ1 DLY A 3 -0.71 -4.90 13.32
HZ2 DLY A 3 0.27 -6.23 12.94
N LYS A 4 -1.68 -4.32 7.01
CA LYS A 4 -2.94 -4.92 6.62
C LYS A 4 -2.96 -5.20 5.11
N LEU A 5 -2.73 -4.15 4.32
CA LEU A 5 -2.72 -4.27 2.87
C LEU A 5 -1.62 -3.41 2.26
N DLE A 6 -1.58 -2.14 2.65
CA DLE A 6 -0.58 -1.21 2.14
CB DLE A 6 -0.99 -0.69 0.77
CG DLE A 6 -0.89 -1.70 -0.39
CD1 DLE A 6 -0.46 -1.00 -1.67
CD2 DLE A 6 -2.23 -2.39 -0.59
C DLE A 6 0.79 -1.88 2.05
O DLE A 6 1.55 -1.64 1.12
H DLE A 6 -2.24 -1.82 3.31
HA DLE A 6 -0.52 -0.39 2.83
HB2 DLE A 6 -2.01 -0.35 0.83
HB3 DLE A 6 -0.36 0.14 0.52
HG DLE A 6 -0.16 -2.45 -0.14
HD11 DLE A 6 -1.13 -1.25 -2.47
HD12 DLE A 6 -0.46 0.07 -1.51
HD13 DLE A 6 0.54 -1.32 -1.92
HD21 DLE A 6 -2.06 -3.42 -0.87
HD22 DLE A 6 -2.80 -2.36 0.33
HD23 DLE A 6 -2.78 -1.90 -1.38
N LYS A 7 1.10 -2.73 3.04
CA LYS A 7 2.37 -3.42 3.08
C LYS A 7 2.20 -4.87 2.65
N ALA A 8 1.10 -5.49 3.06
CA ALA A 8 0.81 -6.88 2.70
C ALA A 8 0.94 -7.10 1.20
N DLE A 9 0.32 -6.22 0.42
CA DLE A 9 0.36 -6.32 -1.04
CB DLE A 9 0.32 -4.92 -1.67
CG DLE A 9 1.67 -4.26 -1.91
CD1 DLE A 9 2.51 -5.08 -2.89
CD2 DLE A 9 2.43 -4.06 -0.61
C DLE A 9 -0.79 -7.16 -1.56
O DLE A 9 -0.64 -7.92 -2.50
H DLE A 9 -0.17 -5.47 0.83
HA DLE A 9 1.29 -6.79 -1.31
HB2 DLE A 9 -0.19 -5.00 -2.61
HB3 DLE A 9 -0.24 -4.28 -1.00
HG DLE A 9 1.52 -3.28 -2.35
HD11 DLE A 9 3.33 -4.49 -3.25
HD12 DLE A 9 2.88 -5.95 -2.38
HD13 DLE A 9 1.88 -5.38 -3.72
HD21 DLE A 9 3.15 -4.85 -0.48
HD22 DLE A 9 2.94 -3.11 -0.61
HD23 DLE A 9 1.73 -4.09 0.22
N PHE A 10 -1.95 -7.00 -0.93
CA PHE A 10 -3.14 -7.75 -1.33
C PHE A 10 -3.67 -7.26 -2.67
N SER A 11 -4.38 -8.13 -3.38
CA SER A 11 -4.94 -7.79 -4.68
C SER A 11 -5.76 -6.50 -4.60
N DAL A 12 -5.40 -5.53 -5.44
CA DAL A 12 -6.09 -4.25 -5.47
CB DAL A 12 -7.39 -4.37 -6.24
C DAL A 12 -5.21 -3.16 -6.08
O DAL A 12 -4.22 -3.43 -6.75
H DAL A 12 -4.65 -5.69 -6.06
HA DAL A 12 -6.33 -3.98 -4.45
HB1 DAL A 12 -8.21 -4.06 -5.61
HB2 DAL A 12 -7.35 -3.73 -7.12
HB3 DAL A 12 -7.54 -5.39 -6.55
N PRO A 13 -5.57 -1.89 -5.82
CA PRO A 13 -4.83 -0.74 -6.33
C PRO A 13 -3.47 -0.59 -5.66
N LYS A 14 -2.51 -1.40 -6.08
CA LYS A 14 -1.16 -1.35 -5.52
C LYS A 14 -0.48 -0.02 -5.84
N DAL A 15 -0.66 0.45 -7.07
CA DAL A 15 -0.06 1.71 -7.50
CB DAL A 15 1.46 1.63 -7.42
C DAL A 15 -0.58 2.87 -6.66
O DAL A 15 0.19 3.57 -6.01
H DAL A 15 -1.19 -0.07 -7.71
HA DAL A 15 -0.33 1.87 -8.53
HB1 DAL A 15 1.75 1.47 -6.39
HB2 DAL A 15 1.81 0.81 -8.03
HB3 DAL A 15 1.88 2.55 -7.77
N LEU A 16 -1.89 3.07 -6.68
CA LEU A 16 -2.51 4.15 -5.93
C LEU A 16 -2.19 4.03 -4.44
N LYS A 17 -2.57 2.90 -3.85
CA LYS A 17 -2.31 2.66 -2.43
C LYS A 17 -0.85 2.89 -2.10
N DAR A 18 0.03 2.48 -3.00
CA DAR A 18 1.46 2.64 -2.80
CB DAR A 18 1.90 1.92 -1.52
CG DAR A 18 3.34 1.42 -1.56
CD DAR A 18 3.45 0.10 -2.29
NE DAR A 18 4.76 -0.52 -2.13
CZ DAR A 18 5.84 -0.14 -2.81
NH1 DAR A 18 5.76 0.84 -3.69
NH2 DAR A 18 7.00 -0.75 -2.60
C DAR A 18 1.84 4.12 -2.72
O DAR A 18 2.54 4.54 -1.80
H DAR A 18 -0.29 2.05 -3.83
HA DAR A 18 1.97 2.20 -3.64
HB2 DAR A 18 1.82 2.61 -0.69
HB3 DAR A 18 1.26 1.07 -1.35
HG2 DAR A 18 3.95 2.15 -2.08
HG3 DAR A 18 3.70 1.29 -0.55
HD2 DAR A 18 2.70 -0.57 -1.90
HD3 DAR A 18 3.27 0.26 -3.35
HE DAR A 18 4.84 -1.25 -1.49
HH11 DAR A 18 4.88 1.31 -3.85
HH12 DAR A 18 6.57 1.13 -4.20
HH21 DAR A 18 7.07 -1.49 -1.94
HH22 DAR A 18 7.81 -0.46 -3.11
N LEU A 19 1.37 4.89 -3.69
CA LEU A 19 1.65 6.33 -3.73
C LEU A 19 1.16 7.02 -2.46
N LEU A 20 -0.14 6.90 -2.19
CA LEU A 20 -0.73 7.51 -1.01
C LEU A 20 -0.07 6.99 0.25
N DAR A 21 0.32 5.72 0.24
CA DAR A 21 0.97 5.11 1.39
CB DAR A 21 0.04 5.12 2.59
CG DAR A 21 -1.38 4.64 2.29
CD DAR A 21 -2.25 4.63 3.53
NE DAR A 21 -1.94 3.49 4.40
CZ DAR A 21 -2.71 3.12 5.42
NH1 DAR A 21 -3.82 3.80 5.70
NH2 DAR A 21 -2.36 2.09 6.17
C DAR A 21 2.27 5.82 1.73
O DAR A 21 2.40 6.43 2.79
H DAR A 21 0.18 5.19 -0.57
HA DAR A 21 1.20 4.07 1.13
HB2 DAR A 21 0.45 4.49 3.36
HB3 DAR A 21 -0.02 6.13 2.98
HG2 DAR A 21 -1.81 5.30 1.56
HG3 DAR A 21 -1.32 3.64 1.88
HD2 DAR A 21 -2.08 5.54 4.08
HD3 DAR A 21 -3.28 4.57 3.23
HE DAR A 21 -1.13 2.99 4.21
HH11 DAR A 21 -4.07 4.59 5.13
HH12 DAR A 21 -4.39 3.52 6.47
HH21 DAR A 21 -1.52 1.58 5.96
HH22 DAR A 21 -2.95 1.81 6.94
N ARG A 22 3.24 5.75 0.82
CA ARG A 22 4.53 6.40 1.02
C ARG A 22 4.36 7.91 1.19
N ARG A 23 3.72 8.53 0.21
CA ARG A 23 3.49 9.97 0.25
C ARG A 23 2.87 10.39 1.58
N DAR A 24 1.89 9.62 2.04
CA DAR A 24 1.21 9.91 3.30
CB DAR A 24 0.58 11.30 3.24
CG DAR A 24 -0.76 11.38 3.97
CD DAR A 24 -1.47 12.69 3.69
NE DAR A 24 -0.69 13.84 4.16
CZ DAR A 24 -0.53 14.14 5.44
NH1 DAR A 24 -1.08 13.37 6.38
NH2 DAR A 24 0.18 15.20 5.79
C DAR A 24 2.18 9.83 4.48
O DAR A 24 2.21 10.71 5.33
H DAR A 24 1.62 8.83 1.52
HA DAR A 24 0.44 9.17 3.43
HB2 DAR A 24 1.25 12.01 3.70
HB3 DAR A 24 0.42 11.57 2.21
HG2 DAR A 24 -1.39 10.57 3.64
HG3 DAR A 24 -0.59 11.29 5.03
HD2 DAR A 24 -1.62 12.79 2.62
HD3 DAR A 24 -2.43 12.69 4.18
HE DAR A 24 -0.28 14.42 3.48
HH11 DAR A 24 -1.62 12.58 6.12
HH12 DAR A 24 -0.95 13.60 7.34
HH21 DAR A 24 0.60 15.77 5.09
HH22 DAR A 24 0.31 15.41 6.76
N ARG A 25 2.98 8.76 4.50
CA ARG A 25 3.95 8.57 5.57
C ARG A 25 5.36 8.87 5.08
N PHE A 1 5.37 -9.96 11.86
CA PHE A 1 5.04 -8.56 11.65
C PHE A 1 4.85 -8.26 10.16
N LEU A 2 3.60 -8.17 9.74
CA LEU A 2 3.27 -7.88 8.35
C LEU A 2 2.20 -6.79 8.24
N DLY A 3 2.35 -5.94 7.24
CA DLY A 3 1.40 -4.85 7.03
C DLY A 3 0.02 -5.39 6.70
O DLY A 3 -0.30 -6.54 6.99
CB DLY A 3 1.34 -3.95 8.26
CG DLY A 3 2.70 -3.61 8.84
CD DLY A 3 2.97 -4.40 10.11
CE DLY A 3 3.86 -3.62 11.06
NZ DLY A 3 5.12 -3.17 10.40
H DLY A 3 3.12 -6.04 6.63
HA DLY A 3 1.76 -4.26 6.19
HB2 DLY A 3 0.84 -3.03 8.00
HB3 DLY A 3 0.76 -4.46 9.02
HG2 DLY A 3 3.46 -3.84 8.11
HG3 DLY A 3 2.73 -2.55 9.07
HD2 DLY A 3 2.04 -4.61 10.61
HD3 DLY A 3 3.47 -5.32 9.85
HE2 DLY A 3 3.33 -2.75 11.42
HE3 DLY A 3 4.12 -4.26 11.90
HZ1 DLY A 3 5.11 -2.13 10.30
HZ2 DLY A 3 5.95 -3.44 10.97
N LYS A 4 -0.81 -4.55 6.09
CA LYS A 4 -2.18 -4.94 5.72
C LYS A 4 -2.30 -5.12 4.22
N LEU A 5 -1.82 -4.13 3.47
CA LEU A 5 -1.87 -4.17 2.02
C LEU A 5 -0.83 -3.25 1.40
N DLE A 6 -0.81 -2.00 1.85
CA DLE A 6 0.14 -1.02 1.34
CB DLE A 6 -0.34 -0.44 0.00
CG DLE A 6 -0.28 -1.39 -1.20
CD1 DLE A 6 0.08 -0.63 -2.45
CD2 DLE A 6 -1.61 -2.12 -1.36
C DLE A 6 1.52 -1.64 1.17
O DLE A 6 2.23 -1.34 0.21
H DLE A 6 -1.46 -1.73 2.54
HA DLE A 6 0.21 -0.22 2.07
HB2 DLE A 6 -1.37 -0.14 0.14
HB3 DLE A 6 0.26 0.42 -0.22
HG DLE A 6 0.49 -2.13 -1.02
HD11 DLE A 6 -0.42 -1.08 -3.30
HD12 DLE A 6 -0.24 0.40 -2.35
HD13 DLE A 6 1.15 -0.66 -2.61
HD21 DLE A 6 -2.31 -1.77 -0.63
HD22 DLE A 6 -1.99 -1.93 -2.36
HD23 DLE A 6 -1.46 -3.19 -1.23
N LYS A 7 1.90 -2.50 2.11
CA LYS A 7 3.19 -3.17 2.05
C LYS A 7 3.04 -4.64 1.67
N ALA A 8 1.96 -5.25 2.14
CA ALA A 8 1.70 -6.66 1.84
C ALA A 8 1.79 -6.92 0.34
N DLE A 9 1.08 -6.13 -0.45
CA DLE A 9 1.08 -6.27 -1.90
CB DLE A 9 0.57 -5.00 -2.56
CG DLE A 9 1.64 -3.97 -2.95
CD1 DLE A 9 2.50 -4.51 -4.08
CD2 DLE A 9 2.49 -3.62 -1.75
C DLE A 9 0.23 -7.46 -2.32
O DLE A 9 0.63 -8.28 -3.14
H DLE A 9 0.55 -5.41 -0.04
HA DLE A 9 2.10 -6.45 -2.21
HB2 DLE A 9 0.04 -5.28 -3.46
HB3 DLE A 9 -0.11 -4.52 -1.88
HG DLE A 9 1.15 -3.07 -3.30
HD11 DLE A 9 3.11 -3.70 -4.48
HD12 DLE A 9 3.14 -5.29 -3.71
HD13 DLE A 9 1.87 -4.90 -4.87
HD21 DLE A 9 1.91 -3.73 -0.85
HD22 DLE A 9 3.36 -4.27 -1.71
HD23 DLE A 9 2.82 -2.58 -1.83
N PHE A 10 -0.97 -7.56 -1.74
CA PHE A 10 -1.89 -8.65 -2.06
C PHE A 10 -2.57 -8.41 -3.40
N SER A 11 -3.53 -7.48 -3.43
CA SER A 11 -4.25 -7.17 -4.64
C SER A 11 -4.98 -5.83 -4.51
N DAL A 12 -5.80 -5.50 -5.50
CA DAL A 12 -6.55 -4.25 -5.50
CB DAL A 12 -7.88 -4.43 -6.21
C DAL A 12 -5.75 -3.13 -6.16
O DAL A 12 -4.78 -3.37 -6.88
H DAL A 12 -5.90 -6.12 -6.26
HA DAL A 12 -6.75 -3.98 -4.47
HB1 DAL A 12 -8.66 -3.97 -5.63
HB2 DAL A 12 -7.84 -3.98 -7.19
HB3 DAL A 12 -8.09 -5.49 -6.31
N PRO A 13 -6.16 -1.88 -5.89
CA PRO A 13 -5.49 -0.69 -6.43
C PRO A 13 -4.10 -0.48 -5.83
N LYS A 14 -3.13 -1.24 -6.31
CA LYS A 14 -1.76 -1.14 -5.82
C LYS A 14 -1.19 0.25 -6.10
N DAL A 15 -1.34 0.71 -7.34
CA DAL A 15 -0.84 2.02 -7.74
CB DAL A 15 0.68 2.01 -7.79
C DAL A 15 -1.35 3.10 -6.80
O DAL A 15 -0.55 3.76 -6.11
H DAL A 15 -1.80 0.14 -8.00
HA DAL A 15 -1.21 2.23 -8.73
HB1 DAL A 15 1.02 1.17 -8.38
HB2 DAL A 15 1.03 2.92 -8.24
HB3 DAL A 15 1.07 1.93 -6.78
N LEU A 16 -2.66 3.29 -6.77
CA LEU A 16 -3.26 4.30 -5.91
C LEU A 16 -2.79 4.15 -4.47
N LYS A 17 -2.96 2.94 -3.92
CA LYS A 17 -2.56 2.66 -2.55
C LYS A 17 -1.10 3.08 -2.32
N DAR A 18 -0.25 2.82 -3.31
CA DAR A 18 1.16 3.17 -3.20
CB DAR A 18 1.79 2.50 -1.98
CG DAR A 18 3.26 2.17 -2.18
CD DAR A 18 3.47 1.15 -3.29
NE DAR A 18 4.66 0.33 -3.08
CZ DAR A 18 5.89 0.75 -3.34
NH1 DAR A 18 6.09 1.96 -3.82
NH2 DAR A 18 6.93 -0.05 -3.11
C DAR A 18 1.34 4.69 -3.11
O DAR A 18 2.07 5.19 -2.26
H DAR A 18 -0.57 2.37 -4.12
HA DAR A 18 1.65 2.82 -4.09
HB2 DAR A 18 1.70 3.16 -1.14
HB3 DAR A 18 1.26 1.58 -1.77
HG2 DAR A 18 3.81 3.07 -2.42
HG3 DAR A 18 3.65 1.75 -1.25
HD2 DAR A 18 2.60 0.51 -3.33
HD3 DAR A 18 3.57 1.67 -4.22
HE DAR A 18 4.53 -0.57 -2.71
HH11 DAR A 18 5.32 2.56 -3.99
HH12 DAR A 18 7.02 2.28 -4.03
HH21 DAR A 18 6.77 -0.98 -2.75
HH22 DAR A 18 7.85 0.25 -3.32
N LEU A 19 0.65 5.41 -3.99
CA LEU A 19 0.73 6.86 -4.01
C LEU A 19 0.32 7.45 -2.66
N LEU A 20 -0.90 7.13 -2.23
CA LEU A 20 -1.41 7.62 -0.95
C LEU A 20 -0.55 7.13 0.21
N DAR A 21 -0.04 5.91 0.07
CA DAR A 21 0.80 5.33 1.11
CB DAR A 21 0.02 5.19 2.42
CG DAR A 21 -1.25 4.39 2.29
CD DAR A 21 -1.07 2.95 2.77
NE DAR A 21 -0.92 2.88 4.22
CZ DAR A 21 -1.94 2.99 5.07
NH1 DAR A 21 -3.17 3.18 4.60
NH2 DAR A 21 -1.73 2.91 6.38
C DAR A 21 2.06 6.17 1.34
O DAR A 21 2.22 6.79 2.39
H DAR A 21 -0.23 5.39 -0.73
HA DAR A 21 1.11 4.34 0.79
HB2 DAR A 21 0.65 4.71 3.15
HB3 DAR A 21 -0.23 6.18 2.78
HG2 DAR A 21 -2.03 4.86 2.88
HG3 DAR A 21 -1.55 4.37 1.25
HD2 DAR A 21 -1.93 2.37 2.47
HD3 DAR A 21 -0.18 2.55 2.31
HE DAR A 21 -0.02 2.75 4.58
HH11 DAR A 21 -3.33 3.24 3.62
HH12 DAR A 21 -3.94 3.26 5.24
HH21 DAR A 21 -0.81 2.77 6.72
HH22 DAR A 21 -2.50 3.00 7.01
N ARG A 22 2.94 6.19 0.34
CA ARG A 22 4.17 6.96 0.43
C ARG A 22 3.88 8.43 0.72
N ARG A 23 3.03 9.04 -0.09
CA ARG A 23 2.67 10.43 0.08
C ARG A 23 2.21 10.70 1.51
N DAR A 24 1.35 9.82 2.03
CA DAR A 24 0.84 9.97 3.39
CB DAR A 24 0.10 11.30 3.53
CG DAR A 24 -1.18 11.20 4.32
CD DAR A 24 -1.91 12.54 4.40
NE DAR A 24 -1.25 13.46 5.32
CZ DAR A 24 -1.75 14.64 5.65
NH1 DAR A 24 -2.90 15.04 5.15
NH2 DAR A 24 -1.09 15.42 6.50
C DAR A 24 1.97 9.88 4.41
O DAR A 24 1.98 10.62 5.40
H DAR A 24 1.08 9.06 1.49
HA DAR A 24 0.15 9.16 3.57
HB2 DAR A 24 0.75 12.00 4.04
HB3 DAR A 24 -0.13 11.68 2.55
HG2 DAR A 24 -1.83 10.47 3.84
HG3 DAR A 24 -0.96 10.86 5.32
HD2 DAR A 24 -1.92 12.97 3.41
HD3 DAR A 24 -2.92 12.37 4.73
HE DAR A 24 -0.39 13.18 5.71
HH11 DAR A 24 -3.40 14.45 4.51
HH12 DAR A 24 -3.27 15.93 5.40
HH21 DAR A 24 -0.21 15.12 6.89
HH22 DAR A 24 -1.47 16.31 6.76
N ARG A 25 2.92 8.98 4.16
CA ARG A 25 4.06 8.80 5.06
C ARG A 25 5.28 9.54 4.54
N PHE A 1 8.15 -5.33 6.99
CA PHE A 1 7.45 -4.66 5.90
C PHE A 1 6.07 -5.25 5.69
N LEU A 2 5.30 -5.32 6.77
CA LEU A 2 3.94 -5.88 6.71
C LEU A 2 2.96 -4.97 7.44
N DLY A 3 1.67 -5.28 7.30
CA DLY A 3 0.62 -4.50 7.94
C DLY A 3 -0.77 -5.02 7.56
O DLY A 3 -1.09 -6.17 7.82
CB DLY A 3 0.79 -4.53 9.46
CG DLY A 3 0.87 -5.93 10.03
CD DLY A 3 2.05 -6.07 10.97
CE DLY A 3 1.94 -7.34 11.83
NZ DLY A 3 2.95 -7.36 12.91
H DLY A 3 1.42 -6.05 6.75
HA DLY A 3 0.71 -3.47 7.59
HB2 DLY A 3 1.69 -3.99 9.72
HB3 DLY A 3 -0.06 -4.02 9.92
HG2 DLY A 3 -0.05 -6.14 10.57
HG3 DLY A 3 0.98 -6.63 9.23
HD2 DLY A 3 2.96 -6.13 10.40
HD3 DLY A 3 2.09 -5.21 11.63
HE2 DLY A 3 0.95 -7.36 12.27
HE3 DLY A 3 2.07 -8.19 11.19
HZ1 DLY A 3 3.29 -6.40 13.10
HZ2 DLY A 3 2.53 -7.76 13.78
N LYS A 4 -1.57 -4.16 6.94
CA LYS A 4 -2.91 -4.54 6.52
C LYS A 4 -2.96 -4.80 5.02
N LEU A 5 -2.53 -3.82 4.24
CA LEU A 5 -2.53 -3.93 2.79
C LEU A 5 -1.36 -3.16 2.18
N DLE A 6 -1.23 -1.90 2.55
CA DLE A 6 -0.16 -1.05 2.05
CB DLE A 6 -0.50 -0.53 0.66
CG DLE A 6 -0.48 -1.55 -0.48
CD1 DLE A 6 0.02 -0.90 -1.76
CD2 DLE A 6 -1.86 -2.14 -0.69
C DLE A 6 1.16 -1.82 1.99
O DLE A 6 1.95 -1.66 1.06
H DLE A 6 -1.87 -1.52 3.19
HA DLE A 6 -0.04 -0.22 2.73
HB2 DLE A 6 -1.50 -0.10 0.71
HB3 DLE A 6 0.20 0.26 0.41
HG DLE A 6 0.21 -2.34 -0.21
HD11 DLE A 6 -0.12 0.16 -1.71
HD12 DLE A 6 1.07 -1.12 -1.88
HD13 DLE A 6 -0.52 -1.30 -2.60
HD21 DLE A 6 -1.82 -3.21 -0.53
HD22 DLE A 6 -2.55 -1.71 0.02
HD23 DLE A 6 -2.20 -1.94 -1.69
N LYS A 7 1.39 -2.67 3.00
CA LYS A 7 2.61 -3.46 3.06
C LYS A 7 2.35 -4.90 2.58
N ALA A 8 1.20 -5.43 2.96
CA ALA A 8 0.84 -6.80 2.57
C ALA A 8 0.97 -6.98 1.06
N DLE A 9 0.24 -6.18 0.31
CA DLE A 9 0.28 -6.26 -1.16
CB DLE A 9 0.30 -4.86 -1.77
CG DLE A 9 1.68 -4.31 -2.12
CD1 DLE A 9 2.37 -5.22 -3.13
CD2 DLE A 9 2.53 -4.15 -0.87
C DLE A 9 -0.93 -7.03 -1.69
O DLE A 9 -0.82 -7.78 -2.67
H DLE A 9 -0.34 -5.52 0.73
HA DLE A 9 1.17 -6.79 -1.43
HB2 DLE A 9 -0.29 -4.88 -2.66
HB3 DLE A 9 -0.15 -4.18 -1.05
HG DLE A 9 1.56 -3.34 -2.57
HD11 DLE A 9 1.63 -5.75 -3.71
HD12 DLE A 9 2.98 -4.62 -3.79
HD13 DLE A 9 2.99 -5.93 -2.61
HD21 DLE A 9 1.89 -4.14 0.00
HD22 DLE A 9 3.22 -4.98 -0.80
HD23 DLE A 9 3.09 -3.23 -0.93
N PHE A 10 -2.07 -6.87 -1.03
CA PHE A 10 -3.29 -7.55 -1.44
C PHE A 10 -3.74 -7.10 -2.83
N SER A 11 -4.57 -7.91 -3.47
CA SER A 11 -5.07 -7.59 -4.80
C SER A 11 -5.84 -6.28 -4.80
N DAL A 12 -5.57 -5.43 -5.78
CA DAL A 12 -6.23 -4.13 -5.90
CB DAL A 12 -7.44 -4.24 -6.81
C DAL A 12 -5.26 -3.06 -6.40
O DAL A 12 -4.21 -3.36 -6.96
H DAL A 12 -4.90 -5.68 -6.45
HA DAL A 12 -6.58 -3.86 -4.90
HB1 DAL A 12 -7.58 -3.30 -7.32
HB2 DAL A 12 -7.27 -5.02 -7.53
HB3 DAL A 12 -8.32 -4.46 -6.22
N PRO A 13 -5.63 -1.79 -6.20
CA PRO A 13 -4.82 -0.64 -6.61
C PRO A 13 -3.54 -0.52 -5.80
N LYS A 14 -2.55 -1.35 -6.11
CA LYS A 14 -1.27 -1.32 -5.41
C LYS A 14 -0.57 0.02 -5.61
N DAL A 15 -0.54 0.49 -6.85
CA DAL A 15 0.10 1.75 -7.18
CB DAL A 15 1.61 1.64 -7.01
C DAL A 15 -0.45 2.88 -6.31
O DAL A 15 0.29 3.52 -5.55
H DAL A 15 -0.96 -0.03 -7.57
HA DAL A 15 -0.11 1.98 -8.21
HB1 DAL A 15 2.06 2.60 -7.21
HB2 DAL A 15 1.84 1.34 -5.99
HB3 DAL A 15 1.99 0.91 -7.69
N LEU A 16 -1.74 3.13 -6.42
CA LEU A 16 -2.39 4.19 -5.65
C LEU A 16 -2.14 4.00 -4.15
N LYS A 17 -2.45 2.81 -3.65
CA LYS A 17 -2.26 2.50 -2.24
C LYS A 17 -0.84 2.83 -1.80
N DAR A 18 0.14 2.44 -2.62
CA DAR A 18 1.54 2.71 -2.32
CB DAR A 18 1.92 2.07 -0.98
CG DAR A 18 3.42 1.89 -0.79
CD DAR A 18 3.76 1.58 0.66
NE DAR A 18 4.98 0.79 0.76
CZ DAR A 18 6.20 1.28 0.61
NH1 DAR A 18 6.37 2.57 0.33
NH2 DAR A 18 7.26 0.49 0.72
C DAR A 18 1.81 4.21 -2.27
O DAR A 18 2.50 4.70 -1.38
H DAR A 18 -0.09 1.97 -3.44
HA DAR A 18 2.14 2.27 -3.09
HB2 DAR A 18 1.55 2.70 -0.17
HB3 DAR A 18 1.45 1.10 -0.90
HG2 DAR A 18 3.75 1.08 -1.42
HG3 DAR A 18 3.91 2.81 -1.07
HD2 DAR A 18 3.90 2.51 1.19
HD3 DAR A 18 2.95 1.03 1.09
HE DAR A 18 4.89 -0.17 0.96
HH11 DAR A 18 5.58 3.16 0.24
HH12 DAR A 18 7.29 2.94 0.21
HH21 DAR A 18 7.14 -0.48 0.92
HH22 DAR A 18 8.18 0.87 0.60
N LEU A 19 1.27 4.93 -3.25
CA LEU A 19 1.47 6.37 -3.33
C LEU A 19 0.97 7.05 -2.06
N LEU A 20 -0.32 6.93 -1.80
CA LEU A 20 -0.92 7.53 -0.61
C LEU A 20 -0.29 6.98 0.67
N DAR A 21 0.09 5.71 0.62
CA DAR A 21 0.71 5.07 1.77
CB DAR A 21 -0.27 5.01 2.95
CG DAR A 21 -1.54 4.24 2.64
CD DAR A 21 -1.34 2.74 2.82
NE DAR A 21 -1.73 2.30 4.16
CZ DAR A 21 -2.99 2.26 4.59
NH1 DAR A 21 -3.98 2.64 3.79
NH2 DAR A 21 -3.26 1.85 5.82
C DAR A 21 1.98 5.81 2.19
O DAR A 21 2.03 6.42 3.25
H DAR A 21 -0.05 5.20 -0.20
HA DAR A 21 0.97 4.06 1.49
HB2 DAR A 21 0.22 4.53 3.78
HB3 DAR A 21 -0.54 6.02 3.22
HG2 DAR A 21 -2.33 4.58 3.30
HG3 DAR A 21 -1.83 4.43 1.61
HD2 DAR A 21 -1.95 2.23 2.09
HD3 DAR A 21 -0.31 2.51 2.66
HE DAR A 21 -1.02 2.01 4.76
HH11 DAR A 21 -3.78 2.96 2.86
HH12 DAR A 21 -4.92 2.61 4.12
HH21 DAR A 21 -2.51 1.56 6.43
HH22 DAR A 21 -4.20 1.82 6.14
N ARG A 22 3.00 5.74 1.34
CA ARG A 22 4.27 6.41 1.62
C ARG A 22 4.07 7.91 1.78
N ARG A 23 3.42 8.52 0.80
CA ARG A 23 3.17 9.96 0.82
C ARG A 23 2.53 10.38 2.14
N DAR A 24 1.30 9.90 2.37
CA DAR A 24 0.58 10.23 3.59
CB DAR A 24 0.16 11.71 3.59
CG DAR A 24 -1.26 11.94 4.07
CD DAR A 24 -1.65 13.41 3.96
NE DAR A 24 -2.18 13.74 2.64
CZ DAR A 24 -2.90 14.83 2.39
NH1 DAR A 24 -3.15 15.70 3.37
NH2 DAR A 24 -3.36 15.06 1.17
C DAR A 24 1.43 9.93 4.82
O DAR A 24 1.40 10.67 5.81
H DAR A 24 0.87 9.33 1.71
HA DAR A 24 -0.31 9.62 3.63
HB2 DAR A 24 0.83 12.25 4.24
HB3 DAR A 24 0.26 12.10 2.59
HG2 DAR A 24 -1.93 11.35 3.46
HG3 DAR A 24 -1.34 11.63 5.10
HD2 DAR A 24 -2.39 13.62 4.71
HD3 DAR A 24 -0.77 14.01 4.14
HE DAR A 24 -2.00 13.11 1.91
HH11 DAR A 24 -2.81 15.52 4.29
HH12 DAR A 24 -3.69 16.52 3.18
HH21 DAR A 24 -3.17 14.42 0.43
HH22 DAR A 24 -3.89 15.89 0.98
N ARG A 25 2.20 8.84 4.76
CA ARG A 25 3.05 8.45 5.87
C ARG A 25 4.48 8.96 5.66
N PHE A 1 8.33 -4.54 6.39
CA PHE A 1 7.12 -4.24 7.15
C PHE A 1 5.92 -4.99 6.58
N LEU A 2 4.90 -5.19 7.40
CA LEU A 2 3.70 -5.89 6.98
C LEU A 2 2.44 -5.15 7.44
N DLY A 3 1.28 -5.69 7.08
CA DLY A 3 0.01 -5.08 7.46
C DLY A 3 -1.16 -5.83 6.82
O DLY A 3 -1.13 -7.05 6.69
CB DLY A 3 -0.15 -5.07 8.99
CG DLY A 3 -0.04 -6.44 9.61
CD DLY A 3 1.29 -6.64 10.32
CE DLY A 3 1.39 -5.79 11.57
NZ DLY A 3 2.43 -6.29 12.50
H DLY A 3 1.27 -6.51 6.56
HA DLY A 3 0.01 -4.07 7.09
HB2 DLY A 3 0.62 -4.44 9.41
HB3 DLY A 3 -1.11 -4.66 9.23
HG2 DLY A 3 -0.84 -6.56 10.34
HG3 DLY A 3 -0.15 -7.20 8.84
HD2 DLY A 3 1.40 -7.68 10.58
HD3 DLY A 3 2.08 -6.35 9.63
HE2 DLY A 3 1.63 -4.77 11.28
HE3 DLY A 3 0.44 -5.79 12.07
HZ1 DLY A 3 2.19 -7.24 12.81
HZ2 DLY A 3 3.36 -6.30 12.02
N LYS A 4 -2.19 -5.08 6.42
CA LYS A 4 -3.36 -5.67 5.80
C LYS A 4 -3.19 -5.78 4.29
N LEU A 5 -2.80 -4.67 3.66
CA LEU A 5 -2.59 -4.64 2.22
C LEU A 5 -1.41 -3.74 1.86
N DLE A 6 -1.40 -2.54 2.43
CA DLE A 6 -0.32 -1.59 2.17
CB DLE A 6 -0.56 -0.88 0.84
CG DLE A 6 -0.36 -1.72 -0.42
CD1 DLE A 6 0.23 -0.87 -1.54
CD2 DLE A 6 -1.68 -2.33 -0.86
C DLE A 6 1.04 -2.30 2.15
O DLE A 6 1.91 -1.96 1.35
H DLE A 6 -2.11 -2.29 3.03
HA DLE A 6 -0.32 -0.86 2.97
HB2 DLE A 6 -1.57 -0.51 0.84
HB3 DLE A 6 0.12 -0.04 0.79
HG DLE A 6 0.34 -2.51 -0.20
HD11 DLE A 6 -0.27 -1.09 -2.46
HD12 DLE A 6 0.11 0.17 -1.31
HD13 DLE A 6 1.29 -1.09 -1.63
HD21 DLE A 6 -2.42 -2.18 -0.09
HD22 DLE A 6 -2.01 -1.86 -1.78
HD23 DLE A 6 -1.54 -3.39 -1.03
N LYS A 7 1.21 -3.27 3.03
CA LYS A 7 2.46 -4.01 3.12
C LYS A 7 2.20 -5.51 3.04
N ALA A 8 1.27 -5.90 2.18
CA ALA A 8 0.93 -7.31 2.00
C ALA A 8 1.02 -7.72 0.54
N DLE A 9 0.64 -6.81 -0.36
CA DLE A 9 0.69 -7.08 -1.79
CB DLE A 9 0.78 -5.77 -2.57
CG DLE A 9 1.65 -4.68 -1.94
CD1 DLE A 9 1.76 -3.48 -2.88
CD2 DLE A 9 3.03 -5.22 -1.60
C DLE A 9 -0.54 -7.87 -2.24
O DLE A 9 -0.45 -8.72 -3.12
H DLE A 9 0.32 -5.94 -0.05
HA DLE A 9 1.57 -7.67 -1.98
HB2 DLE A 9 1.18 -5.99 -3.55
HB3 DLE A 9 -0.22 -5.38 -2.68
HG DLE A 9 1.19 -4.33 -1.02
HD11 DLE A 9 2.27 -3.78 -3.78
HD12 DLE A 9 0.77 -3.12 -3.12
HD13 DLE A 9 2.31 -2.70 -2.39
HD21 DLE A 9 3.76 -4.42 -1.67
HD22 DLE A 9 3.02 -5.61 -0.60
HD23 DLE A 9 3.29 -6.00 -2.31
N PHE A 10 -1.68 -7.57 -1.62
CA PHE A 10 -2.93 -8.25 -1.96
C PHE A 10 -3.55 -7.65 -3.22
N SER A 11 -4.25 -8.49 -3.97
CA SER A 11 -4.89 -8.05 -5.21
C SER A 11 -5.76 -6.82 -4.96
N DAL A 12 -5.28 -5.67 -5.40
CA DAL A 12 -6.01 -4.42 -5.22
CB DAL A 12 -7.38 -4.50 -5.89
C DAL A 12 -5.23 -3.23 -5.78
O DAL A 12 -4.29 -3.40 -6.57
H DAL A 12 -4.41 -5.65 -5.86
HA DAL A 12 -6.16 -4.26 -4.16
HB1 DAL A 12 -8.14 -4.59 -5.13
HB2 DAL A 12 -7.55 -3.61 -6.48
HB3 DAL A 12 -7.41 -5.37 -6.53
N PRO A 13 -5.61 -2.02 -5.37
CA PRO A 13 -4.95 -0.78 -5.81
C PRO A 13 -3.54 -0.64 -5.25
N LYS A 14 -2.59 -1.38 -5.82
CA LYS A 14 -1.20 -1.34 -5.38
C LYS A 14 -0.57 0.01 -5.69
N DAL A 15 -0.80 0.50 -6.91
CA DAL A 15 -0.25 1.78 -7.35
CB DAL A 15 1.27 1.73 -7.33
C DAL A 15 -0.76 2.91 -6.46
O DAL A 15 0.03 3.67 -5.90
H DAL A 15 -1.34 -0.03 -7.54
HA DAL A 15 -0.58 1.95 -8.36
HB1 DAL A 15 1.62 1.53 -6.32
HB2 DAL A 15 1.61 0.95 -7.99
HB3 DAL A 15 1.66 2.68 -7.66
N LEU A 16 -2.08 3.02 -6.34
CA LEU A 16 -2.69 4.06 -5.52
C LEU A 16 -2.24 3.95 -4.07
N LYS A 17 -2.45 2.79 -3.48
CA LYS A 17 -2.06 2.54 -2.09
C LYS A 17 -0.59 2.91 -1.87
N DAR A 18 0.26 2.52 -2.82
CA DAR A 18 1.68 2.82 -2.73
CB DAR A 18 2.29 2.12 -1.50
CG DAR A 18 3.80 2.07 -1.51
CD DAR A 18 4.36 1.74 -0.14
NE DAR A 18 5.74 2.20 0.02
CZ DAR A 18 6.80 1.56 -0.45
NH1 DAR A 18 6.64 0.41 -1.11
NH2 DAR A 18 8.02 2.04 -0.26
C DAR A 18 1.94 4.31 -2.65
O DAR A 18 2.55 4.81 -1.71
H DAR A 18 -0.08 2.04 -3.60
HA DAR A 18 2.16 2.42 -3.62
HB2 DAR A 18 1.97 2.66 -0.61
HB3 DAR A 18 1.91 1.11 -1.45
HG2 DAR A 18 4.13 1.32 -2.22
HG3 DAR A 18 4.19 3.04 -1.82
HD2 DAR A 18 3.74 2.20 0.62
HD3 DAR A 18 4.34 0.67 -0.01
HE DAR A 18 5.88 3.04 0.51
HH11 DAR A 18 5.73 0.04 -1.24
HH12 DAR A 18 7.44 -0.08 -1.46
HH21 DAR A 18 8.13 2.90 0.24
HH22 DAR A 18 8.80 1.55 -0.61
N LEU A 19 1.45 5.04 -3.66
CA LEU A 19 1.62 6.48 -3.71
C LEU A 19 1.16 7.13 -2.41
N LEU A 20 -0.12 6.96 -2.09
CA LEU A 20 -0.69 7.52 -0.87
C LEU A 20 0.11 7.08 0.36
N DAR A 21 0.64 5.85 0.30
CA DAR A 21 1.42 5.31 1.41
CB DAR A 21 0.58 5.27 2.69
CG DAR A 21 -0.82 4.71 2.47
CD DAR A 21 -1.64 4.73 3.76
NE DAR A 21 -1.23 3.67 4.67
CZ DAR A 21 -1.53 3.66 5.97
NH1 DAR A 21 -2.23 4.66 6.49
NH2 DAR A 21 -1.14 2.65 6.73
C DAR A 21 2.68 6.15 1.65
O DAR A 21 2.78 6.85 2.65
H DAR A 21 0.50 5.31 -0.50
HA DAR A 21 1.71 4.31 1.14
HB2 DAR A 21 1.07 4.64 3.41
HB3 DAR A 21 0.48 6.27 3.08
HG2 DAR A 21 -1.33 5.31 1.73
HG3 DAR A 21 -0.75 3.70 2.12
HD2 DAR A 21 -1.48 5.69 4.24
HD3 DAR A 21 -2.68 4.61 3.51
HE DAR A 21 -0.72 2.92 4.30
HH11 DAR A 21 -2.53 5.42 5.92
HH12 DAR A 21 -2.46 4.64 7.47
HH21 DAR A 21 -0.61 1.90 6.34
HH22 DAR A 21 -1.36 2.65 7.70
N ARG A 22 3.62 6.06 0.72
CA ARG A 22 4.86 6.81 0.83
C ARG A 22 4.59 8.31 0.96
N ARG A 23 3.68 8.81 0.15
CA ARG A 23 3.33 10.23 0.18
C ARG A 23 2.82 10.64 1.56
N DAR A 24 1.93 9.82 2.12
CA DAR A 24 1.36 10.09 3.44
CB DAR A 24 0.66 11.46 3.44
CG DAR A 24 -0.68 11.44 4.13
CD DAR A 24 -1.39 12.77 4.00
NE DAR A 24 -0.52 13.90 4.31
CZ DAR A 24 -0.16 14.24 5.53
NH1 DAR A 24 -0.62 13.56 6.58
NH2 DAR A 24 0.64 15.28 5.73
C DAR A 24 2.46 10.06 4.50
O DAR A 24 2.43 10.87 5.44
H DAR A 24 1.64 9.02 1.63
HA DAR A 24 0.64 9.32 3.65
HB2 DAR A 24 1.30 12.16 3.94
HB3 DAR A 24 0.51 11.77 2.42
HG2 DAR A 24 -1.29 10.66 3.70
HG3 DAR A 24 -0.54 11.23 5.18
HD2 DAR A 24 -1.76 12.87 2.99
HD3 DAR A 24 -2.23 12.79 4.69
HE DAR A 24 -0.17 14.42 3.55
HH11 DAR A 24 -1.22 12.78 6.44
HH12 DAR A 24 -0.35 13.82 7.50
HH21 DAR A 24 0.98 15.80 4.95
HH22 DAR A 24 0.90 15.54 6.66
N ARG A 25 3.39 9.14 4.36
CA ARG A 25 4.48 9.00 5.32
C ARG A 25 5.69 9.84 4.89
N PHE A 1 4.79 -8.13 12.89
CA PHE A 1 5.17 -6.75 12.61
C PHE A 1 5.11 -6.47 11.11
N LEU A 2 4.04 -6.92 10.47
CA LEU A 2 3.86 -6.71 9.04
C LEU A 2 2.69 -5.77 8.75
N DLY A 3 2.75 -5.09 7.62
CA DLY A 3 1.69 -4.17 7.23
C DLY A 3 0.36 -4.89 7.05
O DLY A 3 0.21 -6.03 7.48
CB DLY A 3 1.55 -3.06 8.28
CG DLY A 3 2.86 -2.39 8.66
CD DLY A 3 3.44 -2.99 9.92
CE DLY A 3 4.21 -1.96 10.72
NZ DLY A 3 5.22 -2.59 11.63
H DLY A 3 3.52 -5.22 7.02
HA DLY A 3 1.97 -3.71 6.29
HB2 DLY A 3 0.87 -2.30 7.90
HB3 DLY A 3 1.11 -3.50 9.17
HG2 DLY A 3 3.56 -2.52 7.84
HG3 DLY A 3 2.68 -1.35 8.82
HD2 DLY A 3 2.64 -3.39 10.53
HD3 DLY A 3 4.12 -3.80 9.65
HE2 DLY A 3 4.72 -1.30 10.04
HE3 DLY A 3 3.51 -1.40 11.32
HZ1 DLY A 3 4.94 -3.57 11.84
HZ2 DLY A 3 6.16 -2.60 11.18
N LYS A 4 -0.58 -4.23 6.40
CA LYS A 4 -1.90 -4.80 6.16
C LYS A 4 -2.10 -5.08 4.68
N LEU A 5 -1.93 -4.05 3.86
CA LEU A 5 -2.10 -4.18 2.42
C LEU A 5 -1.07 -3.34 1.66
N DLE A 6 -0.98 -2.06 2.04
CA DLE A 6 -0.03 -1.15 1.41
CB DLE A 6 -0.59 -0.64 0.08
CG DLE A 6 -0.66 -1.65 -1.06
CD1 DLE A 6 -0.36 -0.99 -2.39
CD2 DLE A 6 -2.02 -2.34 -1.09
C DLE A 6 1.31 -1.83 1.17
O DLE A 6 1.96 -1.62 0.14
H DLE A 6 -1.56 -1.73 2.75
HA DLE A 6 0.12 -0.31 2.07
HB2 DLE A 6 -1.60 -0.29 0.26
HB3 DLE A 6 0.01 0.18 -0.25
HG DLE A 6 0.10 -2.41 -0.90
HD11 DLE A 6 -1.09 -1.31 -3.13
HD12 DLE A 6 -0.44 0.09 -2.28
HD13 DLE A 6 0.62 -1.25 -2.72
HD21 DLE A 6 -1.88 -3.41 -1.11
HD22 DLE A 6 -2.58 -2.07 -0.22
HD23 DLE A 6 -2.55 -2.04 -1.98
N LYS A 7 1.73 -2.65 2.12
CA LYS A 7 2.99 -3.37 2.03
C LYS A 7 2.77 -4.82 1.61
N ALA A 8 1.67 -5.41 2.08
CA ALA A 8 1.34 -6.78 1.75
C ALA A 8 1.39 -7.02 0.25
N DLE A 9 0.64 -6.22 -0.49
CA DLE A 9 0.59 -6.33 -1.95
CB DLE A 9 0.24 -4.99 -2.58
CG DLE A 9 1.42 -4.13 -3.04
CD1 DLE A 9 2.20 -4.84 -4.13
CD2 DLE A 9 2.33 -3.80 -1.88
C DLE A 9 -0.43 -7.39 -2.38
O DLE A 9 -0.21 -8.11 -3.35
H DLE A 9 0.10 -5.52 -0.06
HA DLE A 9 1.57 -6.64 -2.28
HB2 DLE A 9 -0.39 -5.18 -3.44
HB3 DLE A 9 -0.32 -4.42 -1.86
HG DLE A 9 1.04 -3.21 -3.46
HD11 DLE A 9 1.52 -5.26 -4.86
HD12 DLE A 9 2.87 -4.15 -4.63
HD13 DLE A 9 2.78 -5.65 -3.70
HD21 DLE A 9 1.78 -3.88 -0.95
HD22 DLE A 9 3.16 -4.48 -1.85
HD23 DLE A 9 2.70 -2.79 -1.98
N PHE A 10 -1.52 -7.48 -1.64
CA PHE A 10 -2.56 -8.45 -1.94
C PHE A 10 -3.12 -8.24 -3.35
N SER A 11 -3.90 -7.17 -3.51
CA SER A 11 -4.49 -6.85 -4.82
C SER A 11 -5.21 -5.51 -4.77
N DAL A 12 -5.70 -5.07 -5.92
CA DAL A 12 -6.41 -3.80 -6.01
CB DAL A 12 -7.74 -3.99 -6.73
C DAL A 12 -5.57 -2.75 -6.72
O DAL A 12 -4.60 -3.06 -7.41
H DAL A 12 -5.58 -5.60 -6.73
HA DAL A 12 -6.62 -3.46 -5.01
HB1 DAL A 12 -7.96 -3.11 -7.32
HB2 DAL A 12 -7.67 -4.85 -7.38
HB3 DAL A 12 -8.52 -4.13 -6.01
N PRO A 13 -5.94 -1.47 -6.55
CA PRO A 13 -5.23 -0.35 -7.17
C PRO A 13 -3.85 -0.12 -6.56
N LYS A 14 -2.88 -0.95 -6.96
CA LYS A 14 -1.52 -0.84 -6.45
C LYS A 14 -0.99 0.58 -6.63
N DAL A 15 -1.38 1.22 -7.72
CA DAL A 15 -0.94 2.58 -8.01
CB DAL A 15 0.58 2.62 -8.16
C DAL A 15 -1.39 3.54 -6.92
O DAL A 15 -0.56 4.12 -6.21
H DAL A 15 -1.98 0.77 -8.36
HA DAL A 15 -1.38 2.89 -8.96
HB1 DAL A 15 1.04 2.57 -7.19
HB2 DAL A 15 0.90 1.79 -8.76
HB3 DAL A 15 0.87 3.55 -8.65
N LEU A 16 -2.70 3.72 -6.79
CA LEU A 16 -3.26 4.61 -5.79
C LEU A 16 -2.75 4.25 -4.39
N LYS A 17 -3.00 3.01 -3.97
CA LYS A 17 -2.56 2.54 -2.68
C LYS A 17 -1.08 2.82 -2.46
N DAR A 18 -0.28 2.55 -3.48
CA DAR A 18 1.16 2.79 -3.41
CB DAR A 18 1.77 1.97 -2.27
CG DAR A 18 3.28 1.86 -2.34
CD DAR A 18 3.86 1.41 -1.00
NE DAR A 18 4.21 -0.01 -1.00
CZ DAR A 18 5.06 -0.56 -0.15
NH1 DAR A 18 5.65 0.19 0.78
NH2 DAR A 18 5.32 -1.85 -0.21
C DAR A 18 1.47 4.26 -3.21
O DAR A 18 2.29 4.63 -2.37
H DAR A 18 -0.67 2.21 -4.32
HA DAR A 18 1.60 2.46 -4.35
HB2 DAR A 18 1.50 2.44 -1.32
HB3 DAR A 18 1.35 0.97 -2.29
HG2 DAR A 18 3.55 1.14 -3.10
HG3 DAR A 18 3.69 2.83 -2.58
HD2 DAR A 18 4.75 1.99 -0.80
HD3 DAR A 18 3.14 1.60 -0.23
HE DAR A 18 3.79 -0.58 -1.68
HH11 DAR A 18 5.46 1.16 0.83
HH12 DAR A 18 6.29 -0.23 1.42
HH21 DAR A 18 4.88 -2.42 -0.91
HH22 DAR A 18 5.96 -2.27 0.44
N LEU A 19 0.80 5.11 -4.00
CA LEU A 19 1.01 6.55 -3.91
C LEU A 19 0.73 7.05 -2.49
N LEU A 20 -0.51 6.88 -2.03
CA LEU A 20 -0.90 7.31 -0.70
C LEU A 20 -0.04 6.64 0.37
N DAR A 21 0.34 5.39 0.11
CA DAR A 21 1.17 4.64 1.05
CB DAR A 21 0.42 4.43 2.36
CG DAR A 21 -1.03 3.99 2.18
CD DAR A 21 -1.99 5.08 2.60
NE DAR A 21 -3.37 4.76 2.21
CZ DAR A 21 -4.16 3.96 2.91
NH1 DAR A 21 -3.72 3.39 4.03
NH2 DAR A 21 -5.39 3.72 2.49
C DAR A 21 2.49 5.37 1.31
O DAR A 21 2.75 5.82 2.43
H DAR A 21 0.06 4.97 -0.72
HA DAR A 21 1.39 3.68 0.61
HB2 DAR A 21 0.93 3.67 2.93
HB3 DAR A 21 0.43 5.35 2.92
HG2 DAR A 21 -1.19 3.75 1.14
HG3 DAR A 21 -1.20 3.11 2.78
HD2 DAR A 21 -1.95 5.19 3.67
HD3 DAR A 21 -1.70 6.01 2.12
HE DAR A 21 -3.71 5.18 1.39
HH11 DAR A 21 -2.79 3.57 4.33
HH12 DAR A 21 -4.31 2.78 4.54
HH21 DAR A 21 -5.73 4.15 1.66
HH22 DAR A 21 -5.99 3.11 3.02
N ARG A 22 3.31 5.48 0.28
CA ARG A 22 4.60 6.15 0.40
C ARG A 22 4.42 7.63 0.73
N ARG A 23 3.62 8.32 -0.08
CA ARG A 23 3.36 9.73 0.13
C ARG A 23 2.91 10.00 1.56
N DAR A 24 1.73 9.51 1.92
CA DAR A 24 1.19 9.69 3.25
CB DAR A 24 0.78 11.15 3.47
CG DAR A 24 -0.50 11.32 4.25
CD DAR A 24 -0.95 12.77 4.28
NE DAR A 24 -2.37 12.91 4.58
CZ DAR A 24 -3.05 14.04 4.46
NH1 DAR A 24 -2.43 15.14 4.06
NH2 DAR A 24 -4.34 14.08 4.76
C DAR A 24 2.20 9.27 4.31
O DAR A 24 2.38 9.94 5.33
H DAR A 24 1.21 9.00 1.25
HA DAR A 24 0.31 9.07 3.35
HB2 DAR A 24 1.58 11.65 4.02
HB3 DAR A 24 0.67 11.63 2.51
HG2 DAR A 24 -1.28 10.72 3.78
HG3 DAR A 24 -0.35 10.98 5.27
HD2 DAR A 24 -0.38 13.30 5.03
HD3 DAR A 24 -0.75 13.21 3.32
HE DAR A 24 -2.85 12.10 4.89
HH11 DAR A 24 -1.46 15.12 3.84
HH12 DAR A 24 -2.94 16.00 3.98
HH21 DAR A 24 -4.80 13.25 5.07
HH22 DAR A 24 -4.85 14.94 4.68
N ARG A 25 2.86 8.14 4.07
CA ARG A 25 3.87 7.62 5.01
C ARG A 25 5.27 7.91 4.50
N PHE A 1 5.50 -9.63 9.95
CA PHE A 1 5.69 -8.19 9.90
C PHE A 1 5.52 -7.66 8.48
N LEU A 2 4.36 -7.93 7.88
CA LEU A 2 4.08 -7.49 6.53
C LEU A 2 3.27 -6.20 6.54
N DLY A 3 2.00 -6.30 6.92
CA DLY A 3 1.12 -5.14 6.97
C DLY A 3 -0.33 -5.54 6.71
O DLY A 3 -0.70 -6.70 6.84
CB DLY A 3 1.23 -4.46 8.34
CG DLY A 3 2.57 -3.81 8.59
CD DLY A 3 3.54 -4.76 9.28
CE DLY A 3 3.50 -4.60 10.79
NZ DLY A 3 4.67 -5.26 11.45
H DLY A 3 1.65 -7.17 7.17
HA DLY A 3 1.44 -4.44 6.21
HB2 DLY A 3 0.46 -3.69 8.41
HB3 DLY A 3 1.06 -5.19 9.11
HG2 DLY A 3 3.00 -3.49 7.65
HG3 DLY A 3 2.43 -2.94 9.22
HD2 DLY A 3 3.27 -5.78 9.02
HD3 DLY A 3 4.54 -4.56 8.93
HE2 DLY A 3 3.49 -3.55 11.03
HE3 DLY A 3 2.59 -5.05 11.17
HZ1 DLY A 3 5.36 -5.55 10.72
HZ2 DLY A 3 5.13 -4.58 12.10
N LYS A 4 -1.14 -4.56 6.32
CA LYS A 4 -2.55 -4.82 6.03
C LYS A 4 -2.78 -4.94 4.52
N LEU A 5 -2.39 -3.91 3.78
CA LEU A 5 -2.56 -3.91 2.33
C LEU A 5 -1.36 -3.25 1.65
N DLE A 6 -1.07 -2.02 2.05
CA DLE A 6 0.05 -1.28 1.49
CB DLE A 6 -0.35 -0.65 0.14
CG DLE A 6 -0.53 -1.63 -1.03
CD1 DLE A 6 -0.07 -1.00 -2.32
CD2 DLE A 6 -1.99 -2.06 -1.13
C DLE A 6 1.26 -2.19 1.29
O DLE A 6 1.99 -2.06 0.30
H DLE A 6 -1.61 -1.60 2.76
HA DLE A 6 0.32 -0.49 2.18
HB2 DLE A 6 -1.29 -0.14 0.30
HB3 DLE A 6 0.42 0.05 -0.13
HG DLE A 6 0.08 -2.51 -0.84
HD11 DLE A 6 -0.62 -1.42 -3.14
HD12 DLE A 6 -0.22 0.07 -2.28
HD13 DLE A 6 0.98 -1.19 -2.46
HD21 DLE A 6 -2.41 -1.67 -2.04
HD22 DLE A 6 -2.03 -3.15 -1.15
HD23 DLE A 6 -2.54 -1.70 -0.28
N LYS A 7 1.48 -3.09 2.24
CA LYS A 7 2.60 -4.01 2.18
C LYS A 7 2.13 -5.41 1.77
N ALA A 8 0.95 -5.79 2.25
CA ALA A 8 0.39 -7.10 1.92
C ALA A 8 0.40 -7.34 0.42
N DLE A 9 0.14 -6.29 -0.35
CA DLE A 9 0.11 -6.39 -1.80
CB DLE A 9 0.05 -4.99 -2.43
CG DLE A 9 1.41 -4.39 -2.83
CD1 DLE A 9 2.08 -5.23 -3.89
CD2 DLE A 9 2.30 -4.24 -1.60
C DLE A 9 -1.09 -7.21 -2.27
O DLE A 9 -0.97 -8.02 -3.18
H DLE A 9 -0.03 -5.42 0.08
HA DLE A 9 1.02 -6.88 -2.12
HB2 DLE A 9 -0.55 -5.05 -3.31
HB3 DLE A 9 -0.40 -4.33 -1.72
HG DLE A 9 1.23 -3.40 -3.24
HD11 DLE A 9 1.35 -5.57 -4.60
HD12 DLE A 9 2.82 -4.65 -4.40
HD13 DLE A 9 2.55 -6.08 -3.42
HD21 DLE A 9 3.05 -5.02 -1.61
HD22 DLE A 9 2.80 -3.27 -1.64
HD23 DLE A 9 1.71 -4.30 -0.71
N PHE A 10 -2.23 -7.00 -1.62
CA PHE A 10 -3.45 -7.72 -1.97
C PHE A 10 -3.98 -7.27 -3.33
N SER A 11 -4.89 -8.06 -3.88
CA SER A 11 -5.49 -7.73 -5.17
C SER A 11 -6.27 -6.42 -5.11
N DAL A 12 -5.93 -5.50 -6.01
CA DAL A 12 -6.59 -4.21 -6.05
CB DAL A 12 -7.86 -4.29 -6.89
C DAL A 12 -5.66 -3.13 -6.60
O DAL A 12 -4.65 -3.42 -7.24
H DAL A 12 -5.22 -5.69 -6.65
HA DAL A 12 -6.87 -3.93 -5.04
HB1 DAL A 12 -7.83 -3.54 -7.66
HB2 DAL A 12 -7.94 -5.27 -7.33
HB3 DAL A 12 -8.72 -4.11 -6.25
N PRO A 13 -6.01 -1.86 -6.36
CA PRO A 13 -5.22 -0.71 -6.83
C PRO A 13 -3.89 -0.59 -6.10
N LYS A 14 -2.93 -1.42 -6.49
CA LYS A 14 -1.61 -1.41 -5.87
C LYS A 14 -0.89 -0.08 -6.12
N DAL A 15 -0.91 0.36 -7.38
CA DAL A 15 -0.27 1.61 -7.77
CB DAL A 15 1.25 1.48 -7.67
C DAL A 15 -0.76 2.76 -6.89
O DAL A 15 0.03 3.42 -6.22
H DAL A 15 -1.35 -0.18 -8.07
HA DAL A 15 -0.51 1.81 -8.79
HB1 DAL A 15 1.62 0.93 -8.52
HB2 DAL A 15 1.69 2.46 -7.64
HB3 DAL A 15 1.50 0.95 -6.76
N LEU A 16 -2.07 3.00 -6.92
CA LEU A 16 -2.66 4.08 -6.14
C LEU A 16 -2.34 3.92 -4.66
N LYS A 17 -2.63 2.74 -4.12
CA LYS A 17 -2.36 2.46 -2.72
C LYS A 17 -0.92 2.80 -2.36
N DAR A 18 0.00 2.43 -3.24
CA DAR A 18 1.42 2.69 -3.02
CB DAR A 18 1.89 2.03 -1.73
CG DAR A 18 3.35 1.64 -1.74
CD DAR A 18 3.76 0.96 -0.43
NE DAR A 18 3.97 1.93 0.65
CZ DAR A 18 5.07 2.65 0.78
NH1 DAR A 18 6.06 2.52 -0.09
NH2 DAR A 18 5.19 3.52 1.79
C DAR A 18 1.69 4.19 -2.96
O DAR A 18 2.37 4.67 -2.06
H DAR A 18 -0.28 1.97 -4.07
HA DAR A 18 1.97 2.27 -3.85
HB2 DAR A 18 1.73 2.71 -0.91
HB3 DAR A 18 1.30 1.13 -1.57
HG2 DAR A 18 3.53 0.95 -2.56
HG3 DAR A 18 3.96 2.53 -1.87
HD2 DAR A 18 2.98 0.27 -0.14
HD3 DAR A 18 4.69 0.43 -0.60
HE DAR A 18 3.25 2.05 1.30
HH11 DAR A 18 5.98 1.88 -0.85
HH12 DAR A 18 6.90 3.07 0.02
HH21 DAR A 18 4.44 3.61 2.44
HH22 DAR A 18 6.01 4.06 1.89
N LEU A 19 1.16 4.92 -3.93
CA LEU A 19 1.35 6.37 -4.00
C LEU A 19 0.86 7.03 -2.71
N LEU A 20 -0.44 6.89 -2.43
CA LEU A 20 -1.02 7.47 -1.23
C LEU A 20 -0.35 6.94 0.03
N DAR A 21 0.08 5.69 -0.01
CA DAR A 21 0.75 5.06 1.12
CB DAR A 21 -0.18 5.04 2.34
CG DAR A 21 -1.52 4.39 2.07
CD DAR A 21 -2.47 4.55 3.26
NE DAR A 21 -2.26 3.51 4.26
CZ DAR A 21 -3.04 3.36 5.32
NH1 DAR A 21 -4.07 4.16 5.52
NH2 DAR A 21 -2.78 2.38 6.20
C DAR A 21 2.04 5.80 1.46
O DAR A 21 2.16 6.41 2.53
H DAR A 21 -0.07 5.15 -0.83
HA DAR A 21 0.98 4.05 0.85
HB2 DAR A 21 0.31 4.50 3.14
HB3 DAR A 21 -0.35 6.05 2.66
HG2 DAR A 21 -1.97 4.86 1.20
HG3 DAR A 21 -1.38 3.34 1.88
HD2 DAR A 21 -2.29 5.52 3.72
HD3 DAR A 21 -3.49 4.50 2.90
HE DAR A 21 -1.50 2.90 4.14
HH11 DAR A 21 -4.26 4.89 4.87
HH12 DAR A 21 -4.66 4.04 6.32
HH21 DAR A 21 -2.01 1.78 6.05
HH22 DAR A 21 -3.37 2.27 7.00
N ARG A 22 3.00 5.74 0.54
CA ARG A 22 4.29 6.41 0.75
C ARG A 22 4.10 7.91 0.94
N ARG A 23 3.41 8.54 -0.01
CA ARG A 23 3.17 9.98 0.06
C ARG A 23 2.56 10.36 1.41
N DAR A 24 1.59 9.56 1.86
CA DAR A 24 0.94 9.82 3.14
CB DAR A 24 0.28 11.20 3.12
CG DAR A 24 -1.07 11.25 3.83
CD DAR A 24 -1.77 12.58 3.61
NE DAR A 24 -3.13 12.57 4.14
CZ DAR A 24 -3.42 12.67 5.43
NH1 DAR A 24 -2.44 12.80 6.33
NH2 DAR A 24 -4.68 12.66 5.84
C DAR A 24 1.92 9.72 4.29
O DAR A 24 1.93 10.57 5.19
H DAR A 24 1.33 8.79 1.34
HA DAR A 24 0.17 9.07 3.27
HB2 DAR A 24 0.94 11.91 3.60
HB3 DAR A 24 0.13 11.51 2.10
HG2 DAR A 24 -1.68 10.45 3.47
HG3 DAR A 24 -0.90 11.12 4.90
HD2 DAR A 24 -1.21 13.36 4.09
HD3 DAR A 24 -1.82 12.77 2.54
HE DAR A 24 -3.87 12.47 3.50
HH11 DAR A 24 -1.48 12.81 6.02
HH12 DAR A 24 -2.65 12.88 7.30
HH21 DAR A 24 -5.42 12.56 5.18
HH22 DAR A 24 -4.88 12.75 6.82
N ARG A 25 2.76 8.69 4.27
CA ARG A 25 3.75 8.49 5.31
C ARG A 25 4.98 9.35 5.07
N PHE A 1 8.22 -5.01 7.61
CA PHE A 1 7.69 -4.53 6.33
C PHE A 1 6.28 -5.06 6.11
N LEU A 2 5.45 -4.98 7.14
CA LEU A 2 4.07 -5.46 7.06
C LEU A 2 3.10 -4.35 7.47
N DLY A 3 1.80 -4.65 7.40
CA DLY A 3 0.78 -3.69 7.76
C DLY A 3 -0.62 -4.25 7.47
O DLY A 3 -0.86 -5.46 7.59
CB DLY A 3 0.88 -3.33 9.25
CG DLY A 3 0.64 -4.50 10.18
CD DLY A 3 1.89 -5.34 10.37
CE DLY A 3 2.17 -5.59 11.84
NZ DLY A 3 1.19 -6.53 12.45
H DLY A 3 1.55 -5.55 7.09
HA DLY A 3 0.92 -2.80 7.17
HB2 DLY A 3 1.88 -2.96 9.44
HB3 DLY A 3 0.16 -2.56 9.47
HG2 DLY A 3 0.31 -4.13 11.14
HG3 DLY A 3 -0.14 -5.12 9.77
HD2 DLY A 3 1.75 -6.29 9.87
HD3 DLY A 3 2.72 -4.82 9.94
HE2 DLY A 3 3.17 -6.00 11.94
HE3 DLY A 3 2.12 -4.65 12.37
HZ1 DLY A 3 1.69 -7.27 12.99
HZ2 DLY A 3 0.55 -6.03 13.09
N LYS A 4 -1.53 -3.37 7.07
CA LYS A 4 -2.90 -3.78 6.76
C LYS A 4 -3.02 -4.18 5.30
N LEU A 5 -2.60 -3.29 4.41
CA LEU A 5 -2.66 -3.56 2.97
C LEU A 5 -1.46 -2.94 2.25
N DLE A 6 -1.24 -1.65 2.48
CA DLE A 6 -0.12 -0.95 1.86
CB DLE A 6 -0.48 -0.55 0.43
CG DLE A 6 -0.56 -1.69 -0.58
CD1 DLE A 6 -0.05 -1.23 -1.94
CD2 DLE A 6 -1.98 -2.20 -0.69
C DLE A 6 1.13 -1.81 1.86
O DLE A 6 1.91 -1.80 0.89
H DLE A 6 -1.83 -1.16 3.09
HA DLE A 6 0.07 -0.05 2.44
HB2 DLE A 6 -1.45 -0.06 0.45
HB3 DLE A 6 0.26 0.15 0.08
HG DLE A 6 0.07 -2.50 -0.25
HD11 DLE A 6 1.00 -1.46 -2.03
HD12 DLE A 6 -0.60 -1.73 -2.73
HD13 DLE A 6 -0.19 -0.16 -2.03
HD21 DLE A 6 -2.38 -1.95 -1.67
HD22 DLE A 6 -1.99 -3.28 -0.58
HD23 DLE A 6 -2.59 -1.76 0.07
N LYS A 7 1.34 -2.55 2.94
CA LYS A 7 2.50 -3.42 3.06
C LYS A 7 2.13 -4.89 2.81
N ALA A 8 0.93 -5.26 3.24
CA ALA A 8 0.44 -6.62 3.06
C ALA A 8 0.57 -7.06 1.60
N DLE A 9 0.06 -6.23 0.70
CA DLE A 9 0.11 -6.54 -0.73
CB DLE A 9 0.04 -5.25 -1.54
CG DLE A 9 1.38 -4.68 -2.02
CD1 DLE A 9 2.11 -5.68 -2.90
CD2 DLE A 9 2.23 -4.27 -0.84
C DLE A 9 -1.01 -7.48 -1.13
O DLE A 9 -0.82 -8.40 -1.93
H DLE A 9 -0.36 -5.40 0.99
HA DLE A 9 1.06 -7.02 -0.92
HB2 DLE A 9 -0.57 -5.45 -2.42
HB3 DLE A 9 -0.44 -4.50 -0.93
HG DLE A 9 1.18 -3.79 -2.62
HD11 DLE A 9 1.39 -6.31 -3.41
HD12 DLE A 9 2.71 -5.16 -3.62
HD13 DLE A 9 2.74 -6.30 -2.28
HD21 DLE A 9 3.07 -4.96 -0.75
HD22 DLE A 9 2.61 -3.26 -0.99
HD23 DLE A 9 1.64 -4.30 0.06
N PHE A 10 -2.20 -7.25 -0.57
CA PHE A 10 -3.35 -8.08 -0.87
C PHE A 10 -3.65 -8.08 -2.36
N SER A 11 -4.21 -6.98 -2.85
CA SER A 11 -4.54 -6.86 -4.27
C SER A 11 -5.10 -5.47 -4.58
N DAL A 12 -5.57 -5.29 -5.80
CA DAL A 12 -6.14 -4.02 -6.22
CB DAL A 12 -7.28 -4.24 -7.21
C DAL A 12 -5.07 -3.12 -6.84
O DAL A 12 -4.00 -3.57 -7.23
H DAL A 12 -5.54 -6.03 -6.45
HA DAL A 12 -6.55 -3.53 -5.35
HB1 DAL A 12 -8.16 -3.71 -6.88
HB2 DAL A 12 -6.99 -3.87 -8.18
HB3 DAL A 12 -7.50 -5.30 -7.27
N PRO A 13 -5.38 -1.81 -6.94
CA PRO A 13 -4.46 -0.83 -7.50
C PRO A 13 -3.24 -0.59 -6.61
N LYS A 14 -2.24 -1.44 -6.73
CA LYS A 14 -1.02 -1.33 -5.94
C LYS A 14 -0.39 0.05 -6.11
N DAL A 15 -0.48 0.59 -7.33
CA DAL A 15 0.09 1.90 -7.63
CB DAL A 15 1.60 1.87 -7.45
C DAL A 15 -0.54 2.98 -6.75
O DAL A 15 0.17 3.78 -6.14
H DAL A 15 -0.91 0.09 -8.04
HA DAL A 15 -0.12 2.12 -8.67
HB1 DAL A 15 1.97 0.88 -7.62
HB2 DAL A 15 2.05 2.55 -8.16
HB3 DAL A 15 1.84 2.19 -6.45
N LEU A 16 -1.86 2.99 -6.68
CA LEU A 16 -2.58 3.96 -5.87
C LEU A 16 -2.29 3.76 -4.38
N LYS A 17 -2.59 2.55 -3.90
CA LYS A 17 -2.37 2.22 -2.49
C LYS A 17 -0.94 2.56 -2.08
N DAR A 18 0.02 2.21 -2.93
CA DAR A 18 1.42 2.49 -2.64
CB DAR A 18 1.84 1.80 -1.35
CG DAR A 18 3.35 1.78 -1.14
CD DAR A 18 3.70 1.84 0.35
NE DAR A 18 5.07 2.27 0.58
CZ DAR A 18 6.14 1.53 0.28
NH1 DAR A 18 5.99 0.33 -0.26
NH2 DAR A 18 7.36 2.00 0.51
C DAR A 18 1.68 3.99 -2.55
O DAR A 18 2.29 4.46 -1.59
H DAR A 18 -0.23 1.77 -3.77
HA DAR A 18 2.01 2.09 -3.47
HB2 DAR A 18 1.39 2.32 -0.52
HB3 DAR A 18 1.49 0.79 -1.36
HG2 DAR A 18 3.75 0.88 -1.56
HG3 DAR A 18 3.78 2.65 -1.62
HD2 DAR A 18 3.03 2.52 0.84
HD3 DAR A 18 3.57 0.84 0.77
HE DAR A 18 5.21 3.15 0.97
HH11 DAR A 18 5.07 -0.03 -0.43
HH12 DAR A 18 6.78 -0.23 -0.48
HH21 DAR A 18 7.47 2.90 0.91
HH22 DAR A 18 8.16 1.44 0.29
N LEU A 19 1.22 4.73 -3.55
CA LEU A 19 1.40 6.18 -3.58
C LEU A 19 0.87 6.81 -2.31
N LEU A 20 -0.44 6.69 -2.09
CA LEU A 20 -1.07 7.25 -0.91
C LEU A 20 -0.43 6.73 0.37
N DAR A 21 0.00 5.47 0.33
CA DAR A 21 0.65 4.85 1.48
CB DAR A 21 -0.33 4.77 2.65
CG DAR A 21 -1.68 4.19 2.29
CD DAR A 21 -2.52 3.91 3.53
NE DAR A 21 -2.56 5.05 4.43
CZ DAR A 21 -3.12 5.01 5.63
NH1 DAR A 21 -3.69 3.90 6.07
NH2 DAR A 21 -3.12 6.10 6.40
C DAR A 21 1.90 5.61 1.88
O DAR A 21 1.92 6.28 2.92
H DAR A 21 -0.11 4.95 -0.49
HA DAR A 21 0.94 3.85 1.19
HB2 DAR A 21 0.11 4.15 3.42
HB3 DAR A 21 -0.48 5.76 3.04
HG2 DAR A 21 -2.20 4.90 1.66
HG3 DAR A 21 -1.53 3.27 1.75
HD2 DAR A 21 -3.53 3.67 3.22
HD3 DAR A 21 -2.09 3.06 4.04
HE DAR A 21 -2.15 5.89 4.13
HH11 DAR A 21 -3.69 3.08 5.49
HH12 DAR A 21 -4.12 3.88 6.98
HH21 DAR A 21 -2.70 6.95 6.07
HH22 DAR A 21 -3.55 6.07 7.30
N ARG A 22 2.94 5.53 1.06
CA ARG A 22 4.20 6.22 1.34
C ARG A 22 3.97 7.72 1.49
N ARG A 23 3.28 8.31 0.51
CA ARG A 23 3.00 9.75 0.54
C ARG A 23 2.36 10.14 1.87
N DAR A 24 1.18 9.61 2.14
CA DAR A 24 0.47 9.91 3.38
CB DAR A 24 -0.02 11.36 3.36
CG DAR A 24 -1.46 11.52 3.83
CD DAR A 24 -1.90 12.98 3.75
NE DAR A 24 -2.88 13.30 4.79
CZ DAR A 24 -4.15 12.92 4.76
NH1 DAR A 24 -4.60 12.20 3.74
NH2 DAR A 24 -4.97 13.25 5.74
C DAR A 24 1.36 9.68 4.59
O DAR A 24 1.29 10.41 5.57
H DAR A 24 0.78 8.99 1.50
HA DAR A 24 -0.38 9.26 3.44
HB2 DAR A 24 0.61 11.95 4.01
HB3 DAR A 24 0.07 11.74 2.36
HG2 DAR A 24 -2.09 10.92 3.19
HG3 DAR A 24 -1.53 11.19 4.84
HD2 DAR A 24 -1.04 13.61 3.87
HD3 DAR A 24 -2.36 13.15 2.79
HE DAR A 24 -2.57 13.83 5.56
HH11 DAR A 24 -3.98 11.94 3.00
HH12 DAR A 24 -5.56 11.90 3.71
HH21 DAR A 24 -4.63 13.80 6.51
HH22 DAR A 24 -5.93 12.96 5.71
N ARG A 25 2.20 8.65 4.51
CA ARG A 25 3.11 8.32 5.60
C ARG A 25 4.29 9.28 5.65
N PHE A 1 6.99 -7.88 12.59
CA PHE A 1 5.61 -7.66 12.17
C PHE A 1 5.57 -7.24 10.70
N LEU A 2 4.44 -7.49 10.06
CA LEU A 2 4.26 -7.15 8.65
C LEU A 2 3.04 -6.24 8.46
N DLY A 3 3.03 -5.48 7.38
CA DLY A 3 1.93 -4.58 7.08
C DLY A 3 0.63 -5.36 6.86
O DLY A 3 0.54 -6.54 7.21
CB DLY A 3 1.75 -3.58 8.22
CG DLY A 3 3.03 -2.87 8.63
CD DLY A 3 3.67 -3.52 9.83
CE DLY A 3 4.53 -2.54 10.62
NZ DLY A 3 3.73 -1.79 11.63
H DLY A 3 3.80 -5.52 6.75
HA DLY A 3 2.17 -4.04 6.17
HB2 DLY A 3 1.03 -2.83 7.91
HB3 DLY A 3 1.36 -4.09 9.08
HG2 DLY A 3 3.72 -2.91 7.80
HG3 DLY A 3 2.80 -1.84 8.86
HD2 DLY A 3 2.89 -3.90 10.48
HD3 DLY A 3 4.29 -4.35 9.50
HE2 DLY A 3 5.31 -3.09 11.12
HE3 DLY A 3 4.96 -1.84 9.92
HZ1 DLY A 3 3.13 -1.09 11.16
HZ2 DLY A 3 3.13 -2.45 12.16
N LYS A 4 -0.36 -4.69 6.29
CA LYS A 4 -1.65 -5.32 6.03
C LYS A 4 -1.88 -5.47 4.53
N LEU A 5 -1.78 -4.36 3.80
CA LEU A 5 -1.97 -4.37 2.36
C LEU A 5 -1.01 -3.41 1.67
N DLE A 6 -1.01 -2.16 2.13
CA DLE A 6 -0.13 -1.14 1.56
CB DLE A 6 -0.73 -0.58 0.27
CG DLE A 6 -0.72 -1.51 -0.94
CD1 DLE A 6 -0.49 -0.72 -2.21
CD2 DLE A 6 -2.03 -2.29 -1.02
C DLE A 6 1.26 -1.71 1.27
O DLE A 6 1.89 -1.37 0.28
H DLE A 6 -1.60 -1.91 2.87
HA DLE A 6 -0.03 -0.34 2.29
HB2 DLE A 6 -1.76 -0.32 0.48
HB3 DLE A 6 -0.19 0.31 0.02
HG DLE A 6 0.09 -2.22 -0.83
HD11 DLE A 6 -0.57 0.33 -2.00
HD12 DLE A 6 0.51 -0.94 -2.59
HD13 DLE A 6 -1.22 -1.01 -2.96
HD21 DLE A 6 -1.82 -3.29 -1.38
HD22 DLE A 6 -2.48 -2.34 -0.05
HD23 DLE A 6 -2.69 -1.80 -1.71
N LYS A 7 1.73 -2.58 2.16
CA LYS A 7 3.04 -3.20 2.01
C LYS A 7 2.92 -4.62 1.48
N ALA A 8 1.86 -5.32 1.90
CA ALA A 8 1.62 -6.69 1.47
C ALA A 8 1.66 -6.79 -0.06
N DLE A 9 0.94 -5.89 -0.72
CA DLE A 9 0.88 -5.88 -2.18
CB DLE A 9 0.67 -4.44 -2.69
CG DLE A 9 1.96 -3.63 -2.90
CD1 DLE A 9 2.79 -4.23 -4.02
CD2 DLE A 9 2.76 -3.55 -1.61
C DLE A 9 -0.26 -6.77 -2.68
O DLE A 9 -0.11 -7.45 -3.69
H DLE A 9 0.43 -5.22 -0.21
HA DLE A 9 1.82 -6.25 -2.56
HB2 DLE A 9 0.16 -4.50 -3.62
HB3 DLE A 9 0.07 -3.92 -1.97
HG DLE A 9 1.69 -2.62 -3.19
HD11 DLE A 9 3.36 -5.06 -3.63
HD12 DLE A 9 2.15 -4.58 -4.81
HD13 DLE A 9 3.47 -3.48 -4.41
HD21 DLE A 9 3.55 -4.28 -1.63
HD22 DLE A 9 3.20 -2.56 -1.53
HD23 DLE A 9 2.11 -3.73 -0.77
N PHE A 10 -1.38 -6.75 -1.98
CA PHE A 10 -2.53 -7.56 -2.35
C PHE A 10 -3.15 -7.05 -3.65
N SER A 11 -4.07 -7.83 -4.20
CA SER A 11 -4.74 -7.46 -5.45
C SER A 11 -5.58 -6.19 -5.25
N DAL A 12 -5.52 -5.30 -6.24
CA DAL A 12 -6.27 -4.06 -6.18
CB DAL A 12 -7.56 -4.18 -6.97
C DAL A 12 -5.43 -2.88 -6.70
O DAL A 12 -4.43 -3.06 -7.39
H DAL A 12 -4.96 -5.48 -7.02
HA DAL A 12 -6.53 -3.86 -5.14
HB1 DAL A 12 -8.35 -4.52 -6.33
HB2 DAL A 12 -7.83 -3.21 -7.38
HB3 DAL A 12 -7.42 -4.88 -7.78
N PRO A 13 -5.87 -1.66 -6.36
CA PRO A 13 -5.17 -0.43 -6.78
C PRO A 13 -3.82 -0.26 -6.09
N LYS A 14 -2.82 -1.01 -6.56
CA LYS A 14 -1.49 -0.94 -5.98
C LYS A 14 -0.88 0.44 -6.19
N DAL A 15 -1.04 0.97 -7.39
CA DAL A 15 -0.50 2.29 -7.73
CB DAL A 15 1.02 2.28 -7.65
C DAL A 15 -1.06 3.36 -6.80
O DAL A 15 -0.32 4.03 -6.07
H DAL A 15 -1.53 0.47 -8.08
HA DAL A 15 -0.78 2.52 -8.74
HB1 DAL A 15 1.41 3.20 -8.04
HB2 DAL A 15 1.33 2.16 -6.62
HB3 DAL A 15 1.40 1.45 -8.23
N LEU A 16 -2.39 3.53 -6.82
CA LEU A 16 -3.04 4.52 -5.98
C LEU A 16 -2.69 4.31 -4.51
N LYS A 17 -2.97 3.11 -4.00
CA LYS A 17 -2.67 2.78 -2.61
C LYS A 17 -1.22 3.11 -2.27
N DAR A 18 -0.32 2.77 -3.17
CA DAR A 18 1.10 3.02 -2.97
CB DAR A 18 1.59 2.33 -1.69
CG DAR A 18 3.08 2.04 -1.69
CD DAR A 18 3.41 0.85 -2.57
NE DAR A 18 4.79 0.89 -3.05
CZ DAR A 18 5.29 0.04 -3.94
NH1 DAR A 18 4.52 -0.90 -4.47
NH2 DAR A 18 6.55 0.14 -4.32
C DAR A 18 1.38 4.53 -2.88
O DAR A 18 2.11 4.98 -2.00
H DAR A 18 -0.61 2.32 -4.00
HA DAR A 18 1.64 2.62 -3.81
HB2 DAR A 18 1.37 2.97 -0.85
HB3 DAR A 18 1.05 1.40 -1.57
HG2 DAR A 18 3.61 2.91 -2.04
HG3 DAR A 18 3.40 1.82 -0.68
HD2 DAR A 18 3.26 -0.06 -2.01
HD3 DAR A 18 2.75 0.86 -3.43
HE DAR A 18 5.39 1.58 -2.67
HH11 DAR A 18 3.56 -0.97 -4.18
HH12 DAR A 18 4.89 -1.53 -5.14
HH21 DAR A 18 7.14 0.85 -3.94
HH22 DAR A 18 6.92 -0.49 -5.00
N LEU A 19 0.78 5.29 -3.80
CA LEU A 19 0.95 6.73 -3.83
C LEU A 19 0.52 7.36 -2.50
N LEU A 20 -0.76 7.18 -2.16
CA LEU A 20 -1.30 7.73 -0.93
C LEU A 20 -0.57 7.17 0.29
N DAR A 21 -0.16 5.91 0.19
CA DAR A 21 0.56 5.26 1.28
CB DAR A 21 -0.32 5.19 2.54
CG DAR A 21 -1.74 4.74 2.26
CD DAR A 21 -2.25 3.81 3.33
NE DAR A 21 -3.67 3.50 3.17
CZ DAR A 21 -4.41 2.91 4.11
NH1 DAR A 21 -3.87 2.57 5.26
NH2 DAR A 21 -5.70 2.67 3.88
C DAR A 21 1.86 6.00 1.60
O DAR A 21 1.98 6.64 2.63
H DAR A 21 -0.35 5.40 -0.62
HA DAR A 21 0.80 4.25 0.97
HB2 DAR A 21 0.13 4.50 3.23
HB3 DAR A 21 -0.34 6.17 2.99
HG2 DAR A 21 -2.38 5.62 2.22
HG3 DAR A 21 -1.77 4.24 1.31
HD2 DAR A 21 -1.69 2.89 3.28
HD3 DAR A 21 -2.10 4.27 4.29
HE DAR A 21 -4.09 3.74 2.32
HH11 DAR A 21 -2.90 2.75 5.44
HH12 DAR A 21 -4.43 2.13 5.96
HH21 DAR A 21 -6.11 2.92 3.00
HH22 DAR A 21 -6.25 2.23 4.59
N ARG A 22 2.82 5.90 0.68
CA ARG A 22 4.11 6.56 0.86
C ARG A 22 3.93 8.05 1.11
N ARG A 23 3.18 8.70 0.24
CA ARG A 23 2.92 10.14 0.37
C ARG A 23 2.41 10.48 1.77
N DAR A 24 1.43 9.71 2.23
CA DAR A 24 0.86 9.94 3.56
CB DAR A 24 0.28 11.36 3.65
CG DAR A 24 -1.10 11.40 4.29
CD DAR A 24 -1.62 12.83 4.36
NE DAR A 24 -2.68 12.97 5.36
CZ DAR A 24 -3.17 14.15 5.74
NH1 DAR A 24 -2.71 15.27 5.22
NH2 DAR A 24 -4.13 14.20 6.66
C DAR A 24 1.90 9.73 4.65
O DAR A 24 1.91 10.43 5.66
H DAR A 24 1.08 8.99 1.68
HA DAR A 24 0.06 9.22 3.70
HB2 DAR A 24 0.95 11.96 4.24
HB3 DAR A 24 0.21 11.77 2.66
HG2 DAR A 24 -1.78 10.81 3.70
HG3 DAR A 24 -1.04 11.01 5.29
HD2 DAR A 24 -0.81 13.49 4.62
HD3 DAR A 24 -2.02 13.10 3.39
HE DAR A 24 -3.04 12.16 5.76
HH11 DAR A 24 -1.98 15.23 4.53
HH12 DAR A 24 -3.08 16.15 5.51
HH21 DAR A 24 -4.49 13.35 7.06
HH22 DAR A 24 -4.50 15.08 6.95
N ARG A 25 2.78 8.75 4.43
CA ARG A 25 3.83 8.45 5.39
C ARG A 25 5.16 9.07 4.96
N PHE A 1 7.32 -5.15 8.49
CA PHE A 1 6.50 -4.18 7.78
C PHE A 1 5.36 -4.87 7.04
N LEU A 2 4.28 -5.15 7.76
CA LEU A 2 3.12 -5.81 7.16
C LEU A 2 1.82 -5.12 7.57
N DLY A 3 0.70 -5.63 7.08
CA DLY A 3 -0.60 -5.06 7.40
C DLY A 3 -1.71 -5.80 6.67
O DLY A 3 -1.66 -7.03 6.53
CB DLY A 3 -0.84 -5.09 8.90
CG DLY A 3 -0.51 -6.43 9.54
CD DLY A 3 0.80 -6.38 10.30
CE DLY A 3 0.74 -7.20 11.58
NZ DLY A 3 0.02 -6.49 12.67
H DLY A 3 0.76 -6.40 6.47
HA DLY A 3 -0.61 -4.02 7.07
HB2 DLY A 3 -0.24 -4.33 9.38
HB3 DLY A 3 -1.88 -4.87 9.10
HG2 DLY A 3 -1.30 -6.70 10.22
HG3 DLY A 3 -0.44 -7.18 8.76
HD2 DLY A 3 1.59 -6.76 9.66
HD3 DLY A 3 1.02 -5.35 10.55
HE2 DLY A 3 0.23 -8.13 11.37
HE3 DLY A 3 1.75 -7.41 11.90
HZ1 DLY A 3 -0.02 -5.48 12.45
HZ2 DLY A 3 -0.94 -6.86 12.75
N LYS A 4 -2.72 -5.07 6.21
CA LYS A 4 -3.85 -5.67 5.51
C LYS A 4 -3.56 -5.78 4.02
N LEU A 5 -3.19 -4.65 3.41
CA LEU A 5 -2.89 -4.61 1.98
C LEU A 5 -1.68 -3.73 1.70
N DLE A 6 -1.70 -2.53 2.27
CA DLE A 6 -0.60 -1.57 2.09
CB DLE A 6 -0.74 -0.86 0.74
CG DLE A 6 -0.46 -1.70 -0.50
CD1 DLE A 6 0.22 -0.87 -1.57
CD2 DLE A 6 -1.75 -2.32 -1.04
C DLE A 6 0.74 -2.29 2.16
O DLE A 6 1.67 -1.96 1.41
H DLE A 6 -2.46 -2.27 2.82
HA DLE A 6 -0.66 -0.85 2.88
HB2 DLE A 6 -1.76 -0.49 0.67
HB3 DLE A 6 -0.06 -0.03 0.73
HG DLE A 6 0.21 -2.51 -0.23
HD11 DLE A 6 -0.21 -1.10 -2.53
HD12 DLE A 6 0.07 0.18 -1.36
HD13 DLE A 6 1.28 -1.09 -1.58
HD21 DLE A 6 -2.55 -2.13 -0.35
HD22 DLE A 6 -1.98 -1.88 -1.99
HD23 DLE A 6 -1.62 -3.39 -1.15
N LYS A 7 0.85 -3.24 3.07
CA LYS A 7 2.09 -4.00 3.24
C LYS A 7 1.84 -5.50 3.13
N ALA A 8 0.98 -5.88 2.19
CA ALA A 8 0.65 -7.29 1.97
C ALA A 8 0.87 -7.69 0.52
N DLE A 9 0.55 -6.77 -0.40
CA DLE A 9 0.72 -7.04 -1.81
CB DLE A 9 0.81 -5.72 -2.60
CG DLE A 9 1.57 -4.59 -1.89
CD1 DLE A 9 1.73 -3.39 -2.83
CD2 DLE A 9 2.94 -5.07 -1.41
C DLE A 9 -0.43 -7.87 -2.35
O DLE A 9 -0.24 -8.72 -3.22
H DLE A 9 0.21 -5.91 -0.10
HA DLE A 9 1.64 -7.59 -1.95
HB2 DLE A 9 1.30 -5.92 -3.53
HB3 DLE A 9 -0.19 -5.38 -2.78
HG DLE A 9 1.01 -4.26 -1.03
HD11 DLE A 9 2.35 -2.66 -2.36
HD12 DLE A 9 2.18 -3.72 -3.75
HD13 DLE A 9 0.76 -2.97 -3.04
HD21 DLE A 9 3.60 -4.23 -1.33
HD22 DLE A 9 2.83 -5.55 -0.45
HD23 DLE A 9 3.33 -5.78 -2.12
N PHE A 10 -1.63 -7.62 -1.83
CA PHE A 10 -2.82 -8.35 -2.26
C PHE A 10 -3.44 -7.72 -3.49
N SER A 11 -4.12 -8.53 -4.30
CA SER A 11 -4.76 -8.04 -5.52
C SER A 11 -5.64 -6.84 -5.22
N DAL A 12 -5.19 -5.66 -5.64
CA DAL A 12 -5.94 -4.42 -5.43
CB DAL A 12 -7.31 -4.53 -6.07
C DAL A 12 -5.18 -3.22 -5.98
O DAL A 12 -4.27 -3.34 -6.78
H DAL A 12 -4.33 -5.62 -6.12
HA DAL A 12 -6.07 -4.30 -4.36
HB1 DAL A 12 -8.06 -4.66 -5.29
HB2 DAL A 12 -7.53 -3.62 -6.61
HB3 DAL A 12 -7.33 -5.37 -6.74
N PRO A 13 -5.57 -2.02 -5.53
CA PRO A 13 -4.95 -0.77 -5.96
C PRO A 13 -3.53 -0.62 -5.42
N LYS A 14 -2.59 -1.34 -6.02
CA LYS A 14 -1.20 -1.29 -5.61
C LYS A 14 -0.61 0.11 -5.86
N DAL A 15 -0.85 0.63 -7.05
CA DAL A 15 -0.34 1.95 -7.42
CB DAL A 15 1.18 1.95 -7.43
C DAL A 15 -0.87 3.03 -6.47
O DAL A 15 -0.09 3.71 -5.81
H DAL A 15 -1.37 0.12 -7.70
HA DAL A 15 -0.68 2.17 -8.42
HB1 DAL A 15 1.54 0.97 -7.70
HB2 DAL A 15 1.54 2.68 -8.14
HB3 DAL A 15 1.55 2.20 -6.43
N LEU A 16 -2.19 3.17 -6.42
CA LEU A 16 -2.81 4.16 -5.55
C LEU A 16 -2.34 4.00 -4.11
N LYS A 17 -2.52 2.81 -3.56
CA LYS A 17 -2.11 2.52 -2.18
C LYS A 17 -0.64 2.89 -1.97
N DAR A 18 0.20 2.56 -2.95
CA DAR A 18 1.62 2.86 -2.88
CB DAR A 18 2.25 2.13 -1.70
CG DAR A 18 3.77 2.12 -1.73
CD DAR A 18 4.35 1.54 -0.45
NE DAR A 18 5.69 1.00 -0.65
CZ DAR A 18 6.79 1.75 -0.68
NH1 DAR A 18 6.71 3.06 -0.53
NH2 DAR A 18 7.98 1.18 -0.87
C DAR A 18 1.86 4.36 -2.75
O DAR A 18 2.47 4.83 -1.78
H DAR A 18 -0.15 2.11 -3.75
HA DAR A 18 2.09 2.52 -3.79
HB2 DAR A 18 1.95 2.61 -0.78
HB3 DAR A 18 1.91 1.10 -1.69
HG2 DAR A 18 4.11 1.52 -2.56
HG3 DAR A 18 4.13 3.12 -1.85
HD2 DAR A 18 4.40 2.32 0.30
HD3 DAR A 18 3.70 0.74 -0.10
HE DAR A 18 5.78 0.03 -0.77
HH11 DAR A 18 5.82 3.48 -0.38
HH12 DAR A 18 7.54 3.63 -0.54
HH21 DAR A 18 8.05 0.19 -1.00
HH22 DAR A 18 8.80 1.75 -0.89
N LEU A 19 1.36 5.13 -3.72
CA LEU A 19 1.51 6.58 -3.70
C LEU A 19 1.05 7.16 -2.38
N LEU A 20 -0.23 6.95 -2.06
CA LEU A 20 -0.80 7.47 -0.82
C LEU A 20 0.02 7.00 0.39
N DAR A 21 0.55 5.78 0.30
CA DAR A 21 1.35 5.22 1.37
CB DAR A 21 0.53 5.16 2.66
CG DAR A 21 -0.87 4.61 2.46
CD DAR A 21 -1.55 4.31 3.79
NE DAR A 21 -1.65 5.50 4.63
CZ DAR A 21 -2.12 5.48 5.87
NH1 DAR A 21 -2.53 4.35 6.41
NH2 DAR A 21 -2.19 6.61 6.57
C DAR A 21 2.62 6.05 1.60
O DAR A 21 2.72 6.76 2.60
H DAR A 21 0.41 5.26 -0.53
HA DAR A 21 1.64 4.22 1.09
HB2 DAR A 21 1.04 4.51 3.37
HB3 DAR A 21 0.45 6.14 3.08
HG2 DAR A 21 -1.46 5.34 1.93
HG3 DAR A 21 -0.81 3.69 1.89
HD2 DAR A 21 -2.54 3.93 3.59
HD3 DAR A 21 -0.97 3.55 4.31
HE DAR A 21 -1.36 6.35 4.25
HH11 DAR A 21 -2.50 3.50 5.89
HH12 DAR A 21 -2.90 4.34 7.35
HH21 DAR A 21 -1.87 7.47 6.16
HH22 DAR A 21 -2.54 6.60 7.50
N ARG A 22 3.56 5.94 0.68
CA ARG A 22 4.81 6.69 0.78
C ARG A 22 4.56 8.17 1.00
N ARG A 23 3.60 8.71 0.24
CA ARG A 23 3.26 10.13 0.35
C ARG A 23 2.77 10.46 1.76
N DAR A 24 1.90 9.60 2.29
CA DAR A 24 1.35 9.81 3.62
CB DAR A 24 0.63 11.15 3.71
CG DAR A 24 -0.72 11.07 4.40
CD DAR A 24 -1.44 12.41 4.38
NE DAR A 24 -0.73 13.42 5.16
CZ DAR A 24 -0.66 13.42 6.48
NH1 DAR A 24 -1.26 12.45 7.18
NH2 DAR A 24 0.00 14.37 7.13
C DAR A 24 2.46 9.76 4.68
O DAR A 24 2.43 10.50 5.66
H DAR A 24 1.63 8.82 1.77
HA DAR A 24 0.65 9.02 3.82
HB2 DAR A 24 1.25 11.85 4.24
HB3 DAR A 24 0.47 11.53 2.70
HG2 DAR A 24 -1.34 10.34 3.89
HG3 DAR A 24 -0.57 10.78 5.42
HD2 DAR A 24 -1.52 12.76 3.36
HD3 DAR A 24 -2.43 12.28 4.79
HE DAR A 24 -0.29 14.15 4.67
HH11 DAR A 24 -1.76 11.73 6.69
HH12 DAR A 24 -1.21 12.44 8.18
HH21 DAR A 24 0.46 15.10 6.61
HH22 DAR A 24 0.05 14.36 8.13
N ARG A 25 3.44 8.88 4.47
CA ARG A 25 4.55 8.74 5.39
C ARG A 25 5.66 9.74 5.08
N PHE A 1 7.83 -6.76 6.94
CA PHE A 1 7.03 -5.93 6.05
C PHE A 1 5.68 -6.58 5.78
N LEU A 2 5.07 -7.14 6.82
CA LEU A 2 3.78 -7.78 6.70
C LEU A 2 2.69 -6.76 6.34
N DLY A 3 2.33 -5.94 7.32
CA DLY A 3 1.31 -4.92 7.11
C DLY A 3 -0.03 -5.56 6.76
O DLY A 3 -0.11 -6.76 6.52
CB DLY A 3 1.15 -4.06 8.36
CG DLY A 3 0.66 -4.83 9.57
CD DLY A 3 1.81 -5.22 10.49
CE DLY A 3 1.31 -5.51 11.91
NZ DLY A 3 0.87 -4.28 12.62
H DLY A 3 2.76 -6.01 8.19
HA DLY A 3 1.62 -4.29 6.30
HB2 DLY A 3 2.11 -3.63 8.61
HB3 DLY A 3 0.45 -3.26 8.17
HG2 DLY A 3 -0.03 -4.22 10.13
HG3 DLY A 3 0.17 -5.73 9.25
HD2 DLY A 3 2.29 -6.10 10.10
HD3 DLY A 3 2.51 -4.40 10.55
HE2 DLY A 3 0.48 -6.20 11.84
HE3 DLY A 3 2.11 -5.98 12.46
HZ1 DLY A 3 0.80 -3.49 11.95
HZ2 DLY A 3 -0.05 -4.43 13.06
N LYS A 4 -1.08 -4.74 6.72
CA LYS A 4 -2.42 -5.22 6.40
C LYS A 4 -2.59 -5.38 4.89
N LEU A 5 -2.10 -4.39 4.14
CA LEU A 5 -2.20 -4.41 2.69
C LEU A 5 -1.14 -3.51 2.06
N DLE A 6 -1.10 -2.25 2.50
CA DLE A 6 -0.13 -1.30 1.98
CB DLE A 6 -0.61 -0.73 0.64
CG DLE A 6 -0.57 -1.68 -0.55
CD1 DLE A 6 -0.20 -0.93 -1.82
CD2 DLE A 6 -1.91 -2.39 -0.72
C DLE A 6 1.24 -1.95 1.80
O DLE A 6 1.95 -1.66 0.84
H DLE A 6 -1.73 -1.98 3.20
HA DLE A 6 -0.05 -0.50 2.70
HB2 DLE A 6 -1.64 -0.41 0.77
HB3 DLE A 6 0.00 0.12 0.41
HG DLE A 6 0.19 -2.43 -0.37
HD11 DLE A 6 -0.86 -1.22 -2.62
HD12 DLE A 6 -0.28 0.13 -1.65
HD13 DLE A 6 0.83 -1.17 -2.09
HD21 DLE A 6 -2.50 -1.87 -1.45
HD22 DLE A 6 -1.73 -3.41 -1.05
HD23 DLE A 6 -2.42 -2.40 0.23
N LYS A 7 1.60 -2.82 2.74
CA LYS A 7 2.88 -3.51 2.68
C LYS A 7 2.70 -4.98 2.30
N ALA A 8 1.61 -5.58 2.76
CA ALA A 8 1.32 -6.97 2.47
C ALA A 8 1.38 -7.23 0.96
N DLE A 9 0.90 -6.28 0.18
CA DLE A 9 0.91 -6.41 -1.27
CB DLE A 9 0.74 -5.04 -1.92
CG DLE A 9 2.04 -4.26 -2.17
CD1 DLE A 9 2.93 -5.00 -3.16
CD2 DLE A 9 2.77 -4.01 -0.87
C DLE A 9 -0.21 -7.34 -1.74
O DLE A 9 0.01 -8.25 -2.54
H DLE A 9 0.54 -5.47 0.59
HA DLE A 9 1.85 -6.83 -1.56
HB2 DLE A 9 0.26 -5.18 -2.88
HB3 DLE A 9 0.12 -4.44 -1.28
HG DLE A 9 1.80 -3.30 -2.61
HD11 DLE A 9 3.73 -4.35 -3.47
HD12 DLE A 9 3.34 -5.88 -2.67
HD13 DLE A 9 2.35 -5.31 -4.02
HD21 DLE A 9 3.57 -4.73 -0.76
HD22 DLE A 9 3.19 -3.01 -0.86
HD23 DLE A 9 2.09 -4.11 -0.04
N PHE A 10 -1.42 -7.11 -1.22
CA PHE A 10 -2.57 -7.93 -1.59
C PHE A 10 -3.22 -7.43 -2.87
N SER A 11 -4.06 -8.26 -3.46
CA SER A 11 -4.74 -7.90 -4.70
C SER A 11 -5.55 -6.63 -4.53
N DAL A 12 -5.46 -5.73 -5.51
CA DAL A 12 -6.19 -4.46 -5.46
CB DAL A 12 -7.52 -4.60 -6.20
C DAL A 12 -5.35 -3.34 -6.06
O DAL A 12 -4.38 -3.56 -6.78
H DAL A 12 -4.89 -5.93 -6.29
HA DAL A 12 -6.39 -4.24 -4.43
HB1 DAL A 12 -8.29 -4.86 -5.50
HB2 DAL A 12 -7.75 -3.65 -6.66
HB3 DAL A 12 -7.43 -5.36 -6.96
N PRO A 13 -5.74 -2.09 -5.75
CA PRO A 13 -5.04 -0.90 -6.25
C PRO A 13 -3.67 -0.73 -5.62
N LYS A 14 -2.70 -1.51 -6.10
CA LYS A 14 -1.34 -1.45 -5.58
C LYS A 14 -0.72 -0.09 -5.87
N DAL A 15 -0.84 0.36 -7.11
CA DAL A 15 -0.29 1.64 -7.52
CB DAL A 15 1.24 1.61 -7.44
C DAL A 15 -0.84 2.78 -6.67
O DAL A 15 -0.09 3.47 -5.97
H DAL A 15 -1.32 -0.18 -7.77
HA DAL A 15 -0.56 1.82 -8.55
HB1 DAL A 15 1.61 2.62 -7.39
HB2 DAL A 15 1.53 1.06 -6.56
HB3 DAL A 15 1.63 1.12 -8.32
N LEU A 16 -2.16 2.96 -6.72
CA LEU A 16 -2.81 4.02 -5.95
C LEU A 16 -2.43 3.92 -4.48
N LYS A 17 -2.70 2.77 -3.88
CA LYS A 17 -2.39 2.55 -2.47
C LYS A 17 -0.93 2.90 -2.16
N DAR A 18 -0.03 2.49 -3.05
CA DAR A 18 1.39 2.77 -2.89
CB DAR A 18 1.89 2.17 -1.57
CG DAR A 18 3.33 1.70 -1.62
CD DAR A 18 3.51 0.54 -2.59
NE DAR A 18 4.83 -0.07 -2.49
CZ DAR A 18 5.93 0.48 -2.99
NH1 DAR A 18 5.87 1.63 -3.64
NH2 DAR A 18 7.10 -0.15 -2.86
C DAR A 18 1.66 4.26 -2.93
O DAR A 18 2.40 4.79 -2.10
H DAR A 18 -0.33 1.98 -3.84
HA DAR A 18 1.92 2.29 -3.70
HB2 DAR A 18 1.81 2.93 -0.80
HB3 DAR A 18 1.27 1.33 -1.29
HG2 DAR A 18 3.96 2.53 -1.94
HG3 DAR A 18 3.64 1.37 -0.64
HD2 DAR A 18 2.75 -0.20 -2.38
HD3 DAR A 18 3.37 0.93 -3.59
HE DAR A 18 4.89 -0.92 -2.02
HH11 DAR A 18 4.99 2.10 -3.75
HH12 DAR A 18 6.70 2.04 -4.02
HH21 DAR A 18 7.14 -1.01 -2.38
HH22 DAR A 18 7.93 0.27 -3.25
N LEU A 19 1.05 4.94 -3.90
CA LEU A 19 1.23 6.38 -4.04
C LEU A 19 0.80 7.12 -2.78
N LEU A 20 -0.48 7.00 -2.43
CA LEU A 20 -1.00 7.65 -1.24
C LEU A 20 -0.28 7.17 0.01
N DAR A 21 0.12 5.90 0.01
CA DAR A 21 0.84 5.33 1.14
CB DAR A 21 -0.06 5.34 2.39
CG DAR A 21 -1.37 4.59 2.20
CD DAR A 21 -2.18 4.55 3.49
NE DAR A 21 -2.64 5.89 3.88
CZ DAR A 21 -3.65 6.10 4.71
NH1 DAR A 21 -4.31 5.07 5.23
NH2 DAR A 21 -4.02 7.34 5.01
C DAR A 21 2.13 6.10 1.43
O DAR A 21 2.25 6.77 2.45
H DAR A 21 -0.06 5.35 -0.77
HA DAR A 21 1.08 4.31 0.89
HB2 DAR A 21 0.48 4.88 3.21
HB3 DAR A 21 -0.28 6.36 2.64
HG2 DAR A 21 -1.94 5.08 1.43
HG3 DAR A 21 -1.15 3.58 1.91
HD2 DAR A 21 -3.03 3.91 3.35
HD3 DAR A 21 -1.55 4.16 4.28
HE DAR A 21 -2.17 6.66 3.50
HH11 DAR A 21 -4.04 4.14 5.01
HH12 DAR A 21 -5.08 5.23 5.85
HH21 DAR A 21 -3.52 8.12 4.62
HH22 DAR A 21 -4.78 7.50 5.63
N ARG A 22 3.09 5.98 0.51
CA ARG A 22 4.36 6.66 0.67
C ARG A 22 4.18 8.17 0.76
N ARG A 23 3.42 8.73 -0.17
CA ARG A 23 3.16 10.15 -0.20
C ARG A 23 2.65 10.64 1.16
N DAR A 24 1.63 9.95 1.68
CA DAR A 24 1.05 10.31 2.97
CB DAR A 24 0.53 11.73 2.94
CG DAR A 24 -0.86 11.89 3.55
CD DAR A 24 -1.35 13.33 3.48
NE DAR A 24 -2.35 13.62 4.49
CZ DAR A 24 -2.08 13.78 5.78
NH1 DAR A 24 -0.83 13.68 6.21
NH2 DAR A 24 -3.05 14.05 6.64
C DAR A 24 2.08 10.14 4.08
O DAR A 24 2.10 10.94 5.04
H DAR A 24 1.27 9.18 1.18
HA DAR A 24 0.22 9.63 3.16
HB2 DAR A 24 1.21 12.37 3.49
HB3 DAR A 24 0.48 12.07 1.92
HG2 DAR A 24 -1.55 11.26 3.02
HG3 DAR A 24 -0.82 11.59 4.59
HD2 DAR A 24 -0.49 13.99 3.63
HD3 DAR A 24 -1.76 13.51 2.50
HE DAR A 24 -3.28 13.70 4.19
HH11 DAR A 24 -0.09 13.49 5.57
HH12 DAR A 24 -0.62 13.80 7.18
HH21 DAR A 24 -4.00 14.12 6.32
HH22 DAR A 24 -2.84 14.17 7.61
N ARG A 25 2.92 9.13 3.97
CA ARG A 25 3.95 8.87 4.97
C ARG A 25 5.32 9.32 4.47
N PHE A 1 6.65 -5.12 9.03
CA PHE A 1 7.02 -6.48 8.65
C PHE A 1 6.26 -6.91 7.40
N LEU A 2 4.94 -6.99 7.50
CA LEU A 2 4.10 -7.38 6.38
C LEU A 2 3.11 -6.28 6.01
N DLY A 3 2.44 -5.74 7.02
CA DLY A 3 1.47 -4.67 6.81
C DLY A 3 0.09 -5.25 6.53
O DLY A 3 -0.07 -6.46 6.37
CB DLY A 3 1.42 -3.75 8.04
CG DLY A 3 2.76 -3.15 8.41
CD DLY A 3 2.90 -2.96 9.91
CE DLY A 3 4.19 -2.25 10.26
NZ DLY A 3 4.21 -1.80 11.68
H DLY A 3 2.60 -6.07 7.94
HA DLY A 3 1.78 -4.10 5.95
HB2 DLY A 3 0.74 -2.94 7.83
HB3 DLY A 3 1.05 -4.31 8.89
HG2 DLY A 3 3.55 -3.81 8.07
HG3 DLY A 3 2.86 -2.19 7.92
HD2 DLY A 3 2.07 -2.38 10.26
HD3 DLY A 3 2.89 -3.93 10.38
HE2 DLY A 3 5.02 -2.93 10.10
HE3 DLY A 3 4.31 -1.39 9.62
HZ1 DLY A 3 3.43 -2.25 12.21
HZ2 DLY A 3 5.11 -2.06 12.13
N LYS A 4 -0.92 -4.37 6.49
CA LYS A 4 -2.29 -4.79 6.24
C LYS A 4 -2.53 -5.00 4.75
N LEU A 5 -2.03 -4.07 3.94
CA LEU A 5 -2.19 -4.15 2.49
C LEU A 5 -1.10 -3.35 1.78
N DLE A 6 -0.97 -2.08 2.16
CA DLE A 6 0.03 -1.20 1.56
CB DLE A 6 -0.47 -0.68 0.22
CG DLE A 6 -0.53 -1.68 -0.93
CD1 DLE A 6 -0.17 -1.02 -2.25
CD2 DLE A 6 -1.91 -2.33 -1.01
C DLE A 6 1.35 -1.94 1.36
O DLE A 6 2.04 -1.74 0.36
H DLE A 6 -1.56 -1.73 2.85
HA DLE A 6 0.18 -0.38 2.22
HB2 DLE A 6 -1.47 -0.29 0.36
HB3 DLE A 6 0.18 0.13 -0.09
HG DLE A 6 0.19 -2.47 -0.74
HD11 DLE A 6 0.86 -1.26 -2.50
HD12 DLE A 6 -0.82 -1.39 -3.03
HD13 DLE A 6 -0.28 0.05 -2.16
HD21 DLE A 6 -2.50 -1.80 -1.76
HD22 DLE A 6 -1.81 -3.36 -1.29
HD23 DLE A 6 -2.40 -2.25 -0.05
N LYS A 7 1.69 -2.78 2.33
CA LYS A 7 2.94 -3.55 2.27
C LYS A 7 2.66 -5.02 1.98
N ALA A 8 1.55 -5.53 2.50
CA ALA A 8 1.17 -6.91 2.30
C ALA A 8 1.19 -7.27 0.81
N DLE A 9 0.49 -6.47 0.01
CA DLE A 9 0.43 -6.70 -1.43
CB DLE A 9 0.20 -5.38 -2.17
CG DLE A 9 1.47 -4.61 -2.55
CD1 DLE A 9 2.34 -5.44 -3.48
CD2 DLE A 9 2.24 -4.21 -1.30
C DLE A 9 -0.70 -7.68 -1.77
O DLE A 9 -0.51 -8.61 -2.57
H DLE A 9 0.00 -5.71 0.40
HA DLE A 9 1.36 -7.13 -1.73
HB2 DLE A 9 -0.34 -5.60 -3.08
HB3 DLE A 9 -0.40 -4.75 -1.54
HG DLE A 9 1.19 -3.71 -3.07
HD11 DLE A 9 2.93 -4.79 -4.11
HD12 DLE A 9 3.00 -6.06 -2.89
HD13 DLE A 9 1.71 -6.07 -4.09
HD21 DLE A 9 3.08 -4.87 -1.17
HD22 DLE A 9 2.59 -3.19 -1.40
HD23 DLE A 9 1.60 -4.28 -0.43
N PHE A 10 -1.87 -7.47 -1.17
CA PHE A 10 -3.02 -8.34 -1.41
C PHE A 10 -3.46 -8.26 -2.86
N SER A 11 -4.11 -7.14 -3.21
CA SER A 11 -4.60 -6.95 -4.58
C SER A 11 -5.27 -5.59 -4.71
N DAL A 12 -5.73 -5.28 -5.92
CA DAL A 12 -6.39 -4.01 -6.19
CB DAL A 12 -7.59 -4.23 -7.11
C DAL A 12 -5.43 -3.01 -6.81
O DAL A 12 -4.36 -3.36 -7.32
H DAL A 12 -5.62 -5.92 -6.66
HA DAL A 12 -6.76 -3.62 -5.25
HB1 DAL A 12 -7.87 -5.27 -7.10
HB2 DAL A 12 -8.42 -3.62 -6.76
HB3 DAL A 12 -7.32 -3.93 -8.12
N PRO A 13 -5.80 -1.72 -6.77
CA PRO A 13 -4.98 -0.63 -7.31
C PRO A 13 -3.71 -0.40 -6.49
N LYS A 14 -2.71 -1.25 -6.70
CA LYS A 14 -1.45 -1.13 -5.98
C LYS A 14 -0.84 0.25 -6.19
N DAL A 15 -0.99 0.79 -7.39
CA DAL A 15 -0.45 2.10 -7.71
CB DAL A 15 1.06 2.08 -7.66
C DAL A 15 -1.00 3.17 -6.78
O DAL A 15 -0.24 3.96 -6.21
H DAL A 15 -1.49 0.29 -8.07
HA DAL A 15 -0.75 2.34 -8.73
HB1 DAL A 15 1.43 1.26 -8.27
HB2 DAL A 15 1.45 3.01 -8.04
HB3 DAL A 15 1.39 1.94 -6.64
N LEU A 16 -2.32 3.19 -6.62
CA LEU A 16 -2.97 4.17 -5.75
C LEU A 16 -2.61 3.93 -4.29
N LYS A 17 -2.83 2.71 -3.82
CA LYS A 17 -2.52 2.34 -2.44
C LYS A 17 -1.07 2.70 -2.10
N DAR A 18 -0.16 2.35 -2.99
CA DAR A 18 1.26 2.64 -2.79
CB DAR A 18 1.75 1.96 -1.51
CG DAR A 18 3.26 1.90 -1.40
CD DAR A 18 3.72 1.97 0.05
NE DAR A 18 4.88 1.12 0.30
CZ DAR A 18 5.69 1.27 1.34
NH1 DAR A 18 5.46 2.23 2.23
NH2 DAR A 18 6.72 0.45 1.50
C DAR A 18 1.50 4.14 -2.72
O DAR A 18 2.17 4.63 -1.81
H DAR A 18 -0.44 1.89 -3.82
HA DAR A 18 1.80 2.23 -3.63
HB2 DAR A 18 1.38 2.51 -0.66
HB3 DAR A 18 1.36 0.95 -1.47
HG2 DAR A 18 3.61 0.97 -1.83
HG3 DAR A 18 3.69 2.73 -1.94
HD2 DAR A 18 3.98 3.00 0.27
HD3 DAR A 18 2.91 1.66 0.68
HE DAR A 18 5.06 0.41 -0.34
HH11 DAR A 18 4.69 2.85 2.11
HH12 DAR A 18 6.08 2.34 3.01
HH21 DAR A 18 6.89 -0.28 0.84
HH22 DAR A 18 7.32 0.55 2.29
N LEU A 19 0.95 4.87 -3.68
CA LEU A 19 1.11 6.32 -3.73
C LEU A 19 0.69 6.95 -2.42
N LEU A 20 -0.60 6.84 -2.10
CA LEU A 20 -1.14 7.41 -0.86
C LEU A 20 -0.41 6.85 0.36
N DAR A 21 0.00 5.58 0.26
CA DAR A 21 0.72 4.93 1.36
CB DAR A 21 -0.19 4.80 2.58
CG DAR A 21 -1.44 3.97 2.33
CD DAR A 21 -1.11 2.49 2.21
NE DAR A 21 -0.84 1.89 3.52
CZ DAR A 21 -1.79 1.58 4.39
NH1 DAR A 21 -3.06 1.82 4.11
NH2 DAR A 21 -1.47 1.03 5.56
C DAR A 21 1.98 5.71 1.73
O DAR A 21 2.06 6.30 2.80
H DAR A 21 -0.18 5.08 -0.55
HA DAR A 21 1.00 3.94 1.03
HB2 DAR A 21 0.37 4.34 3.38
HB3 DAR A 21 -0.49 5.79 2.89
HG2 DAR A 21 -2.12 4.11 3.15
HG3 DAR A 21 -1.89 4.29 1.40
HD2 DAR A 21 -1.94 1.98 1.76
HD3 DAR A 21 -0.24 2.37 1.59
HE DAR A 21 0.09 1.70 3.74
HH11 DAR A 21 -3.31 2.23 3.23
HH12 DAR A 21 -3.77 1.60 4.77
HH21 DAR A 21 -0.51 0.86 5.78
HH22 DAR A 21 -2.18 0.81 6.23
N ARG A 22 2.95 5.70 0.83
CA ARG A 22 4.22 6.40 1.06
C ARG A 22 3.98 7.91 1.21
N ARG A 23 3.25 8.48 0.26
CA ARG A 23 2.96 9.91 0.28
C ARG A 23 2.37 10.32 1.62
N DAR A 24 1.16 9.84 1.90
CA DAR A 24 0.49 10.16 3.16
CB DAR A 24 0.07 11.63 3.18
CG DAR A 24 -1.32 11.87 3.76
CD DAR A 24 -1.75 13.32 3.60
NE DAR A 24 -0.72 14.24 4.05
CZ DAR A 24 -0.40 14.42 5.33
NH1 DAR A 24 -1.03 13.73 6.27
NH2 DAR A 24 0.55 15.29 5.66
C DAR A 24 1.39 9.86 4.35
O DAR A 24 1.43 10.61 5.32
H DAR A 24 0.70 9.27 1.25
HA DAR A 24 -0.40 9.55 3.23
HB2 DAR A 24 0.78 12.19 3.78
HB3 DAR A 24 0.09 12.02 2.17
HG2 DAR A 24 -2.02 11.24 3.23
HG3 DAR A 24 -1.31 11.61 4.80
HD2 DAR A 24 -1.97 13.51 2.55
HD3 DAR A 24 -2.65 13.48 4.18
HE DAR A 24 -0.25 14.76 3.37
HH11 DAR A 24 -1.75 13.08 6.03
HH12 DAR A 24 -0.79 13.88 7.23
HH21 DAR A 24 1.03 15.81 4.95
HH22 DAR A 24 0.78 15.42 6.62
N ARG A 25 2.11 8.75 4.28
CA ARG A 25 3.02 8.35 5.34
C ARG A 25 4.47 8.68 4.99
#